data_8GY3
#
_entry.id   8GY3
#
_cell.length_a   1.00
_cell.length_b   1.00
_cell.length_c   1.00
_cell.angle_alpha   90.00
_cell.angle_beta   90.00
_cell.angle_gamma   90.00
#
_symmetry.space_group_name_H-M   'P 1'
#
loop_
_entity.id
_entity.type
_entity.pdbx_description
1 polymer 'Cytochrome c subunit of aldehyde dehydrogenase'
2 polymer 'Small subunit of aldehyde dehydrogenase'
3 polymer 'Large subunit of aldehyde dehydrogenase'
4 non-polymer 'HEME C'
5 non-polymer UBIQUINONE-10
6 non-polymer 'FE2/S2 (INORGANIC) CLUSTER'
7 non-polymer '(MOLYBDOPTERIN-CYTOSINE DINUCLEOTIDE-S,S)-DIOXO-AQUA-MOLYBDENUM(V)'
#
loop_
_entity_poly.entity_id
_entity_poly.type
_entity_poly.pdbx_seq_one_letter_code
_entity_poly.pdbx_strand_id
1 'polypeptide(L)'
;MLKRIAAAVIGLGAVGGIGFLAYAWYPAIAPIPRPAASSFSADAISRGEIVANGGYCAECHTRVDGKPGPELAGDFKMAT
PFGDIFSSNITPDEEWGIGNWSLAAFKRAMNKGIARDGSQLYPAFPFDHFTKVSDQDVSDLYAYLMTRPAVHLKPRDNTV
PFPINIRLIGQGFWKLLFFTPGRYQNDPKHDAQWNRGAYLAEGNEHCGACHTPRNLLGAEKMSSVYDGAVIDGWIAPPLN
DHNPTPVVWTEDELFQYLRFGVAPLHGSAAGPMSPVPHRFLSKIPEEDVHAIAHYYADVDKAAQRSSGDQAAITRAMQMS
GRDLTGPQPLDEDARLYQGACGACHYNSGPNPVLGRPELALNNALWLDEPNNLYQVMLHGITAEEGQDHISMPSFYSGLS
DHDMARIAAYLRRTRTTLPPWTDLEKKAASARATLEAPPVNASH
;
A
2 'polypeptide(L)'
;MTTKFELNGQPVTVDAPADTPLLWVIRDDLNLTGTKFGCGIGECGACTVHVGGRATRSCITPLSAVEGASITTIEGLDPA
GNHVVQVAWRDQQVPQCGYCQSGQIMQAASLLKDYPNPTDDQIDGVMGGSLCRCMTYIRIRKAIKEAASRQQEGANNG
;
B
3 'polypeptide(L)'
;MAKIEQIAKKSDATRLSRRNFLMTAAGAGLMFGFARKAGAATTLPSAMPPEAAFEPNIWCAIAPDGSINVNIVRAEMGQH
VGTALARIIADEMDADWDKIKITQVDTAPKWAGKYVTGGSWSVWDTWDTFRQAGAAARSVMIEEGAKLLGTTPDRCTAHE
SVVSAGSKSISFGDIVARAKPTRTFTPEEMAKLPLKPTGNRRLISKQVPALDIPDKTTGKAIYGIDVKLDGMVYGRPKMP
PTRYAAKVISVDDSAAKKIPGYLRYVVLDDPSGIVPGWVVALAKTYPAAIRAADALKVQWNPGPTINVSEADIIEHGRKL
AADPKNGTRVFNDKGVDEALTIHPGQVFERSYTCASVAHYQLEPVNAVARHIDGMWEIHTGNQWQSLILPQLAKSLQVPE
EQVVMRTYMLGGGFGRRLNGDYCIPAALASKAIGGAPVKLILTRSDDMELDSIRSPSIQTIKVALDNDRKKIVGMDYVAV
AGWPTQVMAPAFLATGEDGKKYDPFAIAGADHWYETGPTRVRAISNDLANATFRPGWLRSVSAGWTPWALECFLDELAHS
TKQDPLAFRLSMFTAQGRNAGQAPNSVGGAKRQAAVLQRLADKIGYANKQLPADTGIGIATSFGQERGMPTWTAAAAQIH
VDRKTGVVTCQKLWLVLDAGTIVDPGGALAQTEGAALWGFSMALFEGTEIVNGTIKDRNLNTYTPLRIPDVPDIDIEFIQ
NTEKPTGLGEPGVTVVAPAIGNAIFNAVGIRLRHMPMRPADVRRELQQHTS
;
C
#
# COMPACT_ATOMS: atom_id res chain seq x y z
N ILE A 5 -28.86 -62.20 -40.29
CA ILE A 5 -28.82 -61.72 -41.67
C ILE A 5 -30.23 -61.69 -42.26
N ALA A 6 -30.54 -60.64 -43.01
CA ALA A 6 -31.84 -60.46 -43.65
C ALA A 6 -32.97 -60.49 -42.64
N ALA A 7 -33.69 -61.62 -42.58
CA ALA A 7 -34.86 -61.71 -41.70
C ALA A 7 -34.47 -61.60 -40.23
N ALA A 8 -33.37 -62.27 -39.84
CA ALA A 8 -33.00 -62.31 -38.43
C ALA A 8 -32.59 -60.93 -37.91
N VAL A 9 -31.73 -60.23 -38.65
CA VAL A 9 -31.27 -58.92 -38.20
C VAL A 9 -32.43 -57.92 -38.21
N ILE A 10 -33.28 -57.99 -39.23
CA ILE A 10 -34.45 -57.10 -39.29
C ILE A 10 -35.36 -57.36 -38.09
N GLY A 11 -35.61 -58.64 -37.77
CA GLY A 11 -36.47 -58.95 -36.65
C GLY A 11 -35.91 -58.47 -35.33
N LEU A 12 -34.62 -58.72 -35.08
CA LEU A 12 -34.03 -58.29 -33.82
C LEU A 12 -33.97 -56.77 -33.73
N GLY A 13 -33.67 -56.09 -34.84
CA GLY A 13 -33.68 -54.64 -34.83
C GLY A 13 -35.05 -54.07 -34.57
N ALA A 14 -36.09 -54.67 -35.17
CA ALA A 14 -37.45 -54.22 -34.92
C ALA A 14 -37.85 -54.45 -33.46
N VAL A 15 -37.45 -55.58 -32.89
CA VAL A 15 -37.75 -55.86 -31.49
C VAL A 15 -37.07 -54.83 -30.59
N GLY A 16 -35.80 -54.55 -30.85
CA GLY A 16 -35.09 -53.54 -30.07
C GLY A 16 -35.72 -52.17 -30.22
N GLY A 17 -36.12 -51.81 -31.45
CA GLY A 17 -36.73 -50.51 -31.67
C GLY A 17 -38.06 -50.36 -30.96
N ILE A 18 -38.90 -51.38 -31.02
CA ILE A 18 -40.20 -51.29 -30.36
C ILE A 18 -40.02 -51.28 -28.84
N GLY A 19 -39.05 -52.04 -28.33
CA GLY A 19 -38.77 -51.99 -26.90
C GLY A 19 -38.29 -50.63 -26.45
N PHE A 20 -37.37 -50.02 -27.22
CA PHE A 20 -36.88 -48.69 -26.88
C PHE A 20 -38.00 -47.66 -26.97
N LEU A 21 -38.86 -47.78 -27.98
CA LEU A 21 -39.98 -46.85 -28.10
C LEU A 21 -40.94 -46.99 -26.92
N ALA A 22 -41.25 -48.23 -26.52
CA ALA A 22 -42.14 -48.44 -25.39
C ALA A 22 -41.53 -47.90 -24.10
N TYR A 23 -40.22 -48.06 -23.93
CA TYR A 23 -39.57 -47.53 -22.73
C TYR A 23 -39.58 -46.01 -22.73
N ALA A 24 -39.14 -45.39 -23.85
CA ALA A 24 -38.95 -43.95 -23.88
C ALA A 24 -40.27 -43.19 -23.99
N TRP A 25 -41.19 -43.66 -24.82
CA TRP A 25 -42.43 -42.93 -25.04
C TRP A 25 -43.30 -42.95 -23.79
N TYR A 26 -43.87 -41.80 -23.46
CA TYR A 26 -44.76 -41.66 -22.33
C TYR A 26 -46.03 -40.95 -22.75
N PRO A 27 -47.19 -41.36 -22.23
CA PRO A 27 -48.43 -40.68 -22.60
C PRO A 27 -48.48 -39.28 -22.00
N ALA A 28 -49.22 -38.40 -22.67
CA ALA A 28 -49.39 -37.03 -22.22
C ALA A 28 -50.67 -36.92 -21.40
N ILE A 29 -50.51 -36.58 -20.11
CA ILE A 29 -51.68 -36.38 -19.27
C ILE A 29 -52.46 -35.19 -19.77
N ALA A 30 -53.79 -35.33 -19.81
CA ALA A 30 -54.64 -34.26 -20.29
C ALA A 30 -54.49 -33.04 -19.38
N PRO A 31 -54.29 -31.84 -19.93
CA PRO A 31 -54.16 -30.65 -19.09
C PRO A 31 -55.44 -30.38 -18.31
N ILE A 32 -55.27 -29.81 -17.12
CA ILE A 32 -56.38 -29.51 -16.23
C ILE A 32 -56.51 -28.00 -16.10
N PRO A 33 -57.69 -27.47 -15.75
CA PRO A 33 -57.81 -26.03 -15.51
C PRO A 33 -56.93 -25.61 -14.34
N ARG A 34 -56.52 -24.35 -14.36
CA ARG A 34 -55.60 -23.83 -13.35
C ARG A 34 -56.20 -23.97 -11.96
N PRO A 35 -55.51 -24.64 -11.03
CA PRO A 35 -56.05 -24.78 -9.67
C PRO A 35 -56.03 -23.44 -8.94
N ALA A 36 -57.12 -23.16 -8.24
CA ALA A 36 -57.18 -21.94 -7.44
C ALA A 36 -56.25 -22.03 -6.25
N ALA A 37 -55.58 -20.92 -5.92
CA ALA A 37 -54.64 -20.91 -4.82
C ALA A 37 -55.31 -21.18 -3.48
N SER A 38 -56.61 -20.87 -3.37
CA SER A 38 -57.32 -21.07 -2.12
C SER A 38 -57.53 -22.55 -1.81
N SER A 39 -57.46 -23.43 -2.82
CA SER A 39 -57.71 -24.85 -2.59
C SER A 39 -56.67 -25.47 -1.67
N PHE A 40 -55.39 -25.12 -1.88
CA PHE A 40 -54.33 -25.72 -1.09
C PHE A 40 -54.34 -25.20 0.35
N SER A 41 -54.06 -26.09 1.29
CA SER A 41 -54.06 -25.71 2.69
C SER A 41 -52.83 -24.88 3.04
N ALA A 42 -52.98 -24.04 4.06
CA ALA A 42 -51.89 -23.12 4.42
C ALA A 42 -50.65 -23.86 4.90
N ASP A 43 -50.83 -24.90 5.72
CA ASP A 43 -49.68 -25.65 6.21
C ASP A 43 -48.95 -26.35 5.07
N ALA A 44 -49.69 -26.86 4.09
CA ALA A 44 -49.07 -27.47 2.92
C ALA A 44 -48.22 -26.46 2.16
N ILE A 45 -48.67 -25.20 2.13
CA ILE A 45 -47.88 -24.16 1.47
C ILE A 45 -46.55 -23.97 2.17
N SER A 46 -46.55 -23.93 3.50
CA SER A 46 -45.30 -23.76 4.24
C SER A 46 -44.39 -24.96 4.08
N ARG A 47 -44.94 -26.18 4.13
CA ARG A 47 -44.13 -27.37 3.94
C ARG A 47 -43.51 -27.39 2.54
N GLY A 48 -44.28 -27.02 1.52
CA GLY A 48 -43.74 -26.93 0.18
C GLY A 48 -42.71 -25.83 0.05
N GLU A 49 -42.90 -24.72 0.75
CA GLU A 49 -41.87 -23.67 0.76
C GLU A 49 -40.56 -24.20 1.33
N ILE A 50 -40.64 -24.96 2.42
CA ILE A 50 -39.44 -25.58 2.98
C ILE A 50 -38.79 -26.53 1.98
N VAL A 51 -39.61 -27.36 1.34
CA VAL A 51 -39.09 -28.36 0.41
C VAL A 51 -38.41 -27.68 -0.78
N ALA A 52 -39.04 -26.64 -1.34
CA ALA A 52 -38.48 -25.96 -2.49
C ALA A 52 -37.25 -25.17 -2.13
N ASN A 53 -37.22 -24.59 -0.93
CA ASN A 53 -36.00 -23.92 -0.47
C ASN A 53 -34.86 -24.91 -0.32
N GLY A 54 -35.18 -26.13 0.14
CA GLY A 54 -34.15 -27.16 0.23
C GLY A 54 -33.57 -27.53 -1.12
N GLY A 55 -34.42 -27.63 -2.14
CA GLY A 55 -33.98 -28.07 -3.45
C GLY A 55 -33.36 -27.00 -4.33
N TYR A 56 -33.21 -25.79 -3.84
CA TYR A 56 -32.70 -24.65 -4.62
C TYR A 56 -33.49 -24.48 -5.92
N CYS A 57 -34.82 -24.56 -5.79
CA CYS A 57 -35.67 -24.44 -6.97
C CYS A 57 -35.52 -23.09 -7.63
N ALA A 58 -35.43 -22.02 -6.85
CA ALA A 58 -35.32 -20.68 -7.39
C ALA A 58 -33.90 -20.29 -7.78
N GLU A 59 -32.91 -21.17 -7.56
CA GLU A 59 -31.54 -20.82 -7.91
C GLU A 59 -31.32 -20.89 -9.42
N CYS A 60 -31.59 -22.06 -10.01
CA CYS A 60 -31.38 -22.25 -11.44
C CYS A 60 -32.70 -22.20 -12.22
N HIS A 61 -33.73 -21.58 -11.66
CA HIS A 61 -34.96 -21.30 -12.38
C HIS A 61 -35.25 -19.80 -12.40
N THR A 62 -34.20 -18.99 -12.25
CA THR A 62 -34.30 -17.53 -12.34
C THR A 62 -33.21 -17.04 -13.28
N ARG A 63 -33.58 -16.18 -14.22
CA ARG A 63 -32.62 -15.66 -15.19
C ARG A 63 -31.63 -14.73 -14.50
N VAL A 64 -30.34 -15.05 -14.61
CA VAL A 64 -29.27 -14.28 -14.00
C VAL A 64 -28.52 -13.45 -15.04
N ASP A 65 -28.24 -14.03 -16.21
CA ASP A 65 -27.53 -13.31 -17.25
C ASP A 65 -28.36 -12.15 -17.76
N GLY A 66 -27.67 -11.11 -18.24
CA GLY A 66 -28.37 -9.92 -18.68
C GLY A 66 -29.11 -9.27 -17.54
N LYS A 67 -30.41 -9.04 -17.73
CA LYS A 67 -31.17 -8.46 -16.65
C LYS A 67 -31.66 -9.54 -15.68
N PRO A 68 -31.84 -9.22 -14.41
CA PRO A 68 -32.41 -10.20 -13.47
C PRO A 68 -33.84 -10.55 -13.85
N GLY A 69 -34.16 -11.84 -13.78
CA GLY A 69 -35.47 -12.32 -14.15
C GLY A 69 -36.39 -12.50 -12.96
N PRO A 70 -37.67 -12.76 -13.22
CA PRO A 70 -38.61 -12.99 -12.13
C PRO A 70 -38.31 -14.30 -11.41
N GLU A 71 -38.75 -14.36 -10.15
CA GLU A 71 -38.51 -15.55 -9.34
C GLU A 71 -39.27 -16.74 -9.91
N LEU A 72 -38.58 -17.87 -10.02
CA LEU A 72 -39.12 -19.14 -10.49
C LEU A 72 -39.64 -19.09 -11.91
N ALA A 73 -39.32 -18.03 -12.66
CA ALA A 73 -39.85 -17.86 -14.01
C ALA A 73 -39.04 -18.61 -15.07
N GLY A 74 -37.95 -19.26 -14.69
CA GLY A 74 -37.15 -19.98 -15.65
C GLY A 74 -36.19 -19.08 -16.41
N ASP A 75 -35.86 -19.51 -17.63
CA ASP A 75 -34.96 -18.80 -18.54
C ASP A 75 -33.55 -18.67 -17.98
N PHE A 76 -33.19 -19.49 -16.98
CA PHE A 76 -31.84 -19.52 -16.47
C PHE A 76 -30.94 -20.29 -17.43
N LYS A 77 -29.79 -19.73 -17.74
CA LYS A 77 -28.89 -20.34 -18.72
C LYS A 77 -27.92 -21.29 -18.03
N MET A 78 -27.80 -22.49 -18.58
CA MET A 78 -26.84 -23.49 -18.12
C MET A 78 -25.91 -23.81 -19.27
N ALA A 79 -24.62 -23.55 -19.06
CA ALA A 79 -23.60 -23.76 -20.09
C ALA A 79 -23.11 -25.21 -20.03
N THR A 80 -24.00 -26.10 -20.43
CA THR A 80 -23.68 -27.51 -20.52
C THR A 80 -22.60 -27.73 -21.57
N PRO A 81 -21.69 -28.69 -21.36
CA PRO A 81 -20.67 -28.97 -22.39
C PRO A 81 -21.26 -29.34 -23.73
N PHE A 82 -22.49 -29.86 -23.78
CA PHE A 82 -23.15 -30.17 -25.04
C PHE A 82 -23.88 -28.99 -25.64
N GLY A 83 -24.04 -27.90 -24.90
CA GLY A 83 -24.74 -26.74 -25.42
C GLY A 83 -25.33 -25.92 -24.28
N ASP A 84 -26.24 -25.02 -24.63
CA ASP A 84 -26.89 -24.15 -23.66
C ASP A 84 -28.30 -24.66 -23.39
N ILE A 85 -28.64 -24.85 -22.12
CA ILE A 85 -29.95 -25.34 -21.72
C ILE A 85 -30.60 -24.28 -20.83
N PHE A 86 -31.83 -23.90 -21.14
CA PHE A 86 -32.52 -22.83 -20.44
C PHE A 86 -33.68 -23.41 -19.64
N SER A 87 -33.69 -23.12 -18.34
CA SER A 87 -34.67 -23.72 -17.44
C SER A 87 -36.08 -23.29 -17.80
N SER A 88 -37.01 -24.24 -17.74
CA SER A 88 -38.40 -23.96 -18.06
C SER A 88 -39.06 -23.15 -16.95
N ASN A 89 -40.16 -22.49 -17.30
CA ASN A 89 -40.91 -21.68 -16.36
C ASN A 89 -41.78 -22.59 -15.50
N ILE A 90 -41.58 -22.53 -14.18
CA ILE A 90 -42.32 -23.37 -13.24
C ILE A 90 -43.35 -22.56 -12.46
N THR A 91 -43.52 -21.29 -12.77
CA THR A 91 -44.63 -20.54 -12.21
C THR A 91 -45.95 -21.07 -12.77
N PRO A 92 -47.04 -20.96 -12.02
CA PRO A 92 -48.32 -21.50 -12.51
C PRO A 92 -48.90 -20.70 -13.66
N ASP A 93 -48.11 -20.52 -14.72
CA ASP A 93 -48.59 -19.84 -15.92
C ASP A 93 -49.44 -20.79 -16.76
N GLU A 94 -50.48 -20.24 -17.37
CA GLU A 94 -51.42 -21.06 -18.12
C GLU A 94 -50.73 -21.74 -19.31
N GLU A 95 -50.04 -20.95 -20.14
CA GLU A 95 -49.43 -21.48 -21.36
C GLU A 95 -47.97 -21.87 -21.16
N TRP A 96 -47.13 -20.91 -20.81
CA TRP A 96 -45.69 -21.15 -20.66
C TRP A 96 -45.35 -21.37 -19.18
N GLY A 97 -45.83 -22.50 -18.66
CA GLY A 97 -45.60 -22.80 -17.27
C GLY A 97 -46.32 -24.08 -16.87
N ILE A 98 -46.34 -24.31 -15.57
CA ILE A 98 -46.95 -25.52 -15.01
C ILE A 98 -48.38 -25.25 -14.52
N GLY A 99 -48.98 -24.13 -14.94
CA GLY A 99 -50.33 -23.81 -14.49
C GLY A 99 -51.34 -24.85 -14.91
N ASN A 100 -51.24 -25.34 -16.15
CA ASN A 100 -52.14 -26.37 -16.63
C ASN A 100 -51.77 -27.76 -16.13
N TRP A 101 -50.59 -27.93 -15.53
CA TRP A 101 -50.17 -29.22 -15.03
C TRP A 101 -51.04 -29.66 -13.86
N SER A 102 -51.29 -30.96 -13.78
CA SER A 102 -51.98 -31.55 -12.65
C SER A 102 -50.95 -32.08 -11.66
N LEU A 103 -51.44 -32.55 -10.51
CA LEU A 103 -50.54 -33.14 -9.52
C LEU A 103 -49.86 -34.37 -10.06
N ALA A 104 -50.59 -35.20 -10.81
CA ALA A 104 -50.02 -36.41 -11.36
C ALA A 104 -48.90 -36.09 -12.36
N ALA A 105 -49.11 -35.08 -13.20
CA ALA A 105 -48.08 -34.73 -14.19
C ALA A 105 -46.82 -34.20 -13.51
N PHE A 106 -46.98 -33.34 -12.50
CA PHE A 106 -45.83 -32.81 -11.80
C PHE A 106 -45.10 -33.91 -11.04
N LYS A 107 -45.84 -34.83 -10.42
CA LYS A 107 -45.23 -35.96 -9.74
C LYS A 107 -44.46 -36.84 -10.71
N ARG A 108 -45.02 -37.07 -11.90
CA ARG A 108 -44.33 -37.84 -12.92
C ARG A 108 -43.05 -37.15 -13.35
N ALA A 109 -43.10 -35.82 -13.52
CA ALA A 109 -41.91 -35.08 -13.89
C ALA A 109 -40.84 -35.18 -12.80
N MET A 110 -41.26 -35.15 -11.53
CA MET A 110 -40.29 -35.23 -10.44
C MET A 110 -39.67 -36.62 -10.34
N ASN A 111 -40.48 -37.68 -10.47
CA ASN A 111 -39.96 -39.03 -10.27
C ASN A 111 -39.27 -39.60 -11.51
N LYS A 112 -39.58 -39.11 -12.71
CA LYS A 112 -39.04 -39.68 -13.93
C LYS A 112 -38.41 -38.69 -14.88
N GLY A 113 -38.66 -37.40 -14.74
CA GLY A 113 -38.13 -36.43 -15.69
C GLY A 113 -38.89 -36.36 -17.00
N ILE A 114 -40.18 -36.66 -16.99
CA ILE A 114 -41.03 -36.59 -18.17
C ILE A 114 -42.02 -35.44 -17.99
N ALA A 115 -42.07 -34.55 -18.96
CA ALA A 115 -42.91 -33.36 -18.85
C ALA A 115 -44.39 -33.74 -19.00
N ARG A 116 -45.25 -32.72 -18.93
CA ARG A 116 -46.68 -32.95 -19.04
C ARG A 116 -47.05 -33.50 -20.41
N ASP A 117 -46.46 -32.95 -21.47
CA ASP A 117 -46.78 -33.37 -22.83
C ASP A 117 -46.13 -34.69 -23.22
N GLY A 118 -45.40 -35.33 -22.32
CA GLY A 118 -44.74 -36.58 -22.59
C GLY A 118 -43.29 -36.47 -23.01
N SER A 119 -42.82 -35.27 -23.30
CA SER A 119 -41.43 -35.08 -23.67
C SER A 119 -40.51 -35.36 -22.48
N GLN A 120 -39.29 -35.79 -22.77
CA GLN A 120 -38.32 -36.13 -21.75
C GLN A 120 -37.43 -34.94 -21.45
N LEU A 121 -37.17 -34.70 -20.16
CA LEU A 121 -36.37 -33.57 -19.73
C LEU A 121 -34.89 -33.94 -19.70
N TYR A 122 -34.04 -32.94 -19.87
CA TYR A 122 -32.61 -33.15 -19.87
C TYR A 122 -32.12 -33.46 -18.46
N PRO A 123 -31.01 -34.20 -18.34
CA PRO A 123 -30.42 -34.43 -17.01
C PRO A 123 -29.86 -33.19 -16.35
N ALA A 124 -29.85 -32.03 -17.04
CA ALA A 124 -29.53 -30.79 -16.36
C ALA A 124 -30.50 -30.53 -15.22
N PHE A 125 -31.77 -30.85 -15.43
CA PHE A 125 -32.74 -30.94 -14.35
C PHE A 125 -32.46 -32.22 -13.58
N PRO A 126 -31.92 -32.15 -12.36
CA PRO A 126 -31.44 -33.37 -11.70
C PRO A 126 -32.56 -34.28 -11.22
N PHE A 127 -33.25 -34.94 -12.15
CA PHE A 127 -34.29 -35.88 -11.76
C PHE A 127 -33.73 -37.12 -11.10
N ASP A 128 -32.47 -37.47 -11.37
CA ASP A 128 -31.86 -38.64 -10.73
C ASP A 128 -31.77 -38.48 -9.22
N HIS A 129 -31.75 -37.23 -8.73
CA HIS A 129 -31.78 -36.98 -7.30
C HIS A 129 -33.19 -36.73 -6.79
N PHE A 130 -34.01 -36.01 -7.56
CA PHE A 130 -35.37 -35.69 -7.13
C PHE A 130 -36.31 -36.89 -7.19
N THR A 131 -35.90 -37.98 -7.83
CA THR A 131 -36.75 -39.16 -7.87
C THR A 131 -36.92 -39.82 -6.51
N LYS A 132 -36.05 -39.49 -5.55
CA LYS A 132 -36.15 -40.03 -4.20
C LYS A 132 -37.06 -39.24 -3.29
N VAL A 133 -37.57 -38.10 -3.76
CA VAL A 133 -38.46 -37.28 -2.93
C VAL A 133 -39.78 -38.00 -2.76
N SER A 134 -40.26 -38.08 -1.52
CA SER A 134 -41.46 -38.84 -1.20
C SER A 134 -42.71 -38.15 -1.76
N ASP A 135 -43.82 -38.87 -1.71
CA ASP A 135 -45.07 -38.35 -2.26
C ASP A 135 -45.56 -37.15 -1.47
N GLN A 136 -45.42 -37.18 -0.14
CA GLN A 136 -45.88 -36.06 0.68
C GLN A 136 -45.14 -34.78 0.34
N ASP A 137 -43.80 -34.87 0.22
CA ASP A 137 -43.02 -33.69 -0.13
C ASP A 137 -43.36 -33.21 -1.54
N VAL A 138 -43.60 -34.15 -2.47
CA VAL A 138 -43.96 -33.78 -3.83
C VAL A 138 -45.27 -32.99 -3.83
N SER A 139 -46.26 -33.49 -3.11
CA SER A 139 -47.55 -32.78 -3.04
C SER A 139 -47.39 -31.42 -2.37
N ASP A 140 -46.60 -31.36 -1.29
CA ASP A 140 -46.41 -30.10 -0.59
C ASP A 140 -45.77 -29.05 -1.49
N LEU A 141 -44.70 -29.42 -2.19
CA LEU A 141 -44.02 -28.45 -3.03
C LEU A 141 -44.79 -28.15 -4.30
N TYR A 142 -45.62 -29.08 -4.79
CA TYR A 142 -46.56 -28.75 -5.85
C TYR A 142 -47.55 -27.69 -5.40
N ALA A 143 -48.08 -27.84 -4.18
CA ALA A 143 -48.99 -26.82 -3.64
C ALA A 143 -48.29 -25.49 -3.48
N TYR A 144 -47.04 -25.51 -3.03
CA TYR A 144 -46.28 -24.26 -2.90
C TYR A 144 -46.07 -23.60 -4.26
N LEU A 145 -45.70 -24.38 -5.27
CA LEU A 145 -45.45 -23.81 -6.59
C LEU A 145 -46.72 -23.23 -7.20
N MET A 146 -47.85 -23.92 -7.03
CA MET A 146 -49.09 -23.47 -7.67
C MET A 146 -49.63 -22.18 -7.09
N THR A 147 -49.16 -21.75 -5.92
CA THR A 147 -49.62 -20.50 -5.32
C THR A 147 -48.64 -19.35 -5.53
N ARG A 148 -47.53 -19.58 -6.23
CA ARG A 148 -46.61 -18.51 -6.54
C ARG A 148 -47.20 -17.61 -7.62
N PRO A 149 -46.78 -16.34 -7.67
CA PRO A 149 -47.29 -15.44 -8.72
C PRO A 149 -46.95 -15.98 -10.11
N ALA A 150 -47.89 -15.82 -11.03
CA ALA A 150 -47.72 -16.31 -12.39
C ALA A 150 -46.92 -15.32 -13.22
N VAL A 151 -46.02 -15.85 -14.05
CA VAL A 151 -45.18 -15.05 -14.94
C VAL A 151 -45.39 -15.54 -16.37
N HIS A 152 -45.64 -14.62 -17.29
CA HIS A 152 -45.90 -14.94 -18.69
C HIS A 152 -44.65 -14.84 -19.55
N LEU A 153 -43.48 -15.11 -18.96
CA LEU A 153 -42.23 -15.06 -19.70
C LEU A 153 -41.92 -16.44 -20.30
N LYS A 154 -41.49 -16.44 -21.55
CA LYS A 154 -41.11 -17.67 -22.23
C LYS A 154 -39.60 -17.86 -22.17
N PRO A 155 -39.13 -19.02 -21.71
CA PRO A 155 -37.68 -19.27 -21.73
C PRO A 155 -37.16 -19.30 -23.16
N ARG A 156 -35.90 -18.89 -23.31
CA ARG A 156 -35.28 -18.84 -24.62
C ARG A 156 -35.04 -20.26 -25.16
N ASP A 157 -34.79 -20.33 -26.46
CA ASP A 157 -34.63 -21.62 -27.12
C ASP A 157 -33.24 -22.18 -26.89
N ASN A 158 -33.18 -23.49 -26.65
CA ASN A 158 -31.91 -24.15 -26.41
C ASN A 158 -31.06 -24.20 -27.67
N THR A 159 -29.74 -24.28 -27.48
CA THR A 159 -28.79 -24.34 -28.58
C THR A 159 -28.13 -25.71 -28.70
N VAL A 160 -28.75 -26.74 -28.15
CA VAL A 160 -28.21 -28.10 -28.17
C VAL A 160 -28.36 -28.69 -29.57
N PRO A 161 -27.33 -29.34 -30.11
CA PRO A 161 -27.39 -29.81 -31.52
C PRO A 161 -27.83 -31.26 -31.73
N PHE A 162 -28.00 -31.61 -32.99
CA PHE A 162 -28.25 -32.99 -33.40
C PHE A 162 -27.05 -33.86 -33.07
N PRO A 163 -27.25 -35.09 -32.55
CA PRO A 163 -28.48 -35.79 -32.24
C PRO A 163 -28.80 -35.80 -30.76
N ILE A 164 -28.55 -34.70 -30.07
CA ILE A 164 -28.89 -34.57 -28.66
C ILE A 164 -30.13 -33.71 -28.46
N ASN A 165 -30.40 -32.75 -29.35
CA ASN A 165 -31.62 -31.95 -29.26
C ASN A 165 -32.87 -32.78 -29.45
N ILE A 166 -32.77 -33.94 -30.10
CA ILE A 166 -33.92 -34.84 -30.22
C ILE A 166 -34.20 -35.42 -28.85
N ARG A 167 -35.27 -34.94 -28.22
CA ARG A 167 -35.53 -35.28 -26.83
C ARG A 167 -35.82 -36.77 -26.67
N LEU A 168 -36.67 -37.33 -27.54
CA LEU A 168 -37.15 -38.69 -27.37
C LEU A 168 -35.99 -39.68 -27.33
N ILE A 169 -35.30 -39.83 -28.46
CA ILE A 169 -34.29 -40.89 -28.56
C ILE A 169 -33.14 -40.63 -27.60
N GLY A 170 -32.60 -39.42 -27.61
CA GLY A 170 -31.42 -39.13 -26.80
C GLY A 170 -31.69 -39.25 -25.31
N GLN A 171 -32.78 -38.64 -24.86
CA GLN A 171 -33.08 -38.67 -23.43
C GLN A 171 -33.55 -40.04 -22.98
N GLY A 172 -34.26 -40.78 -23.83
CA GLY A 172 -34.60 -42.14 -23.48
C GLY A 172 -33.37 -43.02 -23.33
N PHE A 173 -32.41 -42.88 -24.24
CA PHE A 173 -31.17 -43.64 -24.12
C PHE A 173 -30.40 -43.25 -22.87
N TRP A 174 -30.32 -41.94 -22.58
CA TRP A 174 -29.61 -41.50 -21.39
C TRP A 174 -30.26 -42.04 -20.12
N LYS A 175 -31.60 -42.01 -20.05
CA LYS A 175 -32.30 -42.54 -18.89
C LYS A 175 -32.12 -44.04 -18.79
N LEU A 176 -32.11 -44.74 -19.92
CA LEU A 176 -31.91 -46.19 -19.90
C LEU A 176 -30.51 -46.53 -19.37
N LEU A 177 -29.51 -45.75 -19.77
CA LEU A 177 -28.14 -46.07 -19.38
C LEU A 177 -27.88 -45.79 -17.91
N PHE A 178 -28.45 -44.72 -17.37
CA PHE A 178 -28.04 -44.30 -16.04
C PHE A 178 -29.19 -44.11 -15.05
N PHE A 179 -30.34 -43.61 -15.51
CA PHE A 179 -31.41 -43.26 -14.58
C PHE A 179 -32.01 -44.50 -13.94
N THR A 180 -32.30 -44.41 -12.64
CA THR A 180 -32.93 -45.48 -11.89
C THR A 180 -34.02 -44.89 -11.02
N PRO A 181 -35.27 -44.88 -11.48
CA PRO A 181 -36.35 -44.27 -10.70
C PRO A 181 -36.64 -45.05 -9.43
N GLY A 182 -37.16 -44.34 -8.43
CA GLY A 182 -37.52 -44.96 -7.17
C GLY A 182 -37.25 -44.07 -5.98
N ARG A 183 -38.17 -44.07 -5.01
CA ARG A 183 -38.00 -43.24 -3.82
C ARG A 183 -36.86 -43.79 -2.95
N TYR A 184 -36.35 -42.92 -2.10
CA TYR A 184 -35.29 -43.32 -1.17
C TYR A 184 -35.81 -44.41 -0.24
N GLN A 185 -35.00 -45.45 -0.04
CA GLN A 185 -35.36 -46.58 0.79
C GLN A 185 -34.67 -46.45 2.15
N ASN A 186 -35.46 -46.54 3.22
CA ASN A 186 -34.93 -46.39 4.57
C ASN A 186 -33.92 -47.50 4.85
N ASP A 187 -32.79 -47.12 5.44
CA ASP A 187 -31.75 -48.08 5.79
C ASP A 187 -31.87 -48.43 7.26
N PRO A 188 -32.21 -49.67 7.62
CA PRO A 188 -32.33 -50.02 9.04
C PRO A 188 -31.01 -50.08 9.79
N LYS A 189 -29.88 -50.02 9.07
CA LYS A 189 -28.58 -50.14 9.73
C LYS A 189 -28.18 -48.87 10.48
N HIS A 190 -28.84 -47.75 10.22
CA HIS A 190 -28.48 -46.48 10.81
C HIS A 190 -29.70 -45.86 11.49
N ASP A 191 -29.42 -44.89 12.37
CA ASP A 191 -30.48 -44.26 13.16
C ASP A 191 -31.36 -43.38 12.28
N ALA A 192 -32.39 -42.81 12.90
CA ALA A 192 -33.33 -41.96 12.17
C ALA A 192 -32.65 -40.70 11.65
N GLN A 193 -31.74 -40.11 12.43
CA GLN A 193 -31.05 -38.90 11.99
C GLN A 193 -30.21 -39.16 10.77
N TRP A 194 -29.47 -40.27 10.74
CA TRP A 194 -28.67 -40.59 9.57
C TRP A 194 -29.54 -40.85 8.35
N ASN A 195 -30.67 -41.55 8.55
CA ASN A 195 -31.57 -41.82 7.43
C ASN A 195 -32.13 -40.52 6.86
N ARG A 196 -32.52 -39.59 7.74
CA ARG A 196 -33.03 -38.30 7.27
C ARG A 196 -31.94 -37.53 6.53
N GLY A 197 -30.72 -37.55 7.06
CA GLY A 197 -29.62 -36.85 6.38
C GLY A 197 -29.33 -37.44 5.02
N ALA A 198 -29.35 -38.77 4.90
CA ALA A 198 -29.13 -39.41 3.61
C ALA A 198 -30.27 -39.12 2.65
N TYR A 199 -31.50 -39.11 3.15
CA TYR A 199 -32.65 -38.80 2.31
C TYR A 199 -32.57 -37.39 1.75
N LEU A 200 -32.17 -36.43 2.59
CA LEU A 200 -32.05 -35.06 2.11
C LEU A 200 -30.86 -34.90 1.16
N ALA A 201 -29.68 -35.39 1.57
CA ALA A 201 -28.47 -35.12 0.81
C ALA A 201 -28.51 -35.77 -0.57
N GLU A 202 -29.03 -36.99 -0.68
CA GLU A 202 -29.16 -37.65 -1.96
C GLU A 202 -30.49 -37.39 -2.64
N GLY A 203 -31.39 -36.66 -1.99
CA GLY A 203 -32.69 -36.37 -2.57
C GLY A 203 -32.90 -34.90 -2.90
N ASN A 204 -33.62 -34.20 -2.04
CA ASN A 204 -34.01 -32.83 -2.33
C ASN A 204 -32.80 -31.92 -2.48
N GLU A 205 -31.85 -32.00 -1.55
CA GLU A 205 -30.70 -31.11 -1.58
C GLU A 205 -29.69 -31.45 -2.66
N HIS A 206 -29.71 -32.68 -3.17
CA HIS A 206 -28.84 -33.17 -4.24
C HIS A 206 -27.43 -32.62 -4.12
N CYS A 207 -26.79 -32.93 -2.98
CA CYS A 207 -25.43 -32.47 -2.75
C CYS A 207 -24.45 -33.04 -3.77
N GLY A 208 -24.74 -34.24 -4.28
CA GLY A 208 -23.88 -34.86 -5.27
C GLY A 208 -24.05 -34.39 -6.69
N ALA A 209 -24.95 -33.43 -6.92
CA ALA A 209 -25.16 -32.91 -8.27
C ALA A 209 -23.89 -32.27 -8.81
N CYS A 210 -23.19 -31.50 -7.98
CA CYS A 210 -21.94 -30.88 -8.38
C CYS A 210 -20.78 -31.24 -7.48
N HIS A 211 -20.96 -32.19 -6.56
CA HIS A 211 -19.87 -32.71 -5.74
C HIS A 211 -19.40 -34.09 -6.16
N THR A 212 -20.00 -34.66 -7.21
CA THR A 212 -19.62 -35.95 -7.74
C THR A 212 -19.18 -35.79 -9.18
N PRO A 213 -18.02 -36.31 -9.56
CA PRO A 213 -17.56 -36.17 -10.95
C PRO A 213 -18.48 -36.86 -11.93
N ARG A 214 -18.57 -36.30 -13.13
CA ARG A 214 -19.43 -36.83 -14.18
C ARG A 214 -18.59 -37.32 -15.35
N ASN A 215 -19.09 -38.35 -16.03
CA ASN A 215 -18.40 -38.93 -17.18
C ASN A 215 -18.67 -38.07 -18.42
N LEU A 216 -18.29 -38.59 -19.59
CA LEU A 216 -18.46 -37.83 -20.82
C LEU A 216 -19.91 -37.60 -21.18
N LEU A 217 -20.83 -38.41 -20.64
CA LEU A 217 -22.25 -38.29 -20.94
C LEU A 217 -23.02 -37.52 -19.88
N GLY A 218 -22.34 -36.82 -18.98
CA GLY A 218 -23.00 -36.02 -17.98
C GLY A 218 -23.58 -36.79 -16.82
N ALA A 219 -23.37 -38.10 -16.76
CA ALA A 219 -23.90 -38.92 -15.67
C ALA A 219 -22.89 -38.98 -14.53
N GLU A 220 -23.40 -38.87 -13.30
CA GLU A 220 -22.54 -38.95 -12.14
C GLU A 220 -21.88 -40.32 -12.06
N LYS A 221 -20.58 -40.33 -11.82
CA LYS A 221 -19.85 -41.59 -11.65
C LYS A 221 -20.22 -42.19 -10.31
N MET A 222 -21.09 -43.20 -10.32
CA MET A 222 -21.54 -43.81 -9.08
C MET A 222 -20.41 -44.52 -8.33
N SER A 223 -19.31 -44.82 -9.00
CA SER A 223 -18.13 -45.40 -8.35
C SER A 223 -17.22 -44.35 -7.73
N SER A 224 -17.54 -43.07 -7.91
CA SER A 224 -16.75 -41.97 -7.36
C SER A 224 -17.67 -40.93 -6.73
N VAL A 225 -18.62 -41.40 -5.90
CA VAL A 225 -19.58 -40.51 -5.28
C VAL A 225 -18.87 -39.59 -4.29
N TYR A 226 -19.24 -38.31 -4.32
CA TYR A 226 -18.71 -37.30 -3.40
C TYR A 226 -17.19 -37.22 -3.48
N ASP A 227 -16.65 -37.39 -4.68
CA ASP A 227 -15.21 -37.34 -4.89
C ASP A 227 -14.73 -35.98 -5.40
N GLY A 228 -15.60 -34.99 -5.41
CA GLY A 228 -15.22 -33.67 -5.89
C GLY A 228 -15.26 -33.56 -7.39
N ALA A 229 -15.67 -32.40 -7.90
CA ALA A 229 -15.79 -32.19 -9.33
C ALA A 229 -15.41 -30.75 -9.64
N VAL A 230 -15.58 -30.35 -10.90
CA VAL A 230 -15.28 -28.99 -11.35
C VAL A 230 -16.56 -28.41 -11.93
N ILE A 231 -17.03 -27.30 -11.37
CA ILE A 231 -18.21 -26.61 -11.87
C ILE A 231 -17.94 -25.11 -11.88
N ASP A 232 -18.29 -24.45 -12.98
CA ASP A 232 -18.15 -23.00 -13.13
C ASP A 232 -16.73 -22.52 -12.84
N GLY A 233 -15.73 -23.33 -13.19
CA GLY A 233 -14.35 -22.98 -12.92
C GLY A 233 -13.90 -23.35 -11.53
N TRP A 234 -14.82 -23.28 -10.57
CA TRP A 234 -14.52 -23.67 -9.21
C TRP A 234 -14.41 -25.18 -9.10
N ILE A 235 -13.76 -25.63 -8.02
CA ILE A 235 -13.65 -27.06 -7.70
C ILE A 235 -14.48 -27.32 -6.46
N ALA A 236 -15.43 -28.24 -6.56
CA ALA A 236 -16.14 -28.73 -5.39
C ALA A 236 -15.34 -29.86 -4.78
N PRO A 237 -14.76 -29.69 -3.59
CA PRO A 237 -13.86 -30.70 -3.05
C PRO A 237 -14.61 -31.94 -2.62
N PRO A 238 -13.91 -33.06 -2.42
CA PRO A 238 -14.60 -34.29 -2.03
C PRO A 238 -15.32 -34.15 -0.69
N LEU A 239 -16.46 -34.83 -0.59
CA LEU A 239 -17.25 -34.85 0.63
C LEU A 239 -17.11 -36.15 1.40
N ASN A 240 -15.97 -36.82 1.25
CA ASN A 240 -15.75 -38.13 1.85
C ASN A 240 -14.31 -38.18 2.36
N ASP A 241 -13.83 -39.40 2.62
CA ASP A 241 -12.48 -39.60 3.15
C ASP A 241 -11.44 -38.89 2.29
N HIS A 242 -11.65 -38.84 0.99
CA HIS A 242 -10.69 -38.28 0.04
C HIS A 242 -10.51 -36.77 0.15
N ASN A 243 -11.12 -36.06 1.10
CA ASN A 243 -10.88 -34.62 1.21
C ASN A 243 -9.43 -34.37 1.61
N PRO A 244 -8.70 -33.52 0.88
CA PRO A 244 -7.27 -33.37 1.15
C PRO A 244 -6.94 -32.40 2.28
N THR A 245 -7.93 -31.72 2.85
CA THR A 245 -7.64 -30.78 3.93
C THR A 245 -7.12 -31.52 5.15
N PRO A 246 -6.13 -30.94 5.86
CA PRO A 246 -5.53 -31.67 6.99
C PRO A 246 -6.48 -31.88 8.16
N VAL A 247 -7.52 -31.08 8.31
CA VAL A 247 -8.48 -31.20 9.40
C VAL A 247 -9.73 -31.87 8.88
N VAL A 248 -10.23 -32.86 9.63
CA VAL A 248 -11.39 -33.63 9.21
C VAL A 248 -12.64 -32.78 9.29
N TRP A 249 -13.60 -33.06 8.41
CA TRP A 249 -14.88 -32.34 8.37
C TRP A 249 -15.81 -32.97 9.41
N THR A 250 -15.65 -32.52 10.65
CA THR A 250 -16.47 -33.04 11.73
C THR A 250 -17.93 -32.61 11.57
N GLU A 251 -18.79 -33.16 12.42
CA GLU A 251 -20.21 -32.82 12.37
C GLU A 251 -20.44 -31.35 12.69
N ASP A 252 -19.73 -30.82 13.69
CA ASP A 252 -19.90 -29.42 14.05
C ASP A 252 -19.43 -28.51 12.92
N GLU A 253 -18.29 -28.83 12.30
CA GLU A 253 -17.80 -28.02 11.19
C GLU A 253 -18.77 -28.06 10.02
N LEU A 254 -19.29 -29.25 9.71
CA LEU A 254 -20.26 -29.37 8.62
C LEU A 254 -21.52 -28.56 8.91
N PHE A 255 -22.03 -28.64 10.13
CA PHE A 255 -23.23 -27.89 10.48
C PHE A 255 -23.00 -26.39 10.38
N GLN A 256 -21.87 -25.92 10.92
CA GLN A 256 -21.58 -24.49 10.84
C GLN A 256 -21.47 -24.03 9.38
N TYR A 257 -20.77 -24.82 8.56
CA TYR A 257 -20.58 -24.46 7.16
C TYR A 257 -21.91 -24.43 6.41
N LEU A 258 -22.78 -25.42 6.66
CA LEU A 258 -24.02 -25.54 5.92
C LEU A 258 -25.13 -24.65 6.46
N ARG A 259 -25.00 -24.13 7.67
CA ARG A 259 -26.04 -23.28 8.24
C ARG A 259 -25.69 -21.81 8.21
N PHE A 260 -24.46 -21.44 8.57
CA PHE A 260 -24.06 -20.04 8.62
C PHE A 260 -23.07 -19.66 7.55
N GLY A 261 -22.62 -20.62 6.74
CA GLY A 261 -21.74 -20.33 5.63
C GLY A 261 -20.27 -20.21 5.98
N VAL A 262 -19.91 -20.35 7.25
CA VAL A 262 -18.52 -20.25 7.67
C VAL A 262 -18.25 -21.33 8.71
N ALA A 263 -17.09 -21.98 8.60
CA ALA A 263 -16.65 -22.97 9.56
C ALA A 263 -15.48 -22.44 10.37
N PRO A 264 -15.35 -22.86 11.63
CA PRO A 264 -14.25 -22.35 12.46
C PRO A 264 -12.86 -22.65 11.91
N LEU A 265 -12.66 -23.80 11.28
CA LEU A 265 -11.35 -24.22 10.81
C LEU A 265 -11.19 -24.11 9.30
N HIS A 266 -12.09 -24.72 8.53
CA HIS A 266 -11.89 -24.79 7.09
C HIS A 266 -12.06 -23.43 6.43
N GLY A 267 -13.06 -22.66 6.85
CA GLY A 267 -13.29 -21.36 6.27
C GLY A 267 -14.75 -21.08 5.97
N SER A 268 -15.00 -20.27 4.96
CA SER A 268 -16.35 -19.87 4.58
C SER A 268 -16.72 -20.44 3.22
N ALA A 269 -18.01 -20.32 2.89
CA ALA A 269 -18.56 -20.84 1.65
C ALA A 269 -18.59 -19.72 0.61
N ALA A 270 -17.72 -19.82 -0.38
CA ALA A 270 -17.61 -18.82 -1.43
C ALA A 270 -17.95 -19.43 -2.78
N GLY A 271 -18.07 -18.56 -3.78
CA GLY A 271 -18.34 -18.98 -5.13
C GLY A 271 -19.70 -19.63 -5.29
N PRO A 272 -19.73 -20.80 -5.93
CA PRO A 272 -21.01 -21.48 -6.16
C PRO A 272 -21.70 -21.93 -4.88
N MET A 273 -20.98 -22.01 -3.77
CA MET A 273 -21.56 -22.29 -2.47
C MET A 273 -21.93 -21.05 -1.68
N SER A 274 -21.81 -19.86 -2.27
CA SER A 274 -22.31 -18.67 -1.59
C SER A 274 -23.79 -18.79 -1.22
N PRO A 275 -24.70 -19.23 -2.12
CA PRO A 275 -26.13 -19.22 -1.76
C PRO A 275 -26.59 -20.42 -0.96
N VAL A 276 -25.95 -21.58 -1.12
CA VAL A 276 -26.51 -22.81 -0.57
C VAL A 276 -26.77 -22.72 0.94
N PRO A 277 -25.82 -22.26 1.77
CA PRO A 277 -26.15 -22.10 3.19
C PRO A 277 -26.81 -20.76 3.49
N HIS A 278 -26.65 -19.80 2.59
CA HIS A 278 -27.14 -18.44 2.84
C HIS A 278 -28.56 -18.24 2.34
N ARG A 279 -28.85 -18.70 1.13
CA ARG A 279 -30.14 -18.45 0.52
C ARG A 279 -31.13 -19.58 0.73
N PHE A 280 -30.65 -20.82 0.88
CA PHE A 280 -31.54 -21.97 0.87
C PHE A 280 -31.50 -22.78 2.16
N LEU A 281 -30.31 -23.20 2.61
CA LEU A 281 -30.25 -24.07 3.79
C LEU A 281 -30.54 -23.33 5.07
N SER A 282 -30.48 -22.00 5.08
CA SER A 282 -30.82 -21.23 6.26
C SER A 282 -32.32 -21.02 6.41
N LYS A 283 -33.11 -21.36 5.40
CA LYS A 283 -34.56 -21.21 5.46
C LYS A 283 -35.28 -22.53 5.70
N ILE A 284 -34.54 -23.59 6.01
CA ILE A 284 -35.12 -24.90 6.31
C ILE A 284 -34.91 -25.18 7.79
N PRO A 285 -35.67 -26.10 8.40
CA PRO A 285 -35.52 -26.33 9.84
C PRO A 285 -34.10 -26.76 10.19
N GLU A 286 -33.65 -26.32 11.37
CA GLU A 286 -32.29 -26.62 11.81
C GLU A 286 -32.06 -28.12 11.95
N GLU A 287 -33.11 -28.88 12.27
CA GLU A 287 -32.97 -30.33 12.39
C GLU A 287 -32.53 -30.95 11.07
N ASP A 288 -33.03 -30.43 9.95
CA ASP A 288 -32.66 -30.97 8.65
C ASP A 288 -31.17 -30.75 8.38
N VAL A 289 -30.67 -29.55 8.68
CA VAL A 289 -29.25 -29.28 8.47
C VAL A 289 -28.40 -30.12 9.41
N HIS A 290 -28.87 -30.31 10.64
CA HIS A 290 -28.15 -31.17 11.57
C HIS A 290 -28.09 -32.61 11.07
N ALA A 291 -29.19 -33.10 10.52
CA ALA A 291 -29.21 -34.46 9.96
C ALA A 291 -28.28 -34.58 8.77
N ILE A 292 -28.27 -33.57 7.90
CA ILE A 292 -27.35 -33.59 6.75
C ILE A 292 -25.91 -33.61 7.22
N ALA A 293 -25.58 -32.77 8.21
CA ALA A 293 -24.22 -32.73 8.74
C ALA A 293 -23.83 -34.06 9.37
N HIS A 294 -24.74 -34.67 10.12
CA HIS A 294 -24.44 -35.97 10.73
C HIS A 294 -24.23 -37.04 9.67
N TYR A 295 -25.08 -37.06 8.64
CA TYR A 295 -24.91 -38.04 7.58
C TYR A 295 -23.58 -37.88 6.87
N TYR A 296 -23.18 -36.64 6.58
CA TYR A 296 -21.92 -36.44 5.88
C TYR A 296 -20.72 -36.66 6.78
N ALA A 297 -20.86 -36.42 8.08
CA ALA A 297 -19.79 -36.77 9.01
C ALA A 297 -19.61 -38.29 9.08
N ASP A 298 -20.71 -39.04 9.02
CA ASP A 298 -20.59 -40.49 8.93
C ASP A 298 -19.95 -40.91 7.61
N VAL A 299 -20.36 -40.28 6.49
CA VAL A 299 -19.76 -40.60 5.20
C VAL A 299 -18.30 -40.18 5.18
N ASP A 300 -17.99 -38.99 5.71
CA ASP A 300 -16.62 -38.50 5.76
C ASP A 300 -15.75 -39.37 6.66
N LYS A 301 -16.35 -40.18 7.53
CA LYS A 301 -15.62 -41.06 8.45
C LYS A 301 -14.78 -40.22 9.43
N ALA A 302 -15.42 -39.24 10.05
CA ALA A 302 -14.72 -38.33 10.93
C ALA A 302 -14.37 -38.95 12.26
N ALA A 303 -15.16 -39.94 12.72
CA ALA A 303 -14.91 -40.55 14.02
C ALA A 303 -13.57 -41.26 14.09
N GLN A 304 -13.00 -41.66 12.95
CA GLN A 304 -11.69 -42.28 12.91
C GLN A 304 -10.58 -41.30 12.58
N ARG A 305 -10.86 -40.28 11.78
CA ARG A 305 -9.86 -39.34 11.31
C ARG A 305 -9.73 -38.11 12.20
N SER A 306 -10.56 -37.97 13.23
CA SER A 306 -10.54 -36.78 14.07
C SER A 306 -9.43 -36.81 15.12
N SER A 307 -8.69 -37.92 15.24
CA SER A 307 -7.64 -38.00 16.24
C SER A 307 -6.51 -37.01 15.96
N GLY A 308 -6.13 -36.85 14.70
CA GLY A 308 -5.04 -36.00 14.31
C GLY A 308 -5.38 -34.54 14.10
N ASP A 309 -6.60 -34.13 14.46
CA ASP A 309 -7.02 -32.75 14.22
C ASP A 309 -6.17 -31.76 14.99
N GLN A 310 -5.87 -32.06 16.26
CA GLN A 310 -5.08 -31.13 17.06
C GLN A 310 -3.68 -30.97 16.50
N ALA A 311 -3.05 -32.07 16.11
CA ALA A 311 -1.71 -32.00 15.52
C ALA A 311 -1.74 -31.22 14.20
N ALA A 312 -2.77 -31.46 13.38
CA ALA A 312 -2.88 -30.73 12.12
C ALA A 312 -3.05 -29.23 12.37
N ILE A 313 -3.86 -28.86 13.35
CA ILE A 313 -4.07 -27.44 13.66
C ILE A 313 -2.78 -26.81 14.16
N THR A 314 -2.04 -27.52 15.01
CA THR A 314 -0.78 -27.00 15.52
C THR A 314 0.23 -26.80 14.38
N ARG A 315 0.33 -27.77 13.48
CA ARG A 315 1.24 -27.63 12.34
C ARG A 315 0.83 -26.47 11.44
N ALA A 316 -0.48 -26.32 11.20
CA ALA A 316 -0.96 -25.22 10.37
C ALA A 316 -0.68 -23.88 11.03
N MET A 317 -0.79 -23.80 12.35
CA MET A 317 -0.46 -22.56 13.05
C MET A 317 1.02 -22.27 12.97
N GLN A 318 1.86 -23.31 13.04
CA GLN A 318 3.30 -23.12 12.88
C GLN A 318 3.61 -22.55 11.50
N MET A 319 3.03 -23.12 10.45
CA MET A 319 3.38 -22.69 9.11
C MET A 319 2.60 -21.47 8.64
N SER A 320 1.58 -21.03 9.39
CA SER A 320 0.79 -19.89 8.95
C SER A 320 1.56 -18.59 9.09
N GLY A 321 2.36 -18.46 10.14
CA GLY A 321 3.16 -17.28 10.37
C GLY A 321 4.53 -17.29 9.75
N ARG A 322 4.83 -18.31 8.92
CA ARG A 322 6.14 -18.38 8.27
C ARG A 322 6.35 -17.19 7.35
N ASP A 323 7.53 -16.58 7.46
CA ASP A 323 7.96 -15.42 6.66
C ASP A 323 7.12 -14.18 6.92
N LEU A 324 6.20 -14.22 7.88
CA LEU A 324 5.38 -13.06 8.20
C LEU A 324 5.86 -12.31 9.44
N THR A 325 6.73 -12.92 10.24
CA THR A 325 7.26 -12.29 11.45
C THR A 325 8.78 -12.21 11.35
N GLY A 326 9.34 -11.06 11.70
CA GLY A 326 10.75 -10.84 11.62
C GLY A 326 11.18 -10.34 10.26
N PRO A 327 12.43 -9.92 10.13
CA PRO A 327 12.91 -9.43 8.83
C PRO A 327 12.86 -10.51 7.77
N GLN A 328 12.48 -10.10 6.56
CA GLN A 328 12.33 -11.01 5.42
C GLN A 328 13.05 -10.40 4.21
N PRO A 329 14.38 -10.49 4.18
CA PRO A 329 15.14 -9.99 3.02
C PRO A 329 15.51 -11.03 1.98
N LEU A 330 15.02 -12.27 2.10
CA LEU A 330 15.49 -13.37 1.26
C LEU A 330 14.49 -13.74 0.17
N ASP A 331 13.26 -14.06 0.55
CA ASP A 331 12.26 -14.54 -0.40
C ASP A 331 11.39 -13.39 -0.87
N GLU A 332 11.28 -13.23 -2.19
CA GLU A 332 10.49 -12.16 -2.78
C GLU A 332 9.03 -12.55 -2.95
N ASP A 333 8.74 -13.81 -3.27
CA ASP A 333 7.36 -14.27 -3.32
C ASP A 333 6.73 -14.18 -1.94
N ALA A 334 7.49 -14.49 -0.89
CA ALA A 334 7.00 -14.30 0.48
C ALA A 334 6.72 -12.83 0.76
N ARG A 335 7.57 -11.94 0.27
CA ARG A 335 7.31 -10.51 0.43
C ARG A 335 6.01 -10.11 -0.26
N LEU A 336 5.79 -10.62 -1.48
CA LEU A 336 4.57 -10.29 -2.20
C LEU A 336 3.34 -10.82 -1.46
N TYR A 337 3.41 -12.05 -0.95
CA TYR A 337 2.28 -12.60 -0.20
C TYR A 337 2.02 -11.80 1.07
N GLN A 338 3.07 -11.44 1.79
CA GLN A 338 2.90 -10.67 3.02
C GLN A 338 2.30 -9.31 2.74
N GLY A 339 2.77 -8.62 1.70
CA GLY A 339 2.22 -7.32 1.37
C GLY A 339 0.78 -7.39 0.89
N ALA A 340 0.46 -8.40 0.08
CA ALA A 340 -0.84 -8.45 -0.57
C ALA A 340 -1.89 -9.24 0.21
N CYS A 341 -1.50 -10.31 0.91
CA CYS A 341 -2.46 -11.21 1.52
C CYS A 341 -2.24 -11.50 3.00
N GLY A 342 -1.02 -11.34 3.51
CA GLY A 342 -0.73 -11.78 4.87
C GLY A 342 -1.34 -10.92 5.97
N ALA A 343 -1.84 -9.72 5.64
CA ALA A 343 -2.38 -8.85 6.66
C ALA A 343 -3.62 -9.44 7.32
N CYS A 344 -4.52 -10.03 6.53
CA CYS A 344 -5.76 -10.58 7.05
C CYS A 344 -5.78 -12.10 7.04
N HIS A 345 -4.64 -12.75 6.79
CA HIS A 345 -4.58 -14.20 6.72
C HIS A 345 -3.51 -14.78 7.63
N TYR A 346 -3.02 -14.01 8.59
CA TYR A 346 -2.02 -14.47 9.53
C TYR A 346 -2.71 -14.96 10.80
N ASN A 347 -2.34 -16.15 11.24
CA ASN A 347 -2.86 -16.71 12.49
C ASN A 347 -1.69 -17.18 13.35
N SER A 348 -1.77 -16.89 14.64
CA SER A 348 -0.71 -17.22 15.59
C SER A 348 -1.18 -18.11 16.73
N GLY A 349 -2.37 -17.86 17.26
CA GLY A 349 -2.85 -18.56 18.43
C GLY A 349 -3.09 -20.03 18.17
N PRO A 350 -3.39 -20.78 19.22
CA PRO A 350 -3.61 -22.23 19.05
C PRO A 350 -4.77 -22.55 18.14
N ASN A 351 -5.72 -21.65 17.96
CA ASN A 351 -6.88 -21.85 17.09
C ASN A 351 -7.05 -20.66 16.18
N PRO A 352 -7.64 -20.86 14.99
CA PRO A 352 -7.86 -19.72 14.09
C PRO A 352 -8.87 -18.74 14.66
N VAL A 353 -8.71 -17.48 14.28
CA VAL A 353 -9.62 -16.43 14.68
C VAL A 353 -10.72 -16.29 13.62
N LEU A 354 -11.97 -16.30 14.06
CA LEU A 354 -13.08 -16.14 13.14
C LEU A 354 -12.97 -14.80 12.43
N GLY A 355 -13.10 -14.82 11.11
CA GLY A 355 -12.86 -13.65 10.29
C GLY A 355 -11.49 -13.62 9.63
N ARG A 356 -10.57 -14.48 10.07
CA ARG A 356 -9.26 -14.64 9.43
C ARG A 356 -9.14 -16.10 9.03
N PRO A 357 -9.69 -16.48 7.88
CA PRO A 357 -9.62 -17.88 7.46
C PRO A 357 -8.18 -18.35 7.33
N GLU A 358 -7.94 -19.59 7.76
CA GLU A 358 -6.59 -20.16 7.79
C GLU A 358 -6.32 -20.82 6.44
N LEU A 359 -5.38 -20.23 5.68
CA LEU A 359 -5.07 -20.77 4.37
C LEU A 359 -4.35 -22.11 4.46
N ALA A 360 -3.61 -22.34 5.54
CA ALA A 360 -2.94 -23.63 5.71
C ALA A 360 -3.91 -24.77 5.95
N LEU A 361 -5.16 -24.46 6.30
CA LEU A 361 -6.20 -25.46 6.49
C LEU A 361 -7.25 -25.47 5.39
N ASN A 362 -7.30 -24.42 4.56
CA ASN A 362 -8.35 -24.30 3.55
C ASN A 362 -8.10 -25.27 2.41
N ASN A 363 -9.20 -25.62 1.71
CA ASN A 363 -9.10 -26.50 0.57
C ASN A 363 -8.48 -25.81 -0.64
N ALA A 364 -8.42 -24.48 -0.64
CA ALA A 364 -7.88 -23.76 -1.79
C ALA A 364 -6.41 -24.10 -2.02
N LEU A 365 -5.68 -24.46 -0.97
CA LEU A 365 -4.26 -24.78 -1.09
C LEU A 365 -3.98 -26.27 -1.07
N TRP A 366 -4.94 -27.09 -0.64
CA TRP A 366 -4.74 -28.53 -0.54
C TRP A 366 -5.37 -29.31 -1.67
N LEU A 367 -6.14 -28.66 -2.54
CA LEU A 367 -6.79 -29.37 -3.63
C LEU A 367 -5.75 -29.72 -4.70
N ASP A 368 -6.16 -30.58 -5.64
CA ASP A 368 -5.27 -31.01 -6.69
C ASP A 368 -4.91 -29.87 -7.64
N GLU A 369 -5.80 -28.90 -7.81
CA GLU A 369 -5.59 -27.80 -8.72
C GLU A 369 -5.82 -26.48 -8.02
N PRO A 370 -5.19 -25.39 -8.50
CA PRO A 370 -5.34 -24.10 -7.82
C PRO A 370 -6.62 -23.36 -8.19
N ASN A 371 -7.60 -24.08 -8.74
CA ASN A 371 -8.82 -23.44 -9.24
C ASN A 371 -9.48 -22.58 -8.17
N ASN A 372 -9.71 -23.15 -6.99
CA ASN A 372 -10.41 -22.40 -5.94
C ASN A 372 -9.62 -21.18 -5.50
N LEU A 373 -8.31 -21.34 -5.33
CA LEU A 373 -7.48 -20.21 -4.90
C LEU A 373 -7.49 -19.09 -5.92
N TYR A 374 -7.35 -19.44 -7.21
CA TYR A 374 -7.37 -18.43 -8.26
C TYR A 374 -8.73 -17.75 -8.35
N GLN A 375 -9.81 -18.52 -8.24
CA GLN A 375 -11.14 -17.95 -8.32
C GLN A 375 -11.39 -16.99 -7.15
N VAL A 376 -10.95 -17.35 -5.96
CA VAL A 376 -11.11 -16.46 -4.81
C VAL A 376 -10.26 -15.21 -4.99
N MET A 377 -9.04 -15.35 -5.51
CA MET A 377 -8.21 -14.17 -5.76
C MET A 377 -8.87 -13.23 -6.76
N LEU A 378 -9.44 -13.78 -7.83
CA LEU A 378 -9.98 -12.95 -8.90
C LEU A 378 -11.32 -12.34 -8.50
N HIS A 379 -12.32 -13.18 -8.21
CA HIS A 379 -13.65 -12.67 -7.90
C HIS A 379 -13.66 -11.89 -6.59
N GLY A 380 -12.98 -12.40 -5.58
CA GLY A 380 -13.17 -11.89 -4.23
C GLY A 380 -14.43 -12.44 -3.62
N ILE A 381 -14.65 -12.07 -2.36
CA ILE A 381 -15.81 -12.51 -1.59
C ILE A 381 -16.53 -11.28 -1.09
N THR A 382 -17.80 -11.15 -1.43
CA THR A 382 -18.57 -9.98 -1.05
C THR A 382 -18.91 -10.03 0.43
N ALA A 383 -19.69 -9.05 0.89
CA ALA A 383 -20.04 -8.97 2.29
C ALA A 383 -20.84 -10.19 2.74
N GLU A 384 -21.91 -10.51 2.01
CA GLU A 384 -22.81 -11.60 2.36
C GLU A 384 -22.53 -12.88 1.59
N GLU A 385 -21.41 -12.95 0.87
CA GLU A 385 -21.12 -14.13 0.06
C GLU A 385 -20.69 -15.31 0.94
N GLY A 386 -19.63 -15.14 1.71
CA GLY A 386 -19.17 -16.20 2.58
C GLY A 386 -19.59 -15.98 4.02
N GLN A 387 -18.66 -15.56 4.87
CA GLN A 387 -19.01 -15.17 6.23
C GLN A 387 -19.78 -13.86 6.21
N ASP A 388 -20.69 -13.71 7.17
CA ASP A 388 -21.57 -12.56 7.20
C ASP A 388 -20.80 -11.29 7.55
N HIS A 389 -21.17 -10.19 6.91
CA HIS A 389 -20.77 -8.83 7.24
C HIS A 389 -19.32 -8.51 6.89
N ILE A 390 -18.53 -9.51 6.51
CA ILE A 390 -17.13 -9.28 6.19
C ILE A 390 -16.90 -9.61 4.72
N SER A 391 -15.95 -8.91 4.13
CA SER A 391 -15.78 -8.91 2.68
C SER A 391 -14.33 -9.16 2.31
N MET A 392 -14.04 -9.41 1.03
CA MET A 392 -12.64 -9.56 0.60
C MET A 392 -12.38 -8.87 -0.74
N PRO A 393 -11.38 -7.98 -0.79
CA PRO A 393 -10.98 -7.25 -1.99
C PRO A 393 -10.65 -8.21 -3.12
N SER A 394 -10.97 -7.80 -4.35
CA SER A 394 -10.71 -8.61 -5.52
C SER A 394 -9.39 -8.20 -6.15
N PHE A 395 -8.51 -9.18 -6.37
CA PHE A 395 -7.18 -8.94 -6.91
C PHE A 395 -7.13 -9.17 -8.41
N TYR A 396 -8.22 -8.87 -9.13
CA TYR A 396 -8.22 -9.04 -10.58
C TYR A 396 -7.19 -8.14 -11.24
N SER A 397 -7.13 -6.87 -10.81
CA SER A 397 -6.18 -5.93 -11.37
C SER A 397 -4.95 -5.72 -10.51
N GLY A 398 -5.03 -6.02 -9.21
CA GLY A 398 -3.87 -5.88 -8.35
C GLY A 398 -2.76 -6.85 -8.67
N LEU A 399 -3.10 -8.07 -9.06
CA LEU A 399 -2.14 -9.11 -9.36
C LEU A 399 -2.29 -9.56 -10.81
N SER A 400 -1.18 -9.65 -11.52
CA SER A 400 -1.18 -10.21 -12.86
C SER A 400 -1.14 -11.74 -12.76
N ASP A 401 -1.16 -12.39 -13.93
CA ASP A 401 -1.10 -13.86 -13.94
C ASP A 401 0.21 -14.36 -13.34
N HIS A 402 1.32 -13.69 -13.64
CA HIS A 402 2.60 -14.08 -13.07
C HIS A 402 2.62 -13.93 -11.56
N ASP A 403 2.08 -12.82 -11.05
CA ASP A 403 2.05 -12.60 -9.60
C ASP A 403 1.15 -13.61 -8.91
N MET A 404 -0.01 -13.91 -9.50
CA MET A 404 -0.89 -14.93 -8.93
C MET A 404 -0.21 -16.30 -8.92
N ALA A 405 0.51 -16.63 -10.00
CA ALA A 405 1.25 -17.88 -10.02
C ALA A 405 2.33 -17.91 -8.95
N ARG A 406 3.04 -16.80 -8.75
CA ARG A 406 4.05 -16.73 -7.70
C ARG A 406 3.44 -16.97 -6.33
N ILE A 407 2.33 -16.30 -6.05
CA ILE A 407 1.67 -16.45 -4.76
C ILE A 407 1.19 -17.88 -4.57
N ALA A 408 0.60 -18.48 -5.61
CA ALA A 408 0.11 -19.85 -5.51
C ALA A 408 1.25 -20.82 -5.26
N ALA A 409 2.35 -20.68 -5.98
CA ALA A 409 3.49 -21.57 -5.78
C ALA A 409 4.06 -21.43 -4.38
N TYR A 410 4.20 -20.19 -3.89
CA TYR A 410 4.74 -20.00 -2.56
C TYR A 410 3.82 -20.59 -1.50
N LEU A 411 2.51 -20.37 -1.63
CA LEU A 411 1.57 -20.88 -0.63
C LEU A 411 1.53 -22.40 -0.65
N ARG A 412 1.56 -23.01 -1.84
CA ARG A 412 1.57 -24.47 -1.93
C ARG A 412 2.84 -25.05 -1.32
N ARG A 413 3.99 -24.41 -1.56
CA ARG A 413 5.23 -24.92 -1.01
C ARG A 413 5.28 -24.75 0.51
N THR A 414 4.78 -23.63 1.02
CA THR A 414 4.98 -23.26 2.42
C THR A 414 3.79 -23.61 3.31
N ARG A 415 2.57 -23.23 2.91
CA ARG A 415 1.40 -23.41 3.76
C ARG A 415 0.85 -24.83 3.74
N THR A 416 1.33 -25.69 2.84
CA THR A 416 0.92 -27.09 2.80
C THR A 416 2.16 -27.97 2.76
N THR A 417 1.95 -29.28 2.79
CA THR A 417 3.02 -30.26 2.69
C THR A 417 2.94 -31.06 1.39
N LEU A 418 2.14 -30.62 0.43
CA LEU A 418 1.89 -31.32 -0.82
C LEU A 418 2.90 -30.93 -1.87
N PRO A 419 3.09 -31.76 -2.90
CA PRO A 419 3.99 -31.40 -3.99
C PRO A 419 3.47 -30.19 -4.76
N PRO A 420 4.35 -29.45 -5.42
CA PRO A 420 3.93 -28.21 -6.08
C PRO A 420 3.00 -28.48 -7.27
N TRP A 421 2.19 -27.48 -7.58
CA TRP A 421 1.32 -27.53 -8.73
C TRP A 421 2.13 -27.44 -10.02
N THR A 422 1.44 -27.54 -11.15
CA THR A 422 2.07 -27.44 -12.46
C THR A 422 1.27 -26.49 -13.34
N ASP A 423 1.98 -25.80 -14.24
CA ASP A 423 1.37 -24.88 -15.19
C ASP A 423 0.54 -23.81 -14.48
N LEU A 424 1.16 -23.16 -13.49
CA LEU A 424 0.43 -22.22 -12.66
C LEU A 424 0.03 -20.96 -13.43
N GLU A 425 0.90 -20.49 -14.33
CA GLU A 425 0.58 -19.29 -15.09
C GLU A 425 -0.54 -19.55 -16.10
N LYS A 426 -0.48 -20.68 -16.81
CA LYS A 426 -1.55 -21.02 -17.73
C LYS A 426 -2.87 -21.22 -17.01
N LYS A 427 -2.85 -21.87 -15.85
CA LYS A 427 -4.07 -22.04 -15.07
C LYS A 427 -4.59 -20.71 -14.56
N ALA A 428 -3.69 -19.80 -14.19
CA ALA A 428 -4.11 -18.48 -13.76
C ALA A 428 -4.80 -17.72 -14.90
N ALA A 429 -4.23 -17.81 -16.11
CA ALA A 429 -4.87 -17.18 -17.26
C ALA A 429 -6.22 -17.81 -17.55
N SER A 430 -6.32 -19.13 -17.45
CA SER A 430 -7.60 -19.81 -17.69
C SER A 430 -8.64 -19.37 -16.67
N ALA A 431 -8.26 -19.26 -15.40
CA ALA A 431 -9.18 -18.78 -14.38
C ALA A 431 -9.60 -17.34 -14.63
N ARG A 432 -8.66 -16.49 -15.04
CA ARG A 432 -8.97 -15.09 -15.31
C ARG A 432 -9.89 -14.95 -16.52
N ALA A 433 -9.83 -15.90 -17.45
CA ALA A 433 -10.64 -15.82 -18.67
C ALA A 433 -12.11 -16.15 -18.44
N THR A 434 -12.57 -16.21 -17.20
CA THR A 434 -13.96 -16.56 -16.90
C THR A 434 -14.71 -15.45 -16.18
N LEU A 435 -14.23 -14.21 -16.26
CA LEU A 435 -14.91 -13.10 -15.62
C LEU A 435 -14.57 -11.81 -16.36
N GLU A 436 -15.08 -10.68 -15.85
CA GLU A 436 -15.11 -9.42 -16.58
C GLU A 436 -14.70 -8.23 -15.71
N ALA A 437 -13.57 -8.37 -15.00
CA ALA A 437 -12.93 -7.24 -14.31
C ALA A 437 -13.86 -6.65 -13.26
N PRO A 438 -14.05 -7.31 -12.11
CA PRO A 438 -14.99 -6.81 -11.09
C PRO A 438 -14.71 -5.37 -10.69
N PRO A 439 -13.46 -4.97 -10.51
CA PRO A 439 -13.19 -3.52 -10.26
C PRO A 439 -12.74 -2.70 -11.46
N VAL A 440 -13.07 -1.40 -11.44
CA VAL A 440 -12.57 -0.47 -12.45
C VAL A 440 -11.31 0.17 -11.86
N ASN A 441 -10.83 -0.43 -10.77
CA ASN A 441 -9.70 0.15 -10.04
C ASN A 441 -8.48 0.29 -10.94
N ALA A 442 -8.10 -0.80 -11.61
CA ALA A 442 -6.87 -0.83 -12.40
C ALA A 442 -5.72 -0.27 -11.58
N SER A 443 -5.19 0.88 -12.01
CA SER A 443 -4.17 1.62 -11.27
C SER A 443 -3.05 0.70 -10.79
N HIS A 444 -2.58 -0.14 -11.71
CA HIS A 444 -1.59 -1.17 -11.41
C HIS A 444 -0.31 -0.57 -10.82
N MET B 1 -27.14 -0.49 -10.35
CA MET B 1 -26.46 0.80 -10.31
C MET B 1 -26.40 1.36 -8.89
N THR B 2 -27.55 1.76 -8.38
CA THR B 2 -27.62 2.35 -7.04
C THR B 2 -27.33 1.28 -6.00
N THR B 3 -26.27 1.50 -5.21
CA THR B 3 -25.89 0.61 -4.13
C THR B 3 -26.17 1.29 -2.80
N LYS B 4 -26.90 0.60 -1.93
CA LYS B 4 -27.27 1.14 -0.63
C LYS B 4 -26.53 0.38 0.46
N PHE B 5 -25.92 1.12 1.38
CA PHE B 5 -25.20 0.49 2.49
C PHE B 5 -25.11 1.49 3.64
N GLU B 6 -24.76 0.98 4.81
CA GLU B 6 -24.60 1.81 6.00
C GLU B 6 -23.14 2.24 6.11
N LEU B 7 -22.91 3.54 6.01
CA LEU B 7 -21.56 4.11 6.14
C LEU B 7 -21.52 4.98 7.38
N ASN B 8 -20.58 4.67 8.28
CA ASN B 8 -20.40 5.42 9.53
C ASN B 8 -21.71 5.52 10.31
N GLY B 9 -22.49 4.45 10.27
CA GLY B 9 -23.75 4.40 10.99
C GLY B 9 -24.92 5.07 10.31
N GLN B 10 -24.73 5.66 9.14
CA GLN B 10 -25.81 6.33 8.43
C GLN B 10 -26.11 5.61 7.13
N PRO B 11 -27.37 5.37 6.79
CA PRO B 11 -27.68 4.70 5.53
C PRO B 11 -27.48 5.65 4.35
N VAL B 12 -26.73 5.20 3.35
CA VAL B 12 -26.47 5.98 2.15
C VAL B 12 -26.80 5.13 0.93
N THR B 13 -27.11 5.82 -0.16
CA THR B 13 -27.44 5.21 -1.45
C THR B 13 -26.64 5.93 -2.52
N VAL B 14 -25.60 5.27 -3.03
CA VAL B 14 -24.68 5.88 -3.98
C VAL B 14 -25.03 5.38 -5.38
N ASP B 15 -25.16 6.32 -6.32
CA ASP B 15 -25.46 6.01 -7.72
C ASP B 15 -24.12 6.07 -8.45
N ALA B 16 -23.51 4.91 -8.67
CA ALA B 16 -22.24 4.80 -9.36
C ALA B 16 -22.14 3.42 -9.98
N PRO B 17 -21.29 3.25 -10.98
CA PRO B 17 -21.11 1.91 -11.57
C PRO B 17 -20.68 0.90 -10.51
N ALA B 18 -21.18 -0.32 -10.63
CA ALA B 18 -20.92 -1.34 -9.64
C ALA B 18 -19.46 -1.77 -9.61
N ASP B 19 -18.68 -1.43 -10.64
CA ASP B 19 -17.26 -1.76 -10.65
C ASP B 19 -16.40 -0.67 -10.01
N THR B 20 -17.00 0.43 -9.58
CA THR B 20 -16.24 1.50 -8.95
C THR B 20 -15.70 1.03 -7.62
N PRO B 21 -14.41 1.24 -7.34
CA PRO B 21 -13.86 0.84 -6.04
C PRO B 21 -14.50 1.63 -4.90
N LEU B 22 -14.56 0.99 -3.74
CA LEU B 22 -15.10 1.66 -2.56
C LEU B 22 -14.30 2.89 -2.20
N LEU B 23 -13.00 2.90 -2.50
CA LEU B 23 -12.15 4.03 -2.16
C LEU B 23 -12.62 5.31 -2.85
N TRP B 24 -12.81 5.25 -4.16
CA TRP B 24 -13.22 6.43 -4.91
C TRP B 24 -14.70 6.75 -4.73
N VAL B 25 -15.51 5.79 -4.30
CA VAL B 25 -16.88 6.10 -3.93
C VAL B 25 -16.90 6.90 -2.63
N ILE B 26 -16.08 6.50 -1.66
CA ILE B 26 -16.02 7.22 -0.38
C ILE B 26 -15.41 8.61 -0.58
N ARG B 27 -14.30 8.68 -1.31
CA ARG B 27 -13.56 9.94 -1.41
C ARG B 27 -14.32 10.97 -2.23
N ASP B 28 -14.85 10.57 -3.39
CA ASP B 28 -15.45 11.51 -4.33
C ASP B 28 -16.96 11.60 -4.21
N ASP B 29 -17.65 10.47 -4.27
CA ASP B 29 -19.12 10.51 -4.26
C ASP B 29 -19.65 10.92 -2.89
N LEU B 30 -19.04 10.45 -1.82
CA LEU B 30 -19.50 10.74 -0.47
C LEU B 30 -18.70 11.84 0.22
N ASN B 31 -17.66 12.36 -0.43
CA ASN B 31 -16.89 13.50 0.07
C ASN B 31 -16.32 13.24 1.46
N LEU B 32 -15.71 12.07 1.63
CA LEU B 32 -15.02 11.70 2.88
C LEU B 32 -13.58 11.42 2.51
N THR B 33 -12.75 12.46 2.54
CA THR B 33 -11.36 12.37 2.11
C THR B 33 -10.44 11.80 3.18
N GLY B 34 -10.98 11.22 4.25
CA GLY B 34 -10.13 10.59 5.24
C GLY B 34 -9.37 9.39 4.70
N THR B 35 -10.06 8.56 3.92
CA THR B 35 -9.41 7.43 3.27
C THR B 35 -8.46 7.95 2.18
N LYS B 36 -7.27 7.35 2.11
CA LYS B 36 -6.23 7.83 1.23
C LYS B 36 -5.94 6.82 0.13
N PHE B 37 -5.33 7.31 -0.95
CA PHE B 37 -4.97 6.50 -2.11
C PHE B 37 -3.46 6.31 -2.12
N GLY B 38 -3.03 5.06 -2.05
CA GLY B 38 -1.61 4.76 -2.04
C GLY B 38 -1.15 3.99 -3.26
N CYS B 39 -0.98 2.68 -3.11
CA CYS B 39 -0.55 1.84 -4.23
C CYS B 39 -1.69 1.62 -5.22
N GLY B 40 -2.90 1.38 -4.73
CA GLY B 40 -4.02 1.06 -5.57
C GLY B 40 -4.17 -0.41 -5.92
N ILE B 41 -3.27 -1.26 -5.44
CA ILE B 41 -3.31 -2.69 -5.73
C ILE B 41 -3.47 -3.51 -4.45
N GLY B 42 -3.90 -2.88 -3.37
CA GLY B 42 -4.12 -3.58 -2.12
C GLY B 42 -2.87 -4.12 -1.46
N GLU B 43 -1.79 -3.35 -1.42
CA GLU B 43 -0.55 -3.79 -0.82
C GLU B 43 0.07 -2.78 0.15
N CYS B 44 -0.49 -1.58 0.28
CA CYS B 44 0.06 -0.58 1.18
C CYS B 44 -0.84 -0.29 2.39
N GLY B 45 -2.14 -0.55 2.29
CA GLY B 45 -3.05 -0.37 3.39
C GLY B 45 -3.48 1.07 3.65
N ALA B 46 -3.09 2.01 2.80
CA ALA B 46 -3.47 3.40 3.02
C ALA B 46 -4.97 3.64 2.89
N CYS B 47 -5.68 2.74 2.19
CA CYS B 47 -7.11 2.89 1.96
C CYS B 47 -7.95 1.99 2.86
N THR B 48 -7.39 1.56 3.98
CA THR B 48 -8.07 0.60 4.83
C THR B 48 -9.34 1.20 5.43
N VAL B 49 -10.44 0.47 5.32
CA VAL B 49 -11.70 0.81 5.94
C VAL B 49 -12.17 -0.39 6.76
N HIS B 50 -13.30 -0.24 7.42
CA HIS B 50 -13.88 -1.29 8.26
C HIS B 50 -15.19 -1.74 7.64
N VAL B 51 -15.20 -2.92 7.05
CA VAL B 51 -16.42 -3.56 6.58
C VAL B 51 -16.84 -4.60 7.61
N GLY B 52 -18.02 -4.42 8.18
CA GLY B 52 -18.48 -5.32 9.23
C GLY B 52 -17.55 -5.40 10.42
N GLY B 53 -16.82 -4.33 10.70
CA GLY B 53 -15.86 -4.32 11.78
C GLY B 53 -14.52 -4.95 11.44
N ARG B 54 -14.30 -5.38 10.20
CA ARG B 54 -13.06 -6.00 9.79
C ARG B 54 -12.33 -5.11 8.81
N ALA B 55 -11.02 -4.97 8.99
CA ALA B 55 -10.22 -4.14 8.11
C ALA B 55 -10.19 -4.73 6.70
N THR B 56 -10.37 -3.86 5.71
CA THR B 56 -10.32 -4.28 4.31
C THR B 56 -9.77 -3.14 3.48
N ARG B 57 -9.26 -3.48 2.30
CA ARG B 57 -8.69 -2.51 1.38
C ARG B 57 -9.78 -2.03 0.45
N SER B 58 -10.13 -0.74 0.55
CA SER B 58 -11.17 -0.16 -0.29
C SER B 58 -10.69 0.17 -1.70
N CYS B 59 -9.39 0.09 -1.95
CA CYS B 59 -8.88 0.40 -3.29
C CYS B 59 -9.27 -0.66 -4.30
N ILE B 60 -9.32 -1.92 -3.89
CA ILE B 60 -9.68 -3.03 -4.77
C ILE B 60 -10.96 -3.71 -4.32
N THR B 61 -11.81 -3.01 -3.58
CA THR B 61 -13.10 -3.54 -3.19
C THR B 61 -14.19 -2.88 -4.02
N PRO B 62 -14.82 -3.59 -4.94
CA PRO B 62 -15.85 -2.97 -5.78
C PRO B 62 -17.08 -2.60 -4.97
N LEU B 63 -17.85 -1.66 -5.52
CA LEU B 63 -19.08 -1.23 -4.85
C LEU B 63 -20.06 -2.37 -4.71
N SER B 64 -20.20 -3.19 -5.75
CA SER B 64 -21.14 -4.30 -5.73
C SER B 64 -20.86 -5.29 -4.60
N ALA B 65 -19.63 -5.30 -4.08
CA ALA B 65 -19.27 -6.21 -3.00
C ALA B 65 -19.67 -5.71 -1.63
N VAL B 66 -20.15 -4.47 -1.51
CA VAL B 66 -20.49 -3.94 -0.19
C VAL B 66 -21.95 -3.52 -0.15
N GLU B 67 -22.80 -4.21 -0.91
CA GLU B 67 -24.22 -3.91 -0.89
C GLU B 67 -24.83 -4.38 0.42
N GLY B 68 -25.53 -3.48 1.11
CA GLY B 68 -26.16 -3.82 2.37
C GLY B 68 -25.20 -4.10 3.50
N ALA B 69 -23.95 -3.65 3.40
CA ALA B 69 -22.95 -3.88 4.42
C ALA B 69 -22.82 -2.66 5.32
N SER B 70 -21.91 -2.74 6.29
CA SER B 70 -21.63 -1.64 7.20
C SER B 70 -20.16 -1.26 7.04
N ILE B 71 -19.93 -0.06 6.49
CA ILE B 71 -18.58 0.43 6.22
C ILE B 71 -18.28 1.55 7.20
N THR B 72 -17.12 1.46 7.86
CA THR B 72 -16.66 2.48 8.79
C THR B 72 -15.34 3.05 8.28
N THR B 73 -15.26 4.38 8.19
CA THR B 73 -14.06 5.07 7.78
C THR B 73 -13.37 5.67 9.00
N ILE B 74 -12.26 6.37 8.77
CA ILE B 74 -11.54 6.99 9.87
C ILE B 74 -12.38 8.09 10.52
N GLU B 75 -13.30 8.68 9.76
CA GLU B 75 -14.18 9.70 10.33
C GLU B 75 -15.23 9.09 11.25
N GLY B 76 -15.54 7.81 11.10
CA GLY B 76 -16.53 7.14 11.90
C GLY B 76 -16.00 6.25 13.00
N LEU B 77 -14.69 6.24 13.23
CA LEU B 77 -14.13 5.40 14.30
C LEU B 77 -14.63 5.84 15.66
N ASP B 78 -14.70 7.15 15.90
CA ASP B 78 -15.19 7.69 17.16
C ASP B 78 -15.87 9.02 16.88
N PRO B 79 -16.96 9.33 17.57
CA PRO B 79 -17.63 10.62 17.33
C PRO B 79 -16.74 11.83 17.58
N ALA B 80 -15.88 11.76 18.59
CA ALA B 80 -14.99 12.87 18.94
C ALA B 80 -13.54 12.59 18.60
N GLY B 81 -13.26 11.51 17.87
CA GLY B 81 -11.88 11.17 17.57
C GLY B 81 -11.07 10.72 18.77
N ASN B 82 -11.74 10.22 19.81
CA ASN B 82 -11.08 9.79 21.04
C ASN B 82 -11.06 8.27 21.16
N HIS B 83 -10.90 7.57 20.04
CA HIS B 83 -10.72 6.13 20.08
C HIS B 83 -9.42 5.80 20.79
N VAL B 84 -9.37 4.61 21.39
CA VAL B 84 -8.18 4.20 22.13
C VAL B 84 -6.97 4.18 21.22
N VAL B 85 -7.14 3.67 20.00
CA VAL B 85 -6.05 3.67 19.03
C VAL B 85 -5.64 5.09 18.67
N GLN B 86 -6.62 5.98 18.46
CA GLN B 86 -6.31 7.35 18.13
C GLN B 86 -5.62 8.07 19.29
N VAL B 87 -6.08 7.82 20.52
CA VAL B 87 -5.46 8.44 21.68
C VAL B 87 -4.02 7.96 21.84
N ALA B 88 -3.79 6.66 21.65
CA ALA B 88 -2.43 6.14 21.72
C ALA B 88 -1.56 6.70 20.61
N TRP B 89 -2.12 6.88 19.42
CA TRP B 89 -1.38 7.49 18.32
C TRP B 89 -0.98 8.91 18.65
N ARG B 90 -1.88 9.68 19.26
CA ARG B 90 -1.58 11.05 19.61
C ARG B 90 -0.55 11.14 20.74
N ASP B 91 -0.71 10.31 21.77
CA ASP B 91 0.22 10.35 22.90
C ASP B 91 1.62 9.95 22.50
N GLN B 92 1.74 8.93 21.66
CA GLN B 92 3.05 8.47 21.20
C GLN B 92 3.60 9.31 20.05
N GLN B 93 2.83 10.26 19.54
CA GLN B 93 3.26 11.14 18.45
C GLN B 93 3.68 10.33 17.23
N VAL B 94 2.89 9.30 16.92
CA VAL B 94 3.22 8.42 15.79
C VAL B 94 3.22 9.14 14.45
N PRO B 95 2.17 9.88 14.07
CA PRO B 95 2.11 10.37 12.68
C PRO B 95 3.23 11.36 12.37
N GLN B 96 3.97 11.07 11.30
CA GLN B 96 4.93 12.03 10.78
C GLN B 96 4.30 12.87 9.66
N CYS B 97 3.92 12.22 8.56
CA CYS B 97 3.22 12.89 7.48
C CYS B 97 1.73 12.61 7.48
N GLY B 98 1.30 11.52 8.11
CA GLY B 98 -0.10 11.26 8.34
C GLY B 98 -0.86 10.66 7.17
N TYR B 99 -0.20 10.41 6.04
CA TYR B 99 -0.93 9.86 4.90
C TYR B 99 -1.38 8.43 5.15
N CYS B 100 -0.50 7.61 5.71
CA CYS B 100 -0.86 6.22 6.00
C CYS B 100 -1.61 6.07 7.31
N GLN B 101 -1.60 7.09 8.16
CA GLN B 101 -2.01 6.90 9.55
C GLN B 101 -3.51 6.64 9.69
N SER B 102 -4.33 7.06 8.72
CA SER B 102 -5.73 6.66 8.76
C SER B 102 -5.88 5.16 8.59
N GLY B 103 -5.25 4.61 7.55
CA GLY B 103 -5.25 3.17 7.35
C GLY B 103 -4.55 2.43 8.46
N GLN B 104 -3.46 3.00 8.98
CA GLN B 104 -2.74 2.37 10.08
C GLN B 104 -3.62 2.30 11.33
N ILE B 105 -4.35 3.38 11.63
CA ILE B 105 -5.22 3.38 12.80
C ILE B 105 -6.37 2.40 12.62
N MET B 106 -6.95 2.35 11.41
CA MET B 106 -8.03 1.40 11.17
C MET B 106 -7.54 -0.04 11.31
N GLN B 107 -6.36 -0.33 10.76
CA GLN B 107 -5.81 -1.68 10.86
C GLN B 107 -5.45 -2.03 12.30
N ALA B 108 -4.96 -1.06 13.07
CA ALA B 108 -4.65 -1.30 14.48
C ALA B 108 -5.93 -1.57 15.27
N ALA B 109 -7.00 -0.84 14.97
CA ALA B 109 -8.28 -1.11 15.64
C ALA B 109 -8.77 -2.51 15.30
N SER B 110 -8.66 -2.91 14.03
CA SER B 110 -9.05 -4.26 13.65
C SER B 110 -8.20 -5.31 14.36
N LEU B 111 -6.89 -5.06 14.47
CA LEU B 111 -6.01 -6.00 15.16
C LEU B 111 -6.40 -6.11 16.63
N LEU B 112 -6.68 -4.99 17.28
CA LEU B 112 -7.11 -5.03 18.68
C LEU B 112 -8.42 -5.76 18.84
N LYS B 113 -9.30 -5.67 17.85
CA LYS B 113 -10.52 -6.48 17.88
C LYS B 113 -10.19 -7.96 17.73
N ASP B 114 -9.19 -8.29 16.90
CA ASP B 114 -8.80 -9.68 16.71
C ASP B 114 -7.98 -10.20 17.88
N TYR B 115 -6.86 -9.56 18.17
CA TYR B 115 -5.99 -9.96 19.27
C TYR B 115 -5.99 -8.87 20.34
N PRO B 116 -6.69 -9.07 21.46
CA PRO B 116 -6.68 -8.04 22.51
C PRO B 116 -5.30 -7.78 23.12
N ASN B 117 -4.39 -8.75 23.02
CA ASN B 117 -3.01 -8.62 23.50
C ASN B 117 -2.06 -8.91 22.35
N PRO B 118 -1.88 -7.97 21.45
CA PRO B 118 -1.00 -8.22 20.30
C PRO B 118 0.46 -8.32 20.69
N THR B 119 1.01 -9.53 20.63
CA THR B 119 2.43 -9.72 20.84
C THR B 119 3.20 -9.14 19.65
N ASP B 120 4.52 -9.25 19.71
CA ASP B 120 5.33 -8.77 18.60
C ASP B 120 5.02 -9.55 17.32
N ASP B 121 4.87 -10.86 17.43
CA ASP B 121 4.54 -11.68 16.27
C ASP B 121 3.18 -11.30 15.69
N GLN B 122 2.19 -11.10 16.56
CA GLN B 122 0.86 -10.73 16.09
C GLN B 122 0.87 -9.35 15.42
N ILE B 123 1.61 -8.41 15.99
CA ILE B 123 1.72 -7.08 15.39
C ILE B 123 2.38 -7.18 14.02
N ASP B 124 3.47 -7.96 13.91
CA ASP B 124 4.12 -8.13 12.63
C ASP B 124 3.20 -8.76 11.61
N GLY B 125 2.46 -9.79 12.02
CA GLY B 125 1.58 -10.48 11.09
C GLY B 125 0.43 -9.63 10.60
N VAL B 126 -0.20 -8.88 11.50
CA VAL B 126 -1.41 -8.14 11.12
C VAL B 126 -1.04 -6.81 10.46
N MET B 127 -0.08 -6.07 11.02
CA MET B 127 0.29 -4.77 10.51
C MET B 127 1.35 -4.84 9.41
N GLY B 128 1.77 -6.04 9.01
CA GLY B 128 2.74 -6.15 7.95
C GLY B 128 2.26 -5.59 6.63
N GLY B 129 0.96 -5.73 6.34
CA GLY B 129 0.43 -5.20 5.09
C GLY B 129 0.49 -3.69 5.03
N SER B 130 0.22 -3.02 6.15
CA SER B 130 0.26 -1.56 6.18
C SER B 130 1.68 -1.08 6.04
N LEU B 131 1.90 -0.12 5.13
CA LEU B 131 3.21 0.41 4.83
C LEU B 131 3.27 1.89 5.18
N CYS B 132 4.33 2.30 5.86
CA CYS B 132 4.56 3.69 6.21
C CYS B 132 5.88 4.12 5.60
N ARG B 133 5.83 5.06 4.65
CA ARG B 133 7.05 5.50 3.99
C ARG B 133 7.92 6.36 4.91
N CYS B 134 7.30 7.09 5.84
CA CYS B 134 8.06 7.85 6.81
C CYS B 134 8.74 6.96 7.84
N MET B 135 8.41 5.67 7.87
CA MET B 135 9.02 4.68 8.76
C MET B 135 8.81 5.06 10.23
N THR B 136 7.54 5.16 10.61
CA THR B 136 7.15 5.39 12.00
C THR B 136 6.80 4.08 12.71
N TYR B 137 7.38 2.97 12.27
CA TYR B 137 7.04 1.67 12.83
C TYR B 137 7.43 1.55 14.30
N ILE B 138 8.56 2.16 14.68
CA ILE B 138 9.00 2.11 16.07
C ILE B 138 7.93 2.70 16.98
N ARG B 139 7.37 3.84 16.60
CA ARG B 139 6.28 4.44 17.37
C ARG B 139 4.97 3.69 17.16
N ILE B 140 4.77 3.08 15.99
CA ILE B 140 3.54 2.36 15.73
C ILE B 140 3.38 1.18 16.69
N ARG B 141 4.46 0.43 16.89
CA ARG B 141 4.39 -0.73 17.79
C ARG B 141 4.10 -0.28 19.22
N LYS B 142 4.78 0.77 19.68
CA LYS B 142 4.55 1.26 21.03
C LYS B 142 3.12 1.77 21.20
N ALA B 143 2.60 2.46 20.18
CA ALA B 143 1.23 2.94 20.25
C ALA B 143 0.23 1.79 20.31
N ILE B 144 0.48 0.73 19.53
CA ILE B 144 -0.40 -0.43 19.55
C ILE B 144 -0.40 -1.07 20.93
N LYS B 145 0.79 -1.24 21.51
CA LYS B 145 0.87 -1.84 22.84
C LYS B 145 0.19 -0.97 23.88
N GLU B 146 0.37 0.35 23.81
CA GLU B 146 -0.26 1.25 24.76
C GLU B 146 -1.78 1.22 24.63
N ALA B 147 -2.29 1.20 23.40
CA ALA B 147 -3.73 1.11 23.19
C ALA B 147 -4.28 -0.20 23.73
N ALA B 148 -3.55 -1.30 23.53
CA ALA B 148 -3.97 -2.57 24.09
C ALA B 148 -4.02 -2.53 25.60
N SER B 149 -3.00 -1.94 26.23
CA SER B 149 -2.99 -1.85 27.69
C SER B 149 -4.15 -1.00 28.21
N ARG B 150 -4.44 0.11 27.54
CA ARG B 150 -5.57 0.93 27.95
C ARG B 150 -6.89 0.18 27.79
N GLN B 151 -7.03 -0.58 26.71
CA GLN B 151 -8.23 -1.38 26.50
C GLN B 151 -8.39 -2.41 27.61
N GLN B 152 -7.31 -3.07 27.99
CA GLN B 152 -7.39 -4.04 29.08
C GLN B 152 -7.73 -3.37 30.41
N GLU B 153 -7.22 -2.15 30.62
CA GLU B 153 -7.65 -1.38 31.79
C GLU B 153 -9.16 -1.19 31.74
N GLY B 154 -9.68 -0.85 30.58
CA GLY B 154 -11.12 -0.70 30.41
C GLY B 154 -11.87 -2.01 30.36
N ALA C 40 -1.83 32.59 3.41
CA ALA C 40 -2.53 32.04 4.56
C ALA C 40 -3.57 31.01 4.14
N ALA C 41 -3.28 29.74 4.40
CA ALA C 41 -4.18 28.65 4.01
C ALA C 41 -4.78 27.94 5.21
N THR C 42 -3.96 27.40 6.10
CA THR C 42 -4.45 26.59 7.22
C THR C 42 -3.66 26.94 8.48
N THR C 43 -4.33 27.58 9.43
CA THR C 43 -3.77 27.79 10.75
C THR C 43 -3.97 26.52 11.56
N LEU C 44 -2.87 25.93 12.05
CA LEU C 44 -2.92 24.54 12.49
C LEU C 44 -3.72 24.34 13.77
N PRO C 45 -3.33 24.91 14.93
CA PRO C 45 -4.07 24.60 16.15
C PRO C 45 -5.54 25.01 16.09
N SER C 46 -5.84 26.15 15.48
CA SER C 46 -7.19 26.66 15.32
C SER C 46 -7.10 27.92 14.47
N ALA C 47 -8.26 28.38 14.01
CA ALA C 47 -8.31 29.58 13.17
C ALA C 47 -7.94 30.82 13.97
N MET C 48 -7.26 31.74 13.30
CA MET C 48 -6.87 32.99 13.94
C MET C 48 -8.09 33.87 14.19
N PRO C 49 -8.12 34.60 15.30
CA PRO C 49 -9.26 35.49 15.58
C PRO C 49 -9.42 36.53 14.49
N PRO C 50 -10.66 36.87 14.13
CA PRO C 50 -10.93 37.86 13.09
C PRO C 50 -11.05 39.28 13.62
N GLU C 51 -10.04 39.73 14.36
CA GLU C 51 -10.02 41.07 14.94
C GLU C 51 -8.72 41.78 14.61
N ALA C 52 -8.30 41.69 13.34
CA ALA C 52 -7.03 42.25 12.88
C ALA C 52 -5.87 41.71 13.70
N ALA C 53 -4.70 42.33 13.56
CA ALA C 53 -3.52 41.90 14.30
C ALA C 53 -2.45 42.99 14.17
N PHE C 54 -1.46 42.91 15.04
CA PHE C 54 -0.28 43.75 14.96
C PHE C 54 0.88 42.91 14.44
N GLU C 55 1.51 43.38 13.36
CA GLU C 55 2.60 42.64 12.72
C GLU C 55 3.90 43.44 12.84
N PRO C 56 4.74 43.14 13.83
CA PRO C 56 6.05 43.80 13.89
C PRO C 56 6.92 43.49 12.69
N ASN C 57 6.71 42.33 12.07
CA ASN C 57 7.44 41.94 10.88
C ASN C 57 6.55 41.02 10.06
N ILE C 58 7.14 40.36 9.05
CA ILE C 58 6.38 39.49 8.16
C ILE C 58 6.30 38.07 8.68
N TRP C 59 6.92 37.76 9.82
CA TRP C 59 6.97 36.39 10.32
C TRP C 59 6.00 36.12 11.46
N CYS C 60 5.63 37.13 12.24
CA CYS C 60 4.75 36.92 13.38
C CYS C 60 3.73 38.05 13.46
N ALA C 61 2.58 37.73 14.02
CA ALA C 61 1.53 38.70 14.29
C ALA C 61 0.92 38.39 15.65
N ILE C 62 0.43 39.44 16.32
CA ILE C 62 -0.14 39.31 17.65
C ILE C 62 -1.56 39.86 17.61
N ALA C 63 -2.53 39.01 17.91
CA ALA C 63 -3.93 39.39 17.90
C ALA C 63 -4.29 40.15 19.18
N PRO C 64 -5.35 40.95 19.14
CA PRO C 64 -5.76 41.69 20.36
C PRO C 64 -6.18 40.79 21.51
N ASP C 65 -6.54 39.54 21.25
CA ASP C 65 -6.95 38.62 22.32
C ASP C 65 -5.79 37.80 22.85
N GLY C 66 -4.56 38.04 22.39
CA GLY C 66 -3.40 37.34 22.86
C GLY C 66 -2.86 36.27 21.94
N SER C 67 -3.63 35.87 20.92
CA SER C 67 -3.16 34.85 19.99
C SER C 67 -2.00 35.38 19.17
N ILE C 68 -1.02 34.50 18.91
CA ILE C 68 0.19 34.86 18.19
C ILE C 68 0.34 33.90 17.01
N ASN C 69 0.31 34.46 15.80
CA ASN C 69 0.40 33.68 14.57
C ASN C 69 1.80 33.75 14.00
N VAL C 70 2.32 32.62 13.58
CA VAL C 70 3.65 32.50 13.01
C VAL C 70 3.51 31.98 11.58
N ASN C 71 4.04 32.71 10.62
CA ASN C 71 3.94 32.36 9.21
C ASN C 71 5.06 31.39 8.85
N ILE C 72 4.70 30.18 8.43
CA ILE C 72 5.66 29.14 8.10
C ILE C 72 5.67 28.98 6.58
N VAL C 73 6.84 29.17 5.97
CA VAL C 73 6.99 28.98 4.54
C VAL C 73 7.62 27.63 4.18
N ARG C 74 8.11 26.89 5.18
CA ARG C 74 8.68 25.58 4.92
C ARG C 74 7.57 24.55 4.72
N ALA C 75 7.78 23.64 3.78
CA ALA C 75 6.79 22.62 3.48
C ALA C 75 6.63 21.67 4.67
N GLU C 76 5.38 21.30 4.96
CA GLU C 76 5.08 20.37 6.04
C GLU C 76 4.92 18.98 5.44
N MET C 77 6.04 18.36 5.10
CA MET C 77 6.03 17.02 4.53
C MET C 77 6.14 15.93 5.57
N GLY C 78 6.16 16.28 6.86
CA GLY C 78 6.17 15.26 7.89
C GLY C 78 7.19 15.47 8.98
N GLN C 79 8.03 16.49 8.84
CA GLN C 79 9.10 16.74 9.79
C GLN C 79 8.68 17.65 10.94
N HIS C 80 7.43 18.11 10.95
CA HIS C 80 6.92 19.02 11.99
C HIS C 80 7.79 20.27 12.10
N VAL C 81 8.11 20.86 10.95
CA VAL C 81 8.98 22.03 10.93
C VAL C 81 8.28 23.23 11.56
N GLY C 82 6.96 23.36 11.33
CA GLY C 82 6.24 24.50 11.87
C GLY C 82 6.28 24.55 13.38
N THR C 83 6.15 23.39 14.03
CA THR C 83 6.21 23.36 15.49
C THR C 83 7.58 23.80 16.01
N ALA C 84 8.66 23.34 15.37
CA ALA C 84 10.00 23.73 15.82
C ALA C 84 10.24 25.22 15.61
N LEU C 85 9.83 25.75 14.46
CA LEU C 85 10.01 27.17 14.20
C LEU C 85 9.18 28.02 15.16
N ALA C 86 7.96 27.57 15.45
CA ALA C 86 7.13 28.26 16.44
C ALA C 86 7.78 28.23 17.82
N ARG C 87 8.39 27.09 18.17
CA ARG C 87 9.10 27.01 19.44
C ARG C 87 10.23 28.02 19.50
N ILE C 88 11.01 28.13 18.42
CA ILE C 88 12.11 29.09 18.40
C ILE C 88 11.60 30.51 18.58
N ILE C 89 10.60 30.89 17.78
CA ILE C 89 10.13 32.28 17.80
C ILE C 89 9.42 32.59 19.10
N ALA C 90 8.72 31.62 19.70
CA ALA C 90 8.02 31.87 20.96
C ALA C 90 9.00 31.95 22.12
N ASP C 91 10.03 31.10 22.12
CA ASP C 91 11.03 31.17 23.16
C ASP C 91 11.80 32.48 23.11
N GLU C 92 12.14 32.95 21.90
CA GLU C 92 12.84 34.22 21.80
C GLU C 92 11.91 35.39 22.13
N MET C 93 10.64 35.30 21.71
CA MET C 93 9.68 36.36 21.98
C MET C 93 9.25 36.40 23.44
N ASP C 94 9.47 35.32 24.18
CA ASP C 94 8.99 35.17 25.56
C ASP C 94 7.46 35.28 25.59
N ALA C 95 6.82 34.32 24.93
CA ALA C 95 5.38 34.30 24.80
C ALA C 95 4.83 32.97 25.29
N ASP C 96 3.56 32.97 25.66
CA ASP C 96 2.90 31.74 26.10
C ASP C 96 2.74 30.79 24.93
N TRP C 97 3.13 29.53 25.12
CA TRP C 97 3.04 28.56 24.04
C TRP C 97 1.60 28.20 23.72
N ASP C 98 0.70 28.30 24.70
CA ASP C 98 -0.70 27.98 24.47
C ASP C 98 -1.40 28.98 23.57
N LYS C 99 -0.79 30.13 23.32
CA LYS C 99 -1.36 31.16 22.45
C LYS C 99 -0.71 31.18 21.07
N ILE C 100 0.06 30.16 20.72
CA ILE C 100 0.83 30.14 19.48
C ILE C 100 0.11 29.30 18.44
N LYS C 101 -0.14 29.88 17.27
CA LYS C 101 -0.67 29.19 16.12
C LYS C 101 0.27 29.41 14.94
N ILE C 102 0.29 28.45 14.03
CA ILE C 102 1.17 28.50 12.86
C ILE C 102 0.32 28.42 11.61
N THR C 103 0.60 29.30 10.65
CA THR C 103 -0.12 29.37 9.38
C THR C 103 0.83 28.98 8.26
N GLN C 104 0.45 27.95 7.50
CA GLN C 104 1.21 27.52 6.32
C GLN C 104 0.76 28.39 5.16
N VAL C 105 1.40 29.55 5.02
CA VAL C 105 0.96 30.55 4.05
C VAL C 105 1.22 30.07 2.64
N ASP C 106 0.41 30.57 1.71
CA ASP C 106 0.59 30.28 0.29
C ASP C 106 1.70 31.15 -0.28
N THR C 107 1.95 31.00 -1.58
CA THR C 107 2.97 31.80 -2.24
C THR C 107 2.47 33.23 -2.42
N ALA C 108 3.22 34.19 -1.89
CA ALA C 108 2.87 35.59 -1.97
C ALA C 108 4.12 36.40 -2.32
N PRO C 109 3.95 37.56 -2.96
CA PRO C 109 5.13 38.40 -3.25
C PRO C 109 5.83 38.90 -2.01
N LYS C 110 5.15 38.96 -0.87
CA LYS C 110 5.76 39.51 0.34
C LYS C 110 6.88 38.62 0.88
N TRP C 111 6.90 37.34 0.53
CA TRP C 111 7.95 36.45 0.99
C TRP C 111 9.03 36.22 -0.06
N ALA C 112 8.76 36.52 -1.33
CA ALA C 112 9.78 36.73 -2.36
C ALA C 112 10.74 35.55 -2.45
N GLY C 113 10.19 34.40 -2.85
CA GLY C 113 11.02 33.25 -3.14
C GLY C 113 11.73 32.65 -1.93
N LYS C 114 11.05 32.61 -0.78
CA LYS C 114 11.56 31.93 0.40
C LYS C 114 10.96 30.54 0.58
N TYR C 115 10.22 30.05 -0.42
CA TYR C 115 9.53 28.77 -0.31
C TYR C 115 10.43 27.66 -0.85
N VAL C 116 11.50 27.39 -0.10
CA VAL C 116 12.42 26.30 -0.39
C VAL C 116 12.54 25.44 0.86
N THR C 117 12.33 24.14 0.71
CA THR C 117 12.36 23.23 1.86
C THR C 117 13.10 21.96 1.42
N GLY C 118 14.40 21.95 1.64
CA GLY C 118 15.22 20.79 1.29
C GLY C 118 16.59 20.95 1.90
N GLY C 119 17.37 19.88 1.81
CA GLY C 119 18.72 19.90 2.32
C GLY C 119 18.82 20.10 3.81
N SER C 120 17.71 19.91 4.55
CA SER C 120 17.68 20.07 6.00
C SER C 120 18.13 21.45 6.44
N TRP C 121 17.74 22.47 5.69
CA TRP C 121 18.11 23.84 6.02
C TRP C 121 17.07 24.56 6.86
N SER C 122 15.92 23.94 7.13
CA SER C 122 14.79 24.67 7.71
C SER C 122 15.16 25.29 9.06
N VAL C 123 15.46 24.45 10.04
CA VAL C 123 15.80 24.96 11.37
C VAL C 123 17.09 25.75 11.33
N TRP C 124 18.10 25.23 10.62
CA TRP C 124 19.41 25.89 10.60
C TRP C 124 19.33 27.28 9.99
N ASP C 125 18.59 27.43 8.88
CA ASP C 125 18.47 28.74 8.26
C ASP C 125 17.50 29.65 8.99
N THR C 126 16.46 29.09 9.61
CA THR C 126 15.45 29.90 10.27
C THR C 126 15.82 30.29 11.69
N TRP C 127 16.89 29.71 12.25
CA TRP C 127 17.32 30.03 13.60
C TRP C 127 17.47 31.54 13.80
N ASP C 128 18.39 32.15 13.05
CA ASP C 128 18.68 33.57 13.23
C ASP C 128 17.47 34.43 12.88
N THR C 129 16.79 34.11 11.78
CA THR C 129 15.68 34.94 11.33
C THR C 129 14.55 34.96 12.35
N PHE C 130 14.15 33.79 12.84
CA PHE C 130 13.05 33.75 13.79
C PHE C 130 13.46 34.27 15.16
N ARG C 131 14.73 34.09 15.56
CA ARG C 131 15.17 34.70 16.80
C ARG C 131 15.11 36.22 16.71
N GLN C 132 15.55 36.79 15.58
CA GLN C 132 15.48 38.23 15.42
C GLN C 132 14.03 38.72 15.40
N ALA C 133 13.14 37.99 14.72
CA ALA C 133 11.74 38.39 14.67
C ALA C 133 11.10 38.36 16.06
N GLY C 134 11.36 37.29 16.81
CA GLY C 134 10.83 37.21 18.16
C GLY C 134 11.40 38.30 19.06
N ALA C 135 12.68 38.61 18.91
CA ALA C 135 13.28 39.68 19.68
C ALA C 135 12.63 41.03 19.37
N ALA C 136 12.36 41.28 18.08
CA ALA C 136 11.70 42.53 17.70
C ALA C 136 10.30 42.62 18.31
N ALA C 137 9.53 41.53 18.21
CA ALA C 137 8.19 41.54 18.77
C ALA C 137 8.23 41.74 20.29
N ARG C 138 9.16 41.07 20.97
CA ARG C 138 9.27 41.22 22.41
C ARG C 138 9.69 42.64 22.79
N SER C 139 10.58 43.24 22.01
CA SER C 139 11.00 44.61 22.29
C SER C 139 9.83 45.58 22.15
N VAL C 140 9.03 45.42 21.09
CA VAL C 140 7.86 46.27 20.93
C VAL C 140 6.90 46.09 22.10
N MET C 141 6.65 44.83 22.48
CA MET C 141 5.74 44.57 23.59
C MET C 141 6.26 45.16 24.89
N ILE C 142 7.56 45.03 25.15
CA ILE C 142 8.16 45.58 26.36
C ILE C 142 8.00 47.09 26.39
N GLU C 143 8.29 47.75 25.26
CA GLU C 143 8.20 49.22 25.23
C GLU C 143 6.76 49.67 25.47
N GLU C 144 5.80 49.01 24.81
CA GLU C 144 4.42 49.45 24.94
C GLU C 144 3.88 49.16 26.34
N GLY C 145 4.24 48.03 26.93
CA GLY C 145 3.85 47.77 28.30
C GLY C 145 4.44 48.76 29.27
N ALA C 146 5.71 49.13 29.06
CA ALA C 146 6.34 50.14 29.92
C ALA C 146 5.63 51.48 29.79
N LYS C 147 5.27 51.85 28.56
CA LYS C 147 4.55 53.12 28.37
C LYS C 147 3.18 53.08 29.04
N LEU C 148 2.47 51.95 28.92
CA LEU C 148 1.14 51.85 29.51
C LEU C 148 1.19 51.84 31.03
N LEU C 149 2.23 51.23 31.61
CA LEU C 149 2.37 51.14 33.05
C LEU C 149 3.08 52.33 33.67
N GLY C 150 3.50 53.31 32.87
CA GLY C 150 4.17 54.48 33.39
C GLY C 150 5.53 54.21 33.99
N THR C 151 6.32 53.35 33.36
CA THR C 151 7.67 53.04 33.82
C THR C 151 8.61 52.98 32.63
N THR C 152 9.90 53.18 32.89
CA THR C 152 10.89 53.06 31.84
C THR C 152 11.03 51.60 31.41
N PRO C 153 11.31 51.36 30.13
CA PRO C 153 11.44 49.97 29.66
C PRO C 153 12.59 49.21 30.29
N ASP C 154 13.58 49.88 30.88
CA ASP C 154 14.75 49.20 31.40
C ASP C 154 14.46 48.34 32.62
N ARG C 155 13.28 48.47 33.23
CA ARG C 155 12.95 47.68 34.42
C ARG C 155 11.83 46.69 34.19
N CYS C 156 10.95 46.92 33.22
CA CYS C 156 9.88 45.97 32.94
C CYS C 156 10.43 44.73 32.27
N THR C 157 9.88 43.58 32.61
CA THR C 157 10.31 42.30 32.05
C THR C 157 9.11 41.52 31.55
N ALA C 158 9.28 40.81 30.44
CA ALA C 158 8.20 40.08 29.80
C ALA C 158 8.45 38.59 29.89
N HIS C 159 7.41 37.84 30.24
CA HIS C 159 7.48 36.39 30.33
C HIS C 159 6.08 35.83 30.17
N GLU C 160 5.98 34.68 29.50
CA GLU C 160 4.71 33.96 29.37
C GLU C 160 3.59 34.86 28.87
N SER C 161 3.90 35.66 27.86
CA SER C 161 2.93 36.56 27.21
C SER C 161 2.33 37.55 28.20
N VAL C 162 3.14 38.03 29.15
CA VAL C 162 2.73 39.14 30.01
C VAL C 162 3.99 39.86 30.47
N VAL C 163 3.98 41.19 30.37
CA VAL C 163 5.09 42.02 30.79
C VAL C 163 4.68 42.73 32.07
N SER C 164 5.57 42.74 33.06
CA SER C 164 5.29 43.29 34.37
C SER C 164 6.43 44.19 34.80
N ALA C 165 6.10 45.14 35.68
CA ALA C 165 7.07 46.06 36.28
C ALA C 165 6.78 46.10 37.78
N GLY C 166 7.40 45.19 38.52
CA GLY C 166 7.14 45.07 39.94
C GLY C 166 5.85 44.32 40.21
N SER C 167 4.81 45.04 40.65
CA SER C 167 3.51 44.45 40.91
C SER C 167 2.56 44.58 39.72
N LYS C 168 2.58 45.72 39.03
CA LYS C 168 1.72 45.90 37.87
C LYS C 168 2.16 45.00 36.72
N SER C 169 1.17 44.52 35.96
CA SER C 169 1.43 43.62 34.85
C SER C 169 0.36 43.83 33.79
N ILE C 170 0.67 43.41 32.56
CA ILE C 170 -0.26 43.53 31.45
C ILE C 170 0.13 42.49 30.39
N SER C 171 -0.88 41.84 29.83
CA SER C 171 -0.66 40.79 28.85
C SER C 171 -0.39 41.40 27.48
N PHE C 172 0.10 40.55 26.56
CA PHE C 172 0.37 40.99 25.19
C PHE C 172 -0.90 41.43 24.49
N GLY C 173 -1.98 40.67 24.65
CA GLY C 173 -3.24 41.03 23.99
C GLY C 173 -3.78 42.36 24.48
N ASP C 174 -3.71 42.61 25.77
CA ASP C 174 -4.13 43.91 26.30
C ASP C 174 -3.25 45.02 25.74
N ILE C 175 -1.96 44.76 25.60
CA ILE C 175 -1.05 45.76 25.04
C ILE C 175 -1.46 46.11 23.62
N VAL C 176 -1.76 45.09 22.81
CA VAL C 176 -2.17 45.34 21.43
C VAL C 176 -3.50 46.08 21.39
N ALA C 177 -4.43 45.70 22.27
CA ALA C 177 -5.75 46.34 22.27
C ALA C 177 -5.68 47.80 22.69
N ARG C 178 -4.80 48.13 23.64
CA ARG C 178 -4.76 49.49 24.18
C ARG C 178 -3.77 50.37 23.41
N ALA C 179 -2.50 49.99 23.37
CA ALA C 179 -1.49 50.84 22.74
C ALA C 179 -1.66 50.90 21.22
N LYS C 180 -2.13 49.81 20.61
CA LYS C 180 -2.26 49.69 19.16
C LYS C 180 -0.94 50.03 18.48
N PRO C 181 0.11 49.22 18.68
CA PRO C 181 1.41 49.54 18.10
C PRO C 181 1.39 49.47 16.58
N THR C 182 2.26 50.28 15.97
CA THR C 182 2.37 50.33 14.51
C THR C 182 3.81 50.19 14.04
N ARG C 183 4.75 49.92 14.93
CA ARG C 183 6.14 49.81 14.53
C ARG C 183 6.35 48.56 13.69
N THR C 184 7.22 48.68 12.68
CA THR C 184 7.58 47.56 11.82
C THR C 184 9.09 47.48 11.71
N PHE C 185 9.60 46.26 11.53
CA PHE C 185 11.03 46.00 11.50
C PHE C 185 11.44 45.50 10.13
N THR C 186 12.39 46.18 9.52
CA THR C 186 13.09 45.68 8.36
C THR C 186 14.15 44.66 8.79
N PRO C 187 14.53 43.73 7.91
CA PRO C 187 15.49 42.69 8.32
C PRO C 187 16.81 43.24 8.85
N GLU C 188 17.33 44.32 8.26
CA GLU C 188 18.56 44.90 8.77
C GLU C 188 18.34 45.56 10.13
N GLU C 189 17.10 45.98 10.42
CA GLU C 189 16.81 46.52 11.74
C GLU C 189 16.82 45.42 12.80
N MET C 190 16.26 44.25 12.47
CA MET C 190 16.28 43.13 13.40
C MET C 190 17.65 42.51 13.53
N ALA C 191 18.51 42.65 12.52
CA ALA C 191 19.83 42.03 12.55
C ALA C 191 20.73 42.59 13.64
N LYS C 192 20.38 43.73 14.23
CA LYS C 192 21.19 44.36 15.27
C LYS C 192 20.52 44.35 16.63
N LEU C 193 19.55 43.46 16.84
CA LEU C 193 18.85 43.45 18.12
C LEU C 193 19.62 42.63 19.16
N PRO C 194 19.45 42.95 20.44
CA PRO C 194 20.13 42.18 21.50
C PRO C 194 19.47 40.84 21.77
N LEU C 195 19.85 39.81 21.01
CA LEU C 195 19.26 38.49 21.15
C LEU C 195 19.56 37.87 22.50
N LYS C 196 18.73 36.91 22.90
CA LYS C 196 18.91 36.22 24.17
C LYS C 196 20.16 35.34 24.13
N PRO C 197 20.76 35.05 25.28
CA PRO C 197 21.89 34.13 25.31
C PRO C 197 21.48 32.74 24.83
N THR C 198 22.41 32.07 24.15
CA THR C 198 22.15 30.76 23.57
C THR C 198 22.27 29.62 24.58
N GLY C 199 22.27 29.93 25.87
CA GLY C 199 22.42 28.91 26.90
C GLY C 199 21.14 28.13 27.15
N ASN C 200 20.84 27.86 28.41
CA ASN C 200 19.63 27.14 28.77
C ASN C 200 18.40 27.99 28.44
N ARG C 201 17.51 27.45 27.61
CA ARG C 201 16.33 28.16 27.17
C ARG C 201 15.09 27.67 27.93
N ARG C 202 13.96 28.34 27.67
CA ARG C 202 12.71 28.02 28.34
C ARG C 202 11.87 27.03 27.54
N LEU C 203 11.66 27.31 26.25
CA LEU C 203 10.86 26.43 25.40
C LEU C 203 11.69 25.55 24.49
N ILE C 204 12.88 26.00 24.08
CA ILE C 204 13.72 25.20 23.21
C ILE C 204 14.30 24.03 24.01
N SER C 205 14.46 22.88 23.33
CA SER C 205 14.98 21.65 23.93
C SER C 205 14.06 21.12 25.02
N LYS C 206 12.76 21.39 24.89
CA LYS C 206 11.75 20.86 25.80
C LYS C 206 10.74 20.05 24.99
N GLN C 207 10.23 18.97 25.59
CA GLN C 207 9.25 18.15 24.91
C GLN C 207 7.97 18.93 24.67
N VAL C 208 7.44 18.81 23.46
CA VAL C 208 6.22 19.52 23.07
C VAL C 208 5.49 18.70 22.01
N PRO C 209 4.18 18.49 22.15
CA PRO C 209 3.43 17.80 21.10
C PRO C 209 3.43 18.58 19.80
N ALA C 210 3.48 17.86 18.69
CA ALA C 210 3.43 18.50 17.38
C ALA C 210 2.02 19.01 17.10
N LEU C 211 1.94 20.13 16.37
CA LEU C 211 0.66 20.77 16.12
C LEU C 211 -0.17 20.08 15.04
N ASP C 212 0.47 19.36 14.12
CA ASP C 212 -0.25 18.72 13.02
C ASP C 212 -0.69 17.30 13.31
N ILE C 213 -0.15 16.67 14.35
CA ILE C 213 -0.48 15.27 14.63
C ILE C 213 -1.95 15.07 14.96
N PRO C 214 -2.60 15.90 15.80
CA PRO C 214 -4.02 15.65 16.08
C PRO C 214 -4.90 15.62 14.84
N ASP C 215 -4.61 16.48 13.86
CA ASP C 215 -5.39 16.46 12.63
C ASP C 215 -5.13 15.19 11.83
N LYS C 216 -3.89 14.71 11.82
CA LYS C 216 -3.54 13.53 11.06
C LYS C 216 -4.06 12.25 11.69
N THR C 217 -4.31 12.25 12.99
CA THR C 217 -4.83 11.04 13.63
C THR C 217 -6.31 10.82 13.32
N THR C 218 -7.09 11.88 13.17
CA THR C 218 -8.53 11.77 12.96
C THR C 218 -8.93 11.88 11.50
N GLY C 219 -7.97 11.83 10.58
CA GLY C 219 -8.27 11.95 9.16
C GLY C 219 -8.83 13.29 8.76
N LYS C 220 -8.39 14.38 9.40
CA LYS C 220 -8.84 15.72 9.08
C LYS C 220 -7.80 16.54 8.32
N ALA C 221 -6.56 16.07 8.24
CA ALA C 221 -5.54 16.78 7.49
C ALA C 221 -5.86 16.73 6.00
N ILE C 222 -5.77 17.89 5.34
CA ILE C 222 -6.11 18.01 3.93
C ILE C 222 -4.81 18.02 3.13
N TYR C 223 -4.69 17.08 2.20
CA TYR C 223 -3.54 16.97 1.34
C TYR C 223 -3.89 17.52 -0.04
N GLY C 224 -2.92 17.50 -0.95
CA GLY C 224 -3.17 17.96 -2.31
C GLY C 224 -4.21 17.11 -3.03
N ILE C 225 -4.25 15.81 -2.72
CA ILE C 225 -5.21 14.91 -3.35
C ILE C 225 -6.62 15.06 -2.79
N ASP C 226 -6.78 15.78 -1.68
CA ASP C 226 -8.08 15.99 -1.07
C ASP C 226 -8.75 17.29 -1.51
N VAL C 227 -8.15 18.03 -2.44
CA VAL C 227 -8.68 19.32 -2.85
C VAL C 227 -9.88 19.12 -3.77
N LYS C 228 -10.97 19.82 -3.47
CA LYS C 228 -12.18 19.76 -4.28
C LYS C 228 -12.59 21.18 -4.66
N LEU C 229 -12.79 21.40 -5.96
CA LEU C 229 -13.17 22.70 -6.49
C LEU C 229 -14.45 22.58 -7.31
N ASP C 230 -15.16 23.68 -7.43
CA ASP C 230 -16.39 23.70 -8.20
C ASP C 230 -16.11 23.49 -9.67
N GLY C 231 -16.91 22.63 -10.31
CA GLY C 231 -16.70 22.32 -11.71
C GLY C 231 -15.45 21.52 -12.00
N MET C 232 -14.96 20.79 -11.00
CA MET C 232 -13.71 20.04 -11.16
C MET C 232 -13.87 18.92 -12.17
N VAL C 233 -12.80 18.69 -12.94
CA VAL C 233 -12.76 17.60 -13.91
C VAL C 233 -11.49 16.81 -13.66
N TYR C 234 -11.63 15.49 -13.53
CA TYR C 234 -10.49 14.65 -13.19
C TYR C 234 -9.68 14.32 -14.43
N GLY C 235 -8.38 14.13 -14.23
CA GLY C 235 -7.48 13.86 -15.34
C GLY C 235 -6.43 12.84 -14.96
N ARG C 236 -6.04 12.04 -15.95
CA ARG C 236 -5.03 11.02 -15.78
C ARG C 236 -4.15 10.98 -17.03
N PRO C 237 -2.84 10.91 -16.87
CA PRO C 237 -1.95 10.92 -18.03
C PRO C 237 -1.67 9.52 -18.58
N LYS C 238 -1.27 9.49 -19.84
CA LYS C 238 -0.77 8.30 -20.50
C LYS C 238 0.72 8.49 -20.69
N MET C 239 1.51 7.76 -19.92
CA MET C 239 2.93 8.02 -19.84
C MET C 239 3.63 7.70 -21.17
N PRO C 240 4.49 8.59 -21.66
CA PRO C 240 5.26 8.28 -22.86
C PRO C 240 6.28 7.20 -22.59
N PRO C 241 6.77 6.50 -23.62
CA PRO C 241 7.74 5.42 -23.39
C PRO C 241 9.05 5.89 -22.79
N THR C 242 9.40 7.16 -22.90
CA THR C 242 10.63 7.69 -22.36
C THR C 242 10.35 9.01 -21.63
N ARG C 243 11.22 9.34 -20.68
CA ARG C 243 11.06 10.58 -19.93
C ARG C 243 11.23 11.79 -20.83
N TYR C 244 12.18 11.74 -21.77
CA TYR C 244 12.49 12.88 -22.62
C TYR C 244 12.43 12.45 -24.09
N ALA C 245 12.23 13.45 -24.96
CA ALA C 245 12.31 13.28 -26.41
C ALA C 245 11.33 12.22 -26.92
N ALA C 246 10.08 12.35 -26.48
CA ALA C 246 8.99 11.52 -26.97
C ALA C 246 7.98 12.39 -27.71
N LYS C 247 7.60 11.96 -28.91
CA LYS C 247 6.70 12.73 -29.75
C LYS C 247 5.45 11.91 -30.07
N VAL C 248 4.30 12.56 -29.97
CA VAL C 248 3.03 11.90 -30.26
C VAL C 248 2.77 11.99 -31.76
N ILE C 249 2.50 10.83 -32.38
CA ILE C 249 2.21 10.79 -33.81
C ILE C 249 0.70 10.88 -34.02
N SER C 250 -0.05 9.95 -33.40
CA SER C 250 -1.49 9.93 -33.54
C SER C 250 -2.11 9.42 -32.26
N VAL C 251 -3.34 9.87 -31.99
CA VAL C 251 -4.12 9.44 -30.84
C VAL C 251 -5.46 8.93 -31.34
N ASP C 252 -5.84 7.72 -30.90
CA ASP C 252 -7.12 7.11 -31.27
C ASP C 252 -7.98 7.04 -30.03
N ASP C 253 -9.00 7.90 -29.97
CA ASP C 253 -9.90 7.98 -28.82
C ASP C 253 -11.22 7.28 -29.05
N SER C 254 -11.33 6.49 -30.12
CA SER C 254 -12.59 5.80 -30.40
C SER C 254 -12.92 4.79 -29.31
N ALA C 255 -11.93 4.07 -28.82
CA ALA C 255 -12.17 3.11 -27.75
C ALA C 255 -12.56 3.80 -26.45
N ALA C 256 -11.95 4.95 -26.16
CA ALA C 256 -12.23 5.66 -24.92
C ALA C 256 -13.58 6.37 -24.94
N LYS C 257 -14.13 6.66 -26.11
CA LYS C 257 -15.42 7.35 -26.18
C LYS C 257 -16.56 6.50 -25.64
N LYS C 258 -16.38 5.19 -25.55
CA LYS C 258 -17.40 4.32 -24.97
C LYS C 258 -17.36 4.29 -23.45
N ILE C 259 -16.35 4.89 -22.84
CA ILE C 259 -16.26 4.96 -21.38
C ILE C 259 -17.23 6.03 -20.88
N PRO C 260 -18.16 5.70 -20.00
CA PRO C 260 -19.08 6.73 -19.48
C PRO C 260 -18.33 7.71 -18.59
N GLY C 261 -18.55 8.99 -18.85
CA GLY C 261 -17.90 10.06 -18.11
C GLY C 261 -16.69 10.65 -18.79
N TYR C 262 -16.13 9.98 -19.80
CA TYR C 262 -14.97 10.51 -20.49
C TYR C 262 -15.35 11.72 -21.31
N LEU C 263 -14.61 12.82 -21.13
CA LEU C 263 -14.91 14.09 -21.81
C LEU C 263 -14.09 14.27 -23.08
N ARG C 264 -12.76 14.27 -22.95
CA ARG C 264 -11.88 14.53 -24.09
C ARG C 264 -10.47 14.14 -23.68
N TYR C 265 -9.54 14.29 -24.62
CA TYR C 265 -8.12 14.11 -24.37
C TYR C 265 -7.37 15.34 -24.86
N VAL C 266 -6.29 15.68 -24.17
CA VAL C 266 -5.47 16.83 -24.53
C VAL C 266 -4.03 16.38 -24.71
N VAL C 267 -3.44 16.75 -25.84
CA VAL C 267 -2.02 16.52 -26.09
C VAL C 267 -1.26 17.74 -25.61
N LEU C 268 -0.43 17.57 -24.59
CA LEU C 268 0.20 18.70 -23.92
C LEU C 268 1.32 19.28 -24.77
N ASP C 269 1.25 20.58 -25.01
CA ASP C 269 2.32 21.32 -25.67
C ASP C 269 3.04 22.13 -24.61
N ASP C 270 4.29 21.76 -24.33
CA ASP C 270 5.02 22.33 -23.20
C ASP C 270 6.04 23.33 -23.68
N PRO C 271 5.85 24.63 -23.46
CA PRO C 271 6.90 25.60 -23.81
C PRO C 271 8.19 25.38 -23.04
N SER C 272 8.11 24.92 -21.79
CA SER C 272 9.31 24.70 -20.98
C SER C 272 9.97 23.36 -21.25
N GLY C 273 9.31 22.45 -21.96
CA GLY C 273 9.90 21.16 -22.26
C GLY C 273 10.16 20.30 -21.05
N ILE C 274 9.23 20.28 -20.10
CA ILE C 274 9.38 19.49 -18.88
C ILE C 274 8.62 18.18 -18.98
N VAL C 275 7.47 18.17 -19.62
CA VAL C 275 6.68 16.95 -19.80
C VAL C 275 6.39 16.77 -21.29
N PRO C 276 7.39 16.38 -22.09
CA PRO C 276 7.15 16.23 -23.52
C PRO C 276 6.42 14.94 -23.86
N GLY C 277 5.58 15.00 -24.88
CA GLY C 277 4.86 13.83 -25.33
C GLY C 277 3.86 13.27 -24.34
N TRP C 278 3.10 14.13 -23.67
CA TRP C 278 2.11 13.73 -22.70
C TRP C 278 0.71 13.83 -23.31
N VAL C 279 -0.14 12.87 -22.97
CA VAL C 279 -1.54 12.87 -23.38
C VAL C 279 -2.38 12.66 -22.13
N VAL C 280 -3.19 13.64 -21.78
CA VAL C 280 -4.00 13.60 -20.57
C VAL C 280 -5.44 13.33 -20.95
N ALA C 281 -6.04 12.30 -20.34
CA ALA C 281 -7.43 11.96 -20.54
C ALA C 281 -8.25 12.54 -19.40
N LEU C 282 -9.36 13.19 -19.73
CA LEU C 282 -10.20 13.88 -18.77
C LEU C 282 -11.57 13.23 -18.67
N ALA C 283 -12.12 13.25 -17.46
CA ALA C 283 -13.42 12.66 -17.20
C ALA C 283 -14.08 13.40 -16.05
N LYS C 284 -15.36 13.08 -15.83
CA LYS C 284 -16.09 13.65 -14.70
C LYS C 284 -15.73 12.97 -13.39
N THR C 285 -15.37 11.69 -13.44
CA THR C 285 -14.96 10.94 -12.25
C THR C 285 -13.58 10.34 -12.49
N TYR C 286 -12.83 10.16 -11.40
CA TYR C 286 -11.48 9.64 -11.54
C TYR C 286 -11.42 8.22 -12.10
N PRO C 287 -12.24 7.25 -11.65
CA PRO C 287 -12.18 5.93 -12.30
C PRO C 287 -12.47 5.99 -13.79
N ALA C 288 -13.38 6.86 -14.21
CA ALA C 288 -13.62 7.04 -15.64
C ALA C 288 -12.38 7.57 -16.34
N ALA C 289 -11.66 8.49 -15.69
CA ALA C 289 -10.42 9.00 -16.27
C ALA C 289 -9.37 7.89 -16.39
N ILE C 290 -9.27 7.04 -15.37
CA ILE C 290 -8.33 5.93 -15.40
C ILE C 290 -8.66 5.00 -16.57
N ARG C 291 -9.94 4.63 -16.71
CA ARG C 291 -10.33 3.73 -17.77
C ARG C 291 -10.12 4.36 -19.14
N ALA C 292 -10.42 5.66 -19.27
CA ALA C 292 -10.22 6.34 -20.54
C ALA C 292 -8.74 6.41 -20.91
N ALA C 293 -7.87 6.70 -19.95
CA ALA C 293 -6.45 6.72 -20.22
C ALA C 293 -5.94 5.33 -20.60
N ASP C 294 -6.46 4.29 -19.95
CA ASP C 294 -6.10 2.93 -20.32
C ASP C 294 -6.55 2.60 -21.74
N ALA C 295 -7.74 3.07 -22.12
CA ALA C 295 -8.33 2.74 -23.41
C ALA C 295 -7.83 3.63 -24.54
N LEU C 296 -7.07 4.67 -24.26
CA LEU C 296 -6.55 5.53 -25.32
C LEU C 296 -5.45 4.81 -26.09
N LYS C 297 -5.42 5.01 -27.40
CA LYS C 297 -4.44 4.41 -28.28
C LYS C 297 -3.55 5.53 -28.82
N VAL C 298 -2.33 5.63 -28.30
CA VAL C 298 -1.40 6.70 -28.64
C VAL C 298 -0.15 6.07 -29.24
N GLN C 299 0.27 6.60 -30.39
CA GLN C 299 1.49 6.17 -31.05
C GLN C 299 2.59 7.17 -30.75
N TRP C 300 3.77 6.67 -30.40
CA TRP C 300 4.87 7.50 -29.94
C TRP C 300 6.13 7.24 -30.74
N ASN C 301 7.00 8.25 -30.77
CA ASN C 301 8.38 8.06 -31.17
C ASN C 301 9.19 7.83 -29.90
N PRO C 302 9.76 6.64 -29.69
CA PRO C 302 10.29 6.31 -28.36
C PRO C 302 11.39 7.24 -27.87
N GLY C 303 12.24 7.73 -28.75
CA GLY C 303 13.36 8.54 -28.35
C GLY C 303 14.67 7.78 -28.42
N PRO C 304 15.78 8.47 -28.15
CA PRO C 304 17.10 7.84 -28.32
C PRO C 304 17.54 7.00 -27.12
N THR C 305 16.85 7.07 -25.99
CA THR C 305 17.23 6.34 -24.78
C THR C 305 16.20 5.27 -24.44
N ILE C 306 15.69 4.57 -25.46
CA ILE C 306 14.69 3.52 -25.24
C ILE C 306 15.30 2.18 -24.86
N ASN C 307 16.60 2.01 -25.05
CA ASN C 307 17.26 0.73 -24.79
C ASN C 307 18.53 0.94 -23.95
N VAL C 308 18.42 1.75 -22.91
CA VAL C 308 19.52 2.02 -21.99
C VAL C 308 19.23 1.31 -20.68
N SER C 309 20.19 0.52 -20.21
CA SER C 309 20.06 -0.25 -18.99
C SER C 309 20.95 0.35 -17.90
N GLU C 310 20.74 -0.14 -16.68
CA GLU C 310 21.53 0.33 -15.54
C GLU C 310 23.01 -0.01 -15.71
N ALA C 311 23.30 -1.19 -16.24
CA ALA C 311 24.68 -1.56 -16.50
C ALA C 311 25.33 -0.61 -17.50
N ASP C 312 24.56 -0.16 -18.49
CA ASP C 312 25.08 0.83 -19.44
C ASP C 312 25.43 2.13 -18.74
N ILE C 313 24.58 2.58 -17.81
CA ILE C 313 24.85 3.80 -17.08
C ILE C 313 26.11 3.66 -16.23
N ILE C 314 26.26 2.51 -15.56
CA ILE C 314 27.44 2.30 -14.73
C ILE C 314 28.70 2.23 -15.58
N GLU C 315 28.62 1.58 -16.75
CA GLU C 315 29.78 1.52 -17.63
C GLU C 315 30.15 2.90 -18.16
N HIS C 316 29.15 3.72 -18.50
CA HIS C 316 29.44 5.09 -18.91
C HIS C 316 30.08 5.87 -17.78
N GLY C 317 29.61 5.67 -16.54
CA GLY C 317 30.24 6.31 -15.40
C GLY C 317 31.69 5.89 -15.23
N ARG C 318 31.98 4.60 -15.42
CA ARG C 318 33.36 4.13 -15.35
C ARG C 318 34.21 4.79 -16.43
N LYS C 319 33.70 4.87 -17.65
CA LYS C 319 34.44 5.50 -18.73
C LYS C 319 34.71 6.97 -18.44
N LEU C 320 33.70 7.67 -17.90
CA LEU C 320 33.88 9.08 -17.55
C LEU C 320 34.93 9.24 -16.45
N ALA C 321 34.89 8.38 -15.43
CA ALA C 321 35.83 8.48 -14.33
C ALA C 321 37.24 8.08 -14.73
N ALA C 322 37.40 7.29 -15.80
CA ALA C 322 38.73 6.89 -16.22
C ALA C 322 39.56 8.08 -16.65
N ASP C 323 38.97 9.02 -17.36
CA ASP C 323 39.70 10.19 -17.85
C ASP C 323 39.91 11.18 -16.70
N PRO C 324 41.16 11.50 -16.33
CA PRO C 324 41.37 12.45 -15.23
C PRO C 324 40.89 13.86 -15.52
N LYS C 325 40.77 14.24 -16.79
CA LYS C 325 40.34 15.59 -17.14
C LYS C 325 38.86 15.83 -16.92
N ASN C 326 38.06 14.76 -16.85
CA ASN C 326 36.62 14.91 -16.69
C ASN C 326 36.26 15.38 -15.29
N GLY C 327 35.12 16.04 -15.18
CA GLY C 327 34.58 16.43 -13.90
C GLY C 327 35.21 17.70 -13.34
N THR C 328 34.62 18.18 -12.25
CA THR C 328 35.08 19.37 -11.57
C THR C 328 35.61 18.99 -10.20
N ARG C 329 36.83 19.43 -9.90
CA ARG C 329 37.46 19.12 -8.62
C ARG C 329 36.84 19.98 -7.53
N VAL C 330 36.15 19.32 -6.58
CA VAL C 330 35.54 20.06 -5.47
C VAL C 330 36.62 20.74 -4.64
N PHE C 331 37.68 20.01 -4.31
CA PHE C 331 38.95 20.64 -3.94
C PHE C 331 40.08 19.78 -4.47
N ASN C 332 41.11 20.47 -4.99
CA ASN C 332 42.27 19.82 -5.61
C ASN C 332 43.53 20.44 -5.00
N ASP C 333 44.01 19.83 -3.92
CA ASP C 333 45.27 20.27 -3.34
C ASP C 333 46.42 19.98 -4.30
N LYS C 334 47.44 20.84 -4.25
CA LYS C 334 48.60 20.65 -5.10
C LYS C 334 49.36 19.40 -4.69
N GLY C 335 49.93 18.72 -5.68
CA GLY C 335 50.75 17.55 -5.42
C GLY C 335 50.02 16.24 -5.26
N VAL C 336 48.75 16.17 -5.60
CA VAL C 336 48.03 14.90 -5.51
C VAL C 336 48.60 13.88 -6.49
N ASP C 337 48.85 14.32 -7.73
CA ASP C 337 49.40 13.41 -8.74
C ASP C 337 50.80 12.94 -8.35
N GLU C 338 51.63 13.86 -7.85
CA GLU C 338 52.97 13.48 -7.43
C GLU C 338 52.92 12.51 -6.26
N ALA C 339 52.01 12.74 -5.32
CA ALA C 339 51.88 11.82 -4.19
C ALA C 339 51.41 10.45 -4.63
N LEU C 340 50.50 10.39 -5.60
CA LEU C 340 49.95 9.10 -6.02
C LEU C 340 50.94 8.32 -6.87
N THR C 341 51.65 8.98 -7.77
CA THR C 341 52.48 8.29 -8.75
C THR C 341 53.94 8.15 -8.34
N ILE C 342 54.32 8.62 -7.14
CA ILE C 342 55.71 8.48 -6.72
C ILE C 342 56.01 7.02 -6.39
N HIS C 343 55.08 6.31 -5.77
CA HIS C 343 55.25 4.91 -5.39
C HIS C 343 54.07 4.12 -5.93
N PRO C 344 54.17 3.61 -7.16
CA PRO C 344 53.06 2.84 -7.73
C PRO C 344 52.72 1.58 -6.95
N GLY C 345 53.68 1.01 -6.23
CA GLY C 345 53.44 -0.18 -5.45
C GLY C 345 52.79 0.04 -4.10
N GLN C 346 52.51 1.29 -3.74
CA GLN C 346 51.88 1.58 -2.46
C GLN C 346 50.58 2.35 -2.66
N VAL C 347 49.75 1.89 -3.60
CA VAL C 347 48.49 2.54 -3.93
C VAL C 347 47.36 1.59 -3.62
N PHE C 348 46.38 2.05 -2.86
CA PHE C 348 45.20 1.27 -2.46
C PHE C 348 43.99 1.90 -3.13
N GLU C 349 43.36 1.16 -4.04
CA GLU C 349 42.24 1.68 -4.81
C GLU C 349 41.04 0.75 -4.70
N ARG C 350 39.86 1.35 -4.57
CA ARG C 350 38.61 0.60 -4.49
C ARG C 350 37.52 1.35 -5.25
N SER C 351 36.50 0.60 -5.68
CA SER C 351 35.35 1.14 -6.38
C SER C 351 34.07 0.62 -5.76
N TYR C 352 33.09 1.50 -5.61
CA TYR C 352 31.82 1.19 -4.96
C TYR C 352 30.68 1.71 -5.82
N THR C 353 29.66 0.89 -6.00
CA THR C 353 28.52 1.23 -6.84
C THR C 353 27.23 1.19 -6.02
N CYS C 354 26.31 2.07 -6.39
CA CYS C 354 24.99 2.15 -5.76
C CYS C 354 23.92 2.10 -6.84
N ALA C 355 22.93 1.24 -6.64
CA ALA C 355 21.87 1.03 -7.62
C ALA C 355 20.80 2.12 -7.48
N SER C 356 19.83 2.09 -8.37
CA SER C 356 18.76 3.08 -8.36
C SER C 356 17.83 2.84 -7.17
N VAL C 357 17.31 3.94 -6.64
CA VAL C 357 16.34 3.91 -5.55
C VAL C 357 15.17 4.80 -5.93
N ALA C 358 13.95 4.34 -5.66
CA ALA C 358 12.75 5.09 -5.94
C ALA C 358 12.18 5.70 -4.67
N HIS C 359 11.60 6.90 -4.80
CA HIS C 359 11.01 7.57 -3.65
C HIS C 359 9.87 6.75 -3.07
N TYR C 360 8.92 6.37 -3.90
CA TYR C 360 7.66 5.76 -3.47
C TYR C 360 7.06 6.51 -2.30
N GLN C 361 6.91 7.82 -2.47
CA GLN C 361 6.13 8.60 -1.51
C GLN C 361 4.68 8.14 -1.57
N LEU C 362 4.04 8.06 -0.41
CA LEU C 362 2.74 7.40 -0.34
C LEU C 362 1.69 8.13 -1.15
N GLU C 363 1.67 9.46 -1.09
CA GLU C 363 0.71 10.21 -1.88
C GLU C 363 1.22 10.36 -3.30
N PRO C 364 0.54 9.80 -4.30
CA PRO C 364 1.02 9.94 -5.68
C PRO C 364 0.98 11.39 -6.13
N VAL C 365 1.89 11.73 -7.04
CA VAL C 365 2.01 13.11 -7.50
C VAL C 365 0.72 13.52 -8.20
N ASN C 366 0.17 14.65 -7.78
CA ASN C 366 -1.10 15.13 -8.30
C ASN C 366 -1.18 16.64 -8.10
N ALA C 367 -2.08 17.27 -8.82
CA ALA C 367 -2.25 18.72 -8.69
C ALA C 367 -3.59 19.13 -9.28
N VAL C 368 -4.21 20.13 -8.66
CA VAL C 368 -5.41 20.76 -9.18
C VAL C 368 -5.01 22.12 -9.73
N ALA C 369 -5.53 22.47 -10.90
CA ALA C 369 -5.19 23.72 -11.53
C ALA C 369 -6.44 24.42 -12.02
N ARG C 370 -6.47 25.74 -11.89
CA ARG C 370 -7.60 26.51 -12.41
C ARG C 370 -7.15 27.94 -12.66
N HIS C 371 -7.99 28.68 -13.38
CA HIS C 371 -7.75 30.09 -13.69
C HIS C 371 -8.96 30.87 -13.20
N ILE C 372 -8.82 31.53 -12.06
CA ILE C 372 -9.93 32.24 -11.43
C ILE C 372 -9.47 33.65 -11.06
N ASP C 373 -10.32 34.64 -11.34
CA ASP C 373 -10.06 36.04 -11.00
C ASP C 373 -8.75 36.54 -11.61
N GLY C 374 -8.47 36.11 -12.84
CA GLY C 374 -7.26 36.55 -13.51
C GLY C 374 -5.99 36.10 -12.82
N MET C 375 -5.95 34.87 -12.33
CA MET C 375 -4.78 34.35 -11.65
C MET C 375 -4.81 32.83 -11.72
N TRP C 376 -3.67 32.23 -12.02
CA TRP C 376 -3.56 30.78 -12.17
C TRP C 376 -3.29 30.16 -10.81
N GLU C 377 -4.28 29.47 -10.27
CA GLU C 377 -4.18 28.84 -8.95
C GLU C 377 -3.81 27.37 -9.13
N ILE C 378 -2.77 26.95 -8.41
CA ILE C 378 -2.32 25.56 -8.40
C ILE C 378 -2.40 25.05 -6.97
N HIS C 379 -3.22 24.03 -6.75
CA HIS C 379 -3.39 23.41 -5.45
C HIS C 379 -2.65 22.07 -5.46
N THR C 380 -1.55 21.99 -4.71
CA THR C 380 -0.74 20.79 -4.65
C THR C 380 0.21 20.91 -3.47
N GLY C 381 0.79 19.77 -3.09
CA GLY C 381 1.83 19.76 -2.10
C GLY C 381 3.21 19.83 -2.74
N ASN C 382 3.96 20.89 -2.46
CA ASN C 382 5.26 21.10 -3.09
C ASN C 382 6.29 21.46 -2.02
N GLN C 383 7.54 21.07 -2.29
CA GLN C 383 8.64 21.37 -1.39
C GLN C 383 9.37 22.65 -1.76
N TRP C 384 9.45 22.96 -3.05
CA TRP C 384 10.22 24.10 -3.55
C TRP C 384 9.30 24.89 -4.49
N GLN C 385 8.50 25.78 -3.92
CA GLN C 385 7.59 26.58 -4.74
C GLN C 385 8.30 27.68 -5.50
N SER C 386 9.34 28.26 -4.91
CA SER C 386 10.08 29.35 -5.57
C SER C 386 10.82 28.87 -6.80
N LEU C 387 11.06 27.58 -6.93
CA LEU C 387 11.73 27.04 -8.11
C LEU C 387 10.74 26.68 -9.22
N ILE C 388 9.56 26.16 -8.85
CA ILE C 388 8.59 25.73 -9.84
C ILE C 388 7.68 26.86 -10.28
N LEU C 389 7.58 27.95 -9.53
CA LEU C 389 6.77 29.08 -9.96
C LEU C 389 7.25 29.68 -11.28
N PRO C 390 8.55 29.98 -11.48
CA PRO C 390 8.97 30.47 -12.79
C PRO C 390 8.69 29.47 -13.91
N GLN C 391 8.86 28.18 -13.64
CA GLN C 391 8.60 27.17 -14.65
C GLN C 391 7.12 27.11 -15.01
N LEU C 392 6.25 27.20 -14.00
CA LEU C 392 4.81 27.24 -14.28
C LEU C 392 4.44 28.47 -15.08
N ALA C 393 5.02 29.63 -14.74
CA ALA C 393 4.73 30.84 -15.48
C ALA C 393 5.20 30.73 -16.92
N LYS C 394 6.38 30.14 -17.14
CA LYS C 394 6.88 29.95 -18.51
C LYS C 394 6.00 28.99 -19.29
N SER C 395 5.57 27.90 -18.67
CA SER C 395 4.71 26.93 -19.35
C SER C 395 3.36 27.54 -19.71
N LEU C 396 2.78 28.32 -18.79
CA LEU C 396 1.49 28.95 -19.05
C LEU C 396 1.63 30.23 -19.87
N GLN C 397 2.84 30.68 -20.16
CA GLN C 397 3.09 31.89 -20.93
C GLN C 397 2.41 33.11 -20.28
N VAL C 398 2.57 33.22 -18.97
CA VAL C 398 2.02 34.33 -18.20
C VAL C 398 3.12 34.90 -17.32
N PRO C 399 2.98 36.15 -16.91
CA PRO C 399 3.95 36.73 -15.95
C PRO C 399 3.93 35.96 -14.64
N GLU C 400 5.09 35.96 -13.97
CA GLU C 400 5.25 35.18 -12.75
C GLU C 400 4.30 35.64 -11.65
N GLU C 401 3.86 36.90 -11.70
CA GLU C 401 2.95 37.41 -10.67
C GLU C 401 1.53 36.91 -10.84
N GLN C 402 1.22 36.20 -11.92
CA GLN C 402 -0.12 35.71 -12.18
C GLN C 402 -0.29 34.22 -11.82
N VAL C 403 0.68 33.64 -11.12
CA VAL C 403 0.62 32.25 -10.70
C VAL C 403 0.74 32.20 -9.18
N VAL C 404 -0.19 31.51 -8.53
CA VAL C 404 -0.19 31.34 -7.09
C VAL C 404 -0.37 29.87 -6.77
N MET C 405 0.40 29.37 -5.81
CA MET C 405 0.37 27.97 -5.41
C MET C 405 -0.14 27.88 -3.98
N ARG C 406 -1.33 27.32 -3.81
CA ARG C 406 -1.85 27.04 -2.48
C ARG C 406 -1.11 25.86 -1.86
N THR C 407 -0.84 25.95 -0.57
CA THR C 407 -0.05 24.95 0.13
C THR C 407 -0.95 24.04 0.94
N TYR C 408 -0.71 22.73 0.82
CA TYR C 408 -1.42 21.71 1.57
C TYR C 408 -0.40 20.79 2.21
N MET C 409 -0.88 19.93 3.12
CA MET C 409 0.00 18.96 3.74
C MET C 409 0.52 17.99 2.68
N LEU C 410 1.79 17.62 2.81
CA LEU C 410 2.46 16.75 1.86
C LEU C 410 2.39 15.31 2.34
N GLY C 411 2.02 14.40 1.45
CA GLY C 411 2.00 12.99 1.78
C GLY C 411 3.38 12.36 1.67
N GLY C 412 4.39 13.06 2.19
CA GLY C 412 5.75 12.59 2.10
C GLY C 412 6.49 13.19 0.92
N GLY C 413 7.46 14.06 1.19
CA GLY C 413 8.24 14.64 0.11
C GLY C 413 9.46 13.81 -0.25
N PHE C 414 10.35 13.60 0.72
CA PHE C 414 11.58 12.82 0.53
C PHE C 414 12.39 13.29 -0.66
N GLY C 415 12.22 14.55 -1.07
CA GLY C 415 12.89 15.07 -2.24
C GLY C 415 12.15 14.89 -3.54
N ARG C 416 11.07 14.11 -3.54
CA ARG C 416 10.29 13.93 -4.76
C ARG C 416 9.52 15.19 -5.11
N ARG C 417 8.99 15.89 -4.12
CA ARG C 417 8.21 17.10 -4.35
C ARG C 417 9.08 18.33 -4.57
N LEU C 418 10.40 18.21 -4.45
CA LEU C 418 11.28 19.28 -4.90
C LEU C 418 11.22 19.45 -6.41
N ASN C 419 10.87 18.38 -7.12
CA ASN C 419 10.81 18.43 -8.58
C ASN C 419 9.75 19.41 -9.05
N GLY C 420 8.48 19.13 -8.73
CA GLY C 420 7.40 20.00 -9.15
C GLY C 420 6.97 19.84 -10.58
N ASP C 421 7.50 18.85 -11.31
CA ASP C 421 7.13 18.65 -12.70
C ASP C 421 5.72 18.10 -12.86
N TYR C 422 5.07 17.68 -11.77
CA TYR C 422 3.71 17.18 -11.83
C TYR C 422 2.67 18.29 -11.85
N CYS C 423 3.05 19.51 -11.45
CA CYS C 423 2.09 20.62 -11.48
C CYS C 423 1.87 21.16 -12.88
N ILE C 424 2.90 21.08 -13.73
CA ILE C 424 2.78 21.66 -15.07
C ILE C 424 1.73 20.97 -15.93
N PRO C 425 1.66 19.63 -16.00
CA PRO C 425 0.60 19.01 -16.83
C PRO C 425 -0.80 19.40 -16.41
N ALA C 426 -1.05 19.54 -15.10
CA ALA C 426 -2.37 19.97 -14.64
C ALA C 426 -2.70 21.37 -15.13
N ALA C 427 -1.72 22.27 -15.04
CA ALA C 427 -1.94 23.65 -15.51
C ALA C 427 -2.18 23.67 -17.02
N LEU C 428 -1.41 22.89 -17.77
CA LEU C 428 -1.60 22.85 -19.22
C LEU C 428 -2.95 22.27 -19.60
N ALA C 429 -3.38 21.21 -18.91
CA ALA C 429 -4.70 20.64 -19.17
C ALA C 429 -5.80 21.63 -18.85
N SER C 430 -5.67 22.36 -17.75
CA SER C 430 -6.65 23.38 -17.42
C SER C 430 -6.68 24.48 -18.48
N LYS C 431 -5.51 24.90 -18.95
CA LYS C 431 -5.45 25.91 -20.00
C LYS C 431 -6.06 25.42 -21.30
N ALA C 432 -6.00 24.10 -21.55
CA ALA C 432 -6.55 23.57 -22.80
C ALA C 432 -8.05 23.74 -22.88
N ILE C 433 -8.75 23.76 -21.74
CA ILE C 433 -10.21 23.84 -21.72
C ILE C 433 -10.69 25.21 -21.29
N GLY C 434 -9.81 26.20 -21.27
CA GLY C 434 -10.22 27.57 -20.98
C GLY C 434 -10.08 28.01 -19.54
N GLY C 435 -9.40 27.24 -18.70
CA GLY C 435 -9.20 27.62 -17.31
C GLY C 435 -10.12 26.94 -16.32
N ALA C 436 -10.97 26.03 -16.76
CA ALA C 436 -11.80 25.28 -15.85
C ALA C 436 -10.92 24.39 -14.97
N PRO C 437 -11.33 24.12 -13.73
CA PRO C 437 -10.48 23.33 -12.83
C PRO C 437 -10.23 21.94 -13.38
N VAL C 438 -8.99 21.48 -13.24
CA VAL C 438 -8.61 20.12 -13.63
C VAL C 438 -7.76 19.54 -12.51
N LYS C 439 -8.18 18.39 -12.01
CA LYS C 439 -7.45 17.66 -10.96
C LYS C 439 -6.75 16.49 -11.63
N LEU C 440 -5.46 16.67 -11.91
CA LEU C 440 -4.66 15.61 -12.53
C LEU C 440 -4.06 14.76 -11.42
N ILE C 441 -4.40 13.47 -11.43
CA ILE C 441 -3.90 12.52 -10.44
C ILE C 441 -3.20 11.38 -11.19
N LEU C 442 -2.00 11.05 -10.75
CA LEU C 442 -1.22 9.97 -11.34
C LEU C 442 -1.41 8.70 -10.52
N THR C 443 -1.62 7.58 -11.22
CA THR C 443 -1.65 6.30 -10.53
C THR C 443 -0.23 5.91 -10.11
N ARG C 444 -0.13 4.80 -9.37
CA ARG C 444 1.16 4.39 -8.86
C ARG C 444 2.12 4.01 -10.00
N SER C 445 1.61 3.36 -11.05
CA SER C 445 2.47 3.04 -12.18
C SER C 445 2.96 4.31 -12.87
N ASP C 446 2.07 5.27 -13.09
CA ASP C 446 2.48 6.53 -13.70
C ASP C 446 3.42 7.30 -12.79
N ASP C 447 3.15 7.28 -11.48
CA ASP C 447 4.02 7.98 -10.54
C ASP C 447 5.43 7.38 -10.54
N MET C 448 5.53 6.05 -10.61
CA MET C 448 6.84 5.40 -10.64
C MET C 448 7.54 5.62 -11.98
N GLU C 449 6.77 5.68 -13.08
CA GLU C 449 7.39 6.00 -14.37
C GLU C 449 7.94 7.42 -14.37
N LEU C 450 7.19 8.37 -13.82
CA LEU C 450 7.62 9.76 -13.77
C LEU C 450 8.58 10.04 -12.61
N ASP C 451 8.76 9.08 -11.70
CA ASP C 451 9.57 9.30 -10.52
C ASP C 451 10.99 9.71 -10.89
N SER C 452 11.49 10.77 -10.25
CA SER C 452 12.86 11.23 -10.43
C SER C 452 13.75 10.42 -9.50
N ILE C 453 14.02 9.18 -9.93
CA ILE C 453 14.73 8.22 -9.08
C ILE C 453 16.15 8.72 -8.79
N ARG C 454 16.72 8.18 -7.72
CA ARG C 454 18.12 8.42 -7.40
C ARG C 454 18.99 7.68 -8.41
N SER C 455 19.81 8.43 -9.14
CA SER C 455 20.60 7.84 -10.21
C SER C 455 21.61 6.84 -9.63
N PRO C 456 21.84 5.73 -10.31
CA PRO C 456 22.92 4.83 -9.90
C PRO C 456 24.27 5.55 -9.98
N SER C 457 25.12 5.29 -9.01
CA SER C 457 26.36 6.03 -8.86
C SER C 457 27.54 5.07 -8.75
N ILE C 458 28.71 5.53 -9.18
CA ILE C 458 29.94 4.78 -9.00
C ILE C 458 31.03 5.71 -8.49
N GLN C 459 31.71 5.30 -7.43
CA GLN C 459 32.75 6.11 -6.80
C GLN C 459 34.03 5.31 -6.73
N THR C 460 35.14 5.92 -7.13
CA THR C 460 36.46 5.31 -7.04
C THR C 460 37.32 6.13 -6.10
N ILE C 461 37.89 5.46 -5.10
CA ILE C 461 38.75 6.09 -4.11
C ILE C 461 40.11 5.41 -4.17
N LYS C 462 41.17 6.20 -4.37
CA LYS C 462 42.52 5.69 -4.49
C LYS C 462 43.45 6.52 -3.62
N VAL C 463 44.18 5.86 -2.73
CA VAL C 463 45.07 6.54 -1.80
C VAL C 463 46.49 6.03 -2.01
N ALA C 464 47.44 6.92 -1.73
CA ALA C 464 48.86 6.58 -1.67
C ALA C 464 49.32 6.73 -0.24
N LEU C 465 49.91 5.66 0.30
CA LEU C 465 50.34 5.59 1.69
C LEU C 465 51.82 5.94 1.81
N ASP C 466 52.30 5.98 3.05
CA ASP C 466 53.70 6.28 3.33
C ASP C 466 54.52 5.00 3.24
N ASN C 467 55.80 5.09 3.62
CA ASN C 467 56.67 3.92 3.55
C ASN C 467 56.28 2.86 4.55
N ASP C 468 55.73 3.25 5.70
CA ASP C 468 55.34 2.29 6.73
C ASP C 468 53.99 1.64 6.45
N ARG C 469 53.28 2.08 5.42
CA ARG C 469 51.97 1.54 5.06
C ARG C 469 50.99 1.65 6.23
N LYS C 470 51.01 2.80 6.91
CA LYS C 470 50.12 3.02 8.05
C LYS C 470 49.33 4.30 7.89
N LYS C 471 49.93 5.31 7.28
CA LYS C 471 49.34 6.63 7.15
C LYS C 471 49.00 6.93 5.70
N ILE C 472 47.90 7.65 5.51
CA ILE C 472 47.48 8.10 4.19
C ILE C 472 48.24 9.37 3.84
N VAL C 473 48.91 9.36 2.69
CA VAL C 473 49.67 10.51 2.22
C VAL C 473 48.88 11.29 1.17
N GLY C 474 48.31 10.60 0.20
CA GLY C 474 47.55 11.26 -0.85
C GLY C 474 46.23 10.55 -1.11
N MET C 475 45.24 11.34 -1.53
CA MET C 475 43.90 10.84 -1.77
C MET C 475 43.37 11.33 -3.11
N ASP C 476 42.63 10.47 -3.81
CA ASP C 476 41.98 10.80 -5.07
C ASP C 476 40.59 10.18 -5.05
N TYR C 477 39.57 11.03 -5.04
CA TYR C 477 38.18 10.61 -4.95
C TYR C 477 37.45 11.05 -6.20
N VAL C 478 36.74 10.14 -6.85
CA VAL C 478 35.89 10.47 -7.98
C VAL C 478 34.53 9.82 -7.77
N ALA C 479 33.47 10.52 -8.17
CA ALA C 479 32.11 10.04 -8.00
C ALA C 479 31.29 10.47 -9.21
N VAL C 480 30.78 9.49 -9.96
CA VAL C 480 30.00 9.74 -11.16
C VAL C 480 28.57 9.31 -10.91
N ALA C 481 27.63 10.22 -11.13
CA ALA C 481 26.21 9.98 -10.94
C ALA C 481 25.45 11.06 -11.70
N GLY C 482 24.13 10.89 -11.75
CA GLY C 482 23.29 11.94 -12.30
C GLY C 482 23.26 13.16 -11.42
N TRP C 483 23.04 14.32 -12.04
CA TRP C 483 23.06 15.59 -11.31
C TRP C 483 21.66 16.19 -11.31
N PRO C 484 20.85 15.98 -10.27
CA PRO C 484 19.50 16.56 -10.25
C PRO C 484 19.50 18.07 -10.28
N THR C 485 20.48 18.73 -9.66
CA THR C 485 20.50 20.19 -9.66
C THR C 485 20.87 20.72 -11.04
N GLN C 486 21.74 20.03 -11.77
CA GLN C 486 22.07 20.45 -13.12
C GLN C 486 20.87 20.34 -14.06
N VAL C 487 19.84 19.59 -13.69
CA VAL C 487 18.67 19.39 -14.51
C VAL C 487 17.52 20.30 -14.11
N MET C 488 17.19 20.32 -12.82
CA MET C 488 16.03 21.08 -12.35
C MET C 488 16.37 22.53 -12.00
N ALA C 489 17.45 22.74 -11.27
CA ALA C 489 17.80 24.07 -10.76
C ALA C 489 19.24 24.39 -11.13
N PRO C 490 19.50 24.66 -12.42
CA PRO C 490 20.89 24.94 -12.84
C PRO C 490 21.47 26.19 -12.22
N ALA C 491 20.64 27.12 -11.74
CA ALA C 491 21.13 28.34 -11.13
C ALA C 491 21.66 28.14 -9.72
N PHE C 492 21.45 26.96 -9.12
CA PHE C 492 21.87 26.68 -7.76
C PHE C 492 23.11 25.80 -7.69
N LEU C 493 23.81 25.61 -8.80
CA LEU C 493 25.03 24.82 -8.79
C LEU C 493 26.13 25.54 -8.02
N ALA C 494 26.92 24.78 -7.29
CA ALA C 494 28.03 25.33 -6.52
C ALA C 494 29.29 25.38 -7.37
N THR C 495 30.26 26.16 -6.91
CA THR C 495 31.54 26.32 -7.59
C THR C 495 32.64 25.67 -6.77
N GLY C 496 33.39 24.77 -7.39
CA GLY C 496 34.47 24.08 -6.72
C GLY C 496 35.76 24.86 -6.73
N GLU C 497 36.80 24.23 -6.19
CA GLU C 497 38.13 24.86 -6.18
C GLU C 497 38.73 24.89 -7.58
N ASP C 498 38.22 24.10 -8.51
CA ASP C 498 38.65 24.18 -9.90
C ASP C 498 38.12 25.43 -10.59
N GLY C 499 37.13 26.10 -10.00
CA GLY C 499 36.46 27.21 -10.66
C GLY C 499 35.33 26.83 -11.58
N LYS C 500 34.94 25.56 -11.60
CA LYS C 500 33.89 25.07 -12.47
C LYS C 500 32.65 24.71 -11.65
N LYS C 501 31.48 24.93 -12.25
CA LYS C 501 30.22 24.64 -11.57
C LYS C 501 30.06 23.14 -11.36
N TYR C 502 29.45 22.78 -10.23
CA TYR C 502 29.20 21.38 -9.93
C TYR C 502 27.93 21.28 -9.10
N ASP C 503 27.39 20.07 -9.04
CA ASP C 503 26.18 19.81 -8.27
C ASP C 503 26.56 19.58 -6.80
N PRO C 504 26.13 20.45 -5.88
CA PRO C 504 26.41 20.19 -4.47
C PRO C 504 25.76 18.92 -3.96
N PHE C 505 24.64 18.51 -4.55
CA PHE C 505 23.90 17.34 -4.12
C PHE C 505 24.26 16.10 -4.94
N ALA C 506 25.51 16.02 -5.41
CA ALA C 506 26.02 14.81 -6.04
C ALA C 506 27.43 14.47 -5.60
N ILE C 507 28.06 15.29 -4.76
CA ILE C 507 29.42 15.03 -4.29
C ILE C 507 29.49 15.24 -2.79
N ALA C 508 28.44 15.83 -2.21
CA ALA C 508 28.44 16.13 -0.78
C ALA C 508 28.63 14.86 0.03
N GLY C 509 29.40 14.96 1.10
CA GLY C 509 29.79 13.81 1.89
C GLY C 509 31.14 13.24 1.52
N ALA C 510 31.63 13.55 0.31
CA ALA C 510 32.98 13.18 -0.08
C ALA C 510 34.01 14.21 0.35
N ASP C 511 33.59 15.45 0.60
CA ASP C 511 34.47 16.49 1.14
C ASP C 511 34.66 16.21 2.64
N HIS C 512 35.40 15.14 2.90
CA HIS C 512 35.56 14.64 4.26
C HIS C 512 36.43 15.57 5.09
N TRP C 513 36.41 15.36 6.40
CA TRP C 513 37.21 16.12 7.34
C TRP C 513 38.45 15.36 7.80
N TYR C 514 38.78 14.25 7.15
CA TYR C 514 39.96 13.49 7.52
C TYR C 514 41.23 14.21 7.06
N GLU C 515 42.34 13.87 7.70
CA GLU C 515 43.65 14.40 7.35
C GLU C 515 44.34 13.38 6.45
N THR C 516 44.15 13.52 5.15
CA THR C 516 44.67 12.58 4.16
C THR C 516 45.74 13.23 3.27
N GLY C 517 46.41 14.26 3.76
CA GLY C 517 47.40 14.95 2.98
C GLY C 517 46.77 15.65 1.79
N PRO C 518 47.52 15.77 0.69
CA PRO C 518 46.93 16.33 -0.54
C PRO C 518 45.73 15.51 -1.01
N THR C 519 44.56 16.12 -0.98
CA THR C 519 43.31 15.44 -1.30
C THR C 519 42.68 16.09 -2.52
N ARG C 520 42.25 15.26 -3.47
CA ARG C 520 41.53 15.72 -4.65
C ARG C 520 40.18 15.01 -4.70
N VAL C 521 39.11 15.78 -4.70
CA VAL C 521 37.75 15.25 -4.77
C VAL C 521 37.12 15.74 -6.06
N ARG C 522 36.66 14.80 -6.89
CA ARG C 522 36.16 15.08 -8.22
C ARG C 522 34.71 14.65 -8.35
N ALA C 523 33.89 15.48 -8.97
CA ALA C 523 32.50 15.17 -9.26
C ALA C 523 32.29 15.20 -10.76
N ILE C 524 31.77 14.11 -11.32
CA ILE C 524 31.55 13.96 -12.75
C ILE C 524 30.06 13.78 -12.98
N SER C 525 29.52 14.49 -13.97
CA SER C 525 28.10 14.41 -14.29
C SER C 525 27.88 13.31 -15.34
N ASN C 526 27.04 12.35 -15.01
CA ASN C 526 26.71 11.26 -15.93
C ASN C 526 25.67 11.77 -16.92
N ASP C 527 26.13 12.11 -18.14
CA ASP C 527 25.20 12.59 -19.15
C ASP C 527 24.24 11.51 -19.60
N LEU C 528 24.66 10.25 -19.58
CA LEU C 528 23.75 9.16 -19.93
C LEU C 528 22.58 9.08 -18.95
N ALA C 529 22.86 9.25 -17.65
CA ALA C 529 21.79 9.24 -16.67
C ALA C 529 20.88 10.44 -16.84
N ASN C 530 21.45 11.61 -17.14
CA ASN C 530 20.64 12.81 -17.33
C ASN C 530 19.73 12.68 -18.54
N ALA C 531 20.23 12.09 -19.63
CA ALA C 531 19.43 11.93 -20.84
C ALA C 531 18.39 10.83 -20.70
N THR C 532 18.76 9.70 -20.08
CA THR C 532 17.86 8.56 -20.01
C THR C 532 16.65 8.86 -19.15
N PHE C 533 16.86 9.36 -17.94
CA PHE C 533 15.78 9.65 -17.02
C PHE C 533 16.07 10.99 -16.36
N ARG C 534 15.25 11.36 -15.38
CA ARG C 534 15.44 12.62 -14.67
C ARG C 534 16.03 12.31 -13.31
N PRO C 535 17.33 12.49 -13.09
CA PRO C 535 17.90 12.25 -11.76
C PRO C 535 17.27 13.17 -10.75
N GLY C 536 16.98 12.63 -9.56
CA GLY C 536 16.22 13.36 -8.57
C GLY C 536 16.93 13.36 -7.22
N TRP C 537 16.41 14.20 -6.32
CA TRP C 537 16.90 14.28 -4.96
C TRP C 537 16.16 13.27 -4.10
N LEU C 538 16.90 12.38 -3.47
CA LEU C 538 16.36 11.47 -2.47
C LEU C 538 16.67 12.00 -1.08
N ARG C 539 16.11 11.34 -0.08
CA ARG C 539 16.43 11.70 1.30
C ARG C 539 17.92 11.55 1.53
N SER C 540 18.53 12.57 2.13
CA SER C 540 19.97 12.66 2.27
C SER C 540 20.65 12.50 0.92
N VAL C 541 20.34 13.43 0.02
CA VAL C 541 20.77 13.32 -1.37
C VAL C 541 22.29 13.45 -1.43
N SER C 542 22.94 12.42 -2.00
CA SER C 542 24.38 12.34 -2.21
C SER C 542 25.16 12.14 -0.92
N ALA C 543 24.49 12.26 0.22
CA ALA C 543 25.09 11.94 1.50
C ALA C 543 24.70 10.56 1.99
N GLY C 544 23.95 9.81 1.19
CA GLY C 544 23.58 8.46 1.54
C GLY C 544 24.48 7.42 0.90
N TRP C 545 25.23 7.82 -0.12
CA TRP C 545 26.13 6.88 -0.80
C TRP C 545 27.59 7.30 -0.77
N THR C 546 27.90 8.58 -0.68
CA THR C 546 29.30 8.96 -0.49
C THR C 546 29.87 8.44 0.82
N PRO C 547 29.19 8.57 1.97
CA PRO C 547 29.72 7.92 3.18
C PRO C 547 29.83 6.42 3.04
N TRP C 548 28.96 5.78 2.27
CA TRP C 548 29.06 4.34 2.05
C TRP C 548 30.43 3.99 1.50
N ALA C 549 30.79 4.57 0.35
CA ALA C 549 32.08 4.30 -0.26
C ALA C 549 33.22 4.73 0.65
N LEU C 550 33.12 5.92 1.26
CA LEU C 550 34.24 6.46 2.03
C LEU C 550 34.53 5.59 3.26
N GLU C 551 33.49 5.26 4.03
CA GLU C 551 33.69 4.49 5.24
C GLU C 551 34.06 3.05 4.94
N CYS C 552 33.45 2.44 3.91
CA CYS C 552 33.85 1.09 3.54
C CYS C 552 35.30 1.06 3.09
N PHE C 553 35.73 2.07 2.32
CA PHE C 553 37.12 2.13 1.89
C PHE C 553 38.06 2.33 3.07
N LEU C 554 37.70 3.19 4.02
CA LEU C 554 38.54 3.40 5.18
C LEU C 554 38.69 2.13 6.00
N ASP C 555 37.59 1.40 6.19
CA ASP C 555 37.69 0.13 6.92
C ASP C 555 38.52 -0.89 6.15
N GLU C 556 38.37 -0.93 4.82
CA GLU C 556 39.16 -1.85 4.02
C GLU C 556 40.65 -1.54 4.13
N LEU C 557 41.00 -0.26 4.08
CA LEU C 557 42.39 0.15 4.22
C LEU C 557 42.93 -0.15 5.60
N ALA C 558 42.10 0.06 6.64
CA ALA C 558 42.52 -0.25 8.00
C ALA C 558 42.80 -1.73 8.17
N HIS C 559 41.91 -2.57 7.63
CA HIS C 559 42.11 -4.02 7.75
C HIS C 559 43.28 -4.50 6.90
N SER C 560 43.51 -3.88 5.75
CA SER C 560 44.63 -4.28 4.90
C SER C 560 45.97 -3.87 5.47
N THR C 561 46.01 -2.86 6.33
CA THR C 561 47.24 -2.39 6.95
C THR C 561 47.40 -2.86 8.38
N LYS C 562 46.56 -3.80 8.82
CA LYS C 562 46.59 -4.34 10.19
C LYS C 562 46.45 -3.22 11.22
N GLN C 563 45.33 -2.53 11.15
CA GLN C 563 45.04 -1.40 12.03
C GLN C 563 43.62 -1.49 12.53
N ASP C 564 43.39 -0.92 13.71
CA ASP C 564 42.04 -0.84 14.25
C ASP C 564 41.28 0.27 13.54
N PRO C 565 40.12 0.00 12.95
CA PRO C 565 39.41 1.04 12.20
C PRO C 565 39.06 2.27 13.03
N LEU C 566 38.70 2.09 14.30
CA LEU C 566 38.38 3.24 15.14
C LEU C 566 39.61 4.10 15.41
N ALA C 567 40.72 3.46 15.80
CA ALA C 567 41.94 4.21 16.03
C ALA C 567 42.46 4.83 14.73
N PHE C 568 42.33 4.12 13.62
CA PHE C 568 42.73 4.66 12.32
C PHE C 568 41.94 5.91 11.97
N ARG C 569 40.62 5.87 12.19
CA ARG C 569 39.79 7.03 11.93
C ARG C 569 40.14 8.19 12.86
N LEU C 570 40.35 7.89 14.14
CA LEU C 570 40.62 8.95 15.12
C LEU C 570 41.97 9.59 14.88
N SER C 571 42.94 8.85 14.33
CA SER C 571 44.26 9.41 14.09
C SER C 571 44.24 10.43 12.96
N MET C 572 43.28 10.34 12.05
CA MET C 572 43.17 11.26 10.93
C MET C 572 42.20 12.41 11.21
N PHE C 573 41.63 12.48 12.42
CA PHE C 573 40.78 13.60 12.81
C PHE C 573 41.59 14.68 13.52
N THR C 574 42.64 15.16 12.87
CA THR C 574 43.52 16.15 13.47
C THR C 574 42.94 17.56 13.42
N ALA C 575 41.93 17.80 12.57
CA ALA C 575 41.27 19.10 12.45
C ALA C 575 42.25 20.22 12.16
N GLN C 576 43.21 19.96 11.27
CA GLN C 576 44.19 20.95 10.85
C GLN C 576 44.00 21.28 9.38
N GLY C 577 44.20 22.53 9.04
CA GLY C 577 44.04 22.98 7.66
C GLY C 577 42.62 23.40 7.38
N ARG C 578 42.04 22.86 6.29
CA ARG C 578 40.67 23.18 5.93
C ARG C 578 39.66 22.61 6.92
N ASN C 579 40.06 21.64 7.74
CA ASN C 579 39.17 20.99 8.68
C ASN C 579 39.18 21.64 10.05
N ALA C 580 39.85 22.79 10.21
CA ALA C 580 39.90 23.45 11.50
C ALA C 580 38.52 23.90 11.97
N GLY C 581 37.59 24.11 11.06
CA GLY C 581 36.24 24.50 11.45
C GLY C 581 36.05 26.00 11.49
N GLN C 582 34.83 26.42 11.19
CA GLN C 582 34.45 27.82 11.15
C GLN C 582 33.42 28.09 12.25
N ALA C 583 32.91 29.33 12.28
CA ALA C 583 31.91 29.72 13.23
C ALA C 583 30.76 30.42 12.52
N PRO C 584 29.53 30.27 13.00
CA PRO C 584 29.10 29.47 14.15
C PRO C 584 28.65 28.06 13.77
N ASN C 585 28.82 27.64 12.52
CA ASN C 585 28.26 26.36 12.09
C ASN C 585 29.12 25.17 12.51
N SER C 586 30.33 25.09 11.97
CA SER C 586 31.23 23.97 12.26
C SER C 586 32.27 24.36 13.30
N VAL C 587 31.80 24.69 14.49
CA VAL C 587 32.70 25.10 15.57
C VAL C 587 33.43 23.87 16.11
N GLY C 588 34.74 23.92 16.13
CA GLY C 588 35.57 22.82 16.58
C GLY C 588 36.15 21.97 15.47
N GLY C 589 35.56 22.01 14.28
CA GLY C 589 36.12 21.29 13.15
C GLY C 589 35.97 19.78 13.27
N ALA C 590 36.90 19.07 12.63
CA ALA C 590 36.84 17.61 12.57
C ALA C 590 36.82 17.00 13.96
N LYS C 591 37.42 17.67 14.95
CA LYS C 591 37.40 17.18 16.32
C LYS C 591 35.98 16.86 16.76
N ARG C 592 35.02 17.73 16.44
CA ARG C 592 33.63 17.48 16.79
C ARG C 592 33.18 16.12 16.29
N GLN C 593 33.45 15.81 15.02
CA GLN C 593 33.13 14.49 14.48
C GLN C 593 33.79 13.41 15.32
N ALA C 594 35.09 13.55 15.57
CA ALA C 594 35.78 12.56 16.40
C ALA C 594 35.06 12.36 17.70
N ALA C 595 34.57 13.44 18.30
CA ALA C 595 33.87 13.35 19.57
C ALA C 595 32.74 12.34 19.49
N VAL C 596 31.85 12.49 18.50
CA VAL C 596 30.73 11.57 18.42
C VAL C 596 31.22 10.16 18.19
N LEU C 597 32.25 10.01 17.35
CA LEU C 597 32.83 8.68 17.14
C LEU C 597 33.30 8.10 18.45
N GLN C 598 34.03 8.90 19.24
CA GLN C 598 34.47 8.41 20.54
C GLN C 598 33.29 8.04 21.40
N ARG C 599 32.22 8.86 21.36
CA ARG C 599 31.03 8.54 22.13
C ARG C 599 30.49 7.17 21.73
N LEU C 600 30.44 6.91 20.42
CA LEU C 600 29.98 5.61 19.98
C LEU C 600 30.88 4.50 20.51
N ALA C 601 32.19 4.72 20.48
CA ALA C 601 33.13 3.71 20.98
C ALA C 601 32.94 3.46 22.46
N ASP C 602 32.31 4.39 23.18
CA ASP C 602 32.00 4.17 24.58
C ASP C 602 30.59 3.64 24.80
N LYS C 603 29.68 3.90 23.85
CA LYS C 603 28.29 3.46 24.03
C LYS C 603 28.13 1.97 23.76
N ILE C 604 28.96 1.40 22.89
CA ILE C 604 28.78 0.03 22.44
C ILE C 604 29.83 -0.91 23.02
N GLY C 605 30.76 -0.42 23.82
CA GLY C 605 31.80 -1.28 24.35
C GLY C 605 32.70 -1.82 23.26
N TYR C 606 33.14 -0.94 22.35
CA TYR C 606 33.90 -1.37 21.19
C TYR C 606 35.18 -2.11 21.58
N ALA C 607 35.83 -1.67 22.66
CA ALA C 607 37.13 -2.24 23.02
C ALA C 607 37.02 -3.71 23.41
N ASN C 608 36.01 -4.07 24.19
CA ASN C 608 35.90 -5.41 24.77
C ASN C 608 34.61 -6.10 24.32
N LYS C 609 34.23 -5.92 23.07
CA LYS C 609 33.01 -6.53 22.54
C LYS C 609 33.33 -7.95 22.09
N GLN C 610 32.80 -8.93 22.81
CA GLN C 610 32.93 -10.34 22.45
C GLN C 610 31.60 -10.82 21.88
N LEU C 611 31.64 -11.38 20.68
CA LEU C 611 30.44 -11.78 19.97
C LEU C 611 30.55 -13.22 19.52
N PRO C 612 29.42 -13.92 19.37
CA PRO C 612 29.47 -15.31 18.90
C PRO C 612 29.92 -15.41 17.44
N ALA C 613 30.00 -16.63 16.93
CA ALA C 613 30.46 -16.85 15.57
C ALA C 613 29.50 -16.23 14.57
N ASP C 614 30.07 -15.75 13.45
CA ASP C 614 29.31 -15.13 12.37
C ASP C 614 28.56 -13.89 12.83
N THR C 615 29.07 -13.22 13.86
CA THR C 615 28.50 -11.97 14.35
C THR C 615 29.60 -10.92 14.42
N GLY C 616 29.27 -9.71 13.99
CA GLY C 616 30.25 -8.64 13.95
C GLY C 616 29.62 -7.30 14.24
N ILE C 617 30.48 -6.32 14.50
CA ILE C 617 30.07 -4.95 14.75
C ILE C 617 30.85 -4.04 13.81
N GLY C 618 30.15 -3.19 13.09
CA GLY C 618 30.76 -2.26 12.14
C GLY C 618 30.41 -0.83 12.46
N ILE C 619 31.40 0.06 12.35
CA ILE C 619 31.24 1.46 12.68
C ILE C 619 31.45 2.30 11.43
N ALA C 620 30.75 3.43 11.36
CA ALA C 620 30.88 4.34 10.24
C ALA C 620 30.45 5.74 10.67
N THR C 621 31.23 6.74 10.29
CA THR C 621 30.98 8.12 10.69
C THR C 621 30.88 9.02 9.45
N SER C 622 30.20 10.14 9.62
CA SER C 622 30.04 11.12 8.56
C SER C 622 29.80 12.49 9.20
N PHE C 623 29.95 13.53 8.39
CA PHE C 623 29.76 14.89 8.87
C PHE C 623 28.40 15.46 8.51
N GLY C 624 27.49 14.64 8.01
CA GLY C 624 26.12 15.07 7.76
C GLY C 624 25.88 15.39 6.30
N GLN C 625 25.26 16.54 6.04
CA GLN C 625 24.80 16.89 4.71
C GLN C 625 25.84 17.68 3.93
N GLU C 626 26.35 18.77 4.49
CA GLU C 626 27.27 19.64 3.77
C GLU C 626 28.32 20.18 4.74
N ARG C 627 29.43 20.66 4.18
CA ARG C 627 30.47 21.26 4.99
C ARG C 627 30.00 22.55 5.64
N GLY C 628 29.18 23.33 4.93
CA GLY C 628 28.68 24.58 5.50
C GLY C 628 27.76 24.36 6.69
N MET C 629 26.94 23.32 6.63
CA MET C 629 26.03 22.96 7.72
C MET C 629 26.26 21.49 8.02
N PRO C 630 27.21 21.18 8.90
CA PRO C 630 27.51 19.77 9.21
C PRO C 630 26.74 19.26 10.42
N THR C 631 26.34 18.00 10.33
CA THR C 631 25.68 17.29 11.43
C THR C 631 26.50 16.02 11.67
N TRP C 632 27.50 16.12 12.54
CA TRP C 632 28.42 15.03 12.81
C TRP C 632 27.69 13.82 13.38
N THR C 633 27.66 12.72 12.64
CA THR C 633 26.95 11.53 13.06
C THR C 633 27.86 10.32 12.96
N ALA C 634 27.59 9.33 13.81
CA ALA C 634 28.30 8.07 13.82
C ALA C 634 27.29 6.96 14.08
N ALA C 635 27.56 5.78 13.52
CA ALA C 635 26.66 4.65 13.66
C ALA C 635 27.45 3.37 13.82
N ALA C 636 26.88 2.44 14.57
CA ALA C 636 27.41 1.11 14.74
C ALA C 636 26.30 0.09 14.52
N ALA C 637 26.63 -0.99 13.83
CA ALA C 637 25.65 -2.03 13.52
C ALA C 637 26.17 -3.37 13.99
N GLN C 638 25.32 -4.12 14.69
CA GLN C 638 25.61 -5.50 15.07
C GLN C 638 24.89 -6.42 14.10
N ILE C 639 25.64 -7.25 13.38
CA ILE C 639 25.13 -8.00 12.26
C ILE C 639 25.49 -9.47 12.44
N HIS C 640 24.50 -10.34 12.26
CA HIS C 640 24.71 -11.79 12.18
C HIS C 640 24.42 -12.25 10.76
N VAL C 641 25.38 -12.94 10.16
CA VAL C 641 25.29 -13.37 8.76
C VAL C 641 25.12 -14.88 8.74
N ASP C 642 24.04 -15.34 8.11
CA ASP C 642 23.80 -16.77 7.94
C ASP C 642 24.66 -17.28 6.78
N ARG C 643 25.59 -18.19 7.08
CA ARG C 643 26.52 -18.63 6.05
C ARG C 643 25.87 -19.52 5.00
N LYS C 644 24.69 -20.07 5.28
CA LYS C 644 24.01 -20.95 4.34
C LYS C 644 23.14 -20.16 3.36
N THR C 645 22.19 -19.39 3.88
CA THR C 645 21.27 -18.63 3.05
C THR C 645 21.77 -17.25 2.70
N GLY C 646 22.82 -16.76 3.37
CA GLY C 646 23.32 -15.42 3.11
C GLY C 646 22.49 -14.30 3.71
N VAL C 647 21.51 -14.63 4.55
CA VAL C 647 20.64 -13.61 5.13
C VAL C 647 21.40 -12.81 6.17
N VAL C 648 21.29 -11.48 6.10
CA VAL C 648 21.94 -10.58 7.02
C VAL C 648 20.86 -9.97 7.91
N THR C 649 21.01 -10.16 9.23
CA THR C 649 20.05 -9.67 10.20
C THR C 649 20.74 -8.69 11.14
N CYS C 650 20.15 -7.52 11.31
CA CYS C 650 20.70 -6.48 12.18
C CYS C 650 20.13 -6.66 13.58
N GLN C 651 20.97 -7.07 14.53
CA GLN C 651 20.52 -7.26 15.90
C GLN C 651 20.35 -5.92 16.63
N LYS C 652 21.23 -4.96 16.36
CA LYS C 652 21.14 -3.66 17.02
C LYS C 652 21.81 -2.62 16.14
N LEU C 653 21.33 -1.38 16.24
CA LEU C 653 21.85 -0.25 15.47
C LEU C 653 21.94 0.95 16.40
N TRP C 654 23.16 1.36 16.71
CA TRP C 654 23.43 2.53 17.53
C TRP C 654 23.73 3.74 16.65
N LEU C 655 23.19 4.89 17.01
CA LEU C 655 23.47 6.15 16.33
C LEU C 655 23.77 7.23 17.36
N VAL C 656 24.78 8.05 17.08
CA VAL C 656 25.13 9.20 17.90
C VAL C 656 25.26 10.40 16.99
N LEU C 657 24.53 11.47 17.29
CA LEU C 657 24.48 12.65 16.44
C LEU C 657 24.77 13.90 17.24
N ASP C 658 25.41 14.87 16.59
CA ASP C 658 25.71 16.17 17.17
C ASP C 658 25.16 17.22 16.22
N ALA C 659 23.88 17.58 16.42
CA ALA C 659 23.21 18.57 15.59
C ALA C 659 23.12 19.92 16.29
N GLY C 660 24.03 20.21 17.21
CA GLY C 660 23.94 21.44 17.96
C GLY C 660 22.75 21.42 18.90
N THR C 661 22.10 22.57 19.05
CA THR C 661 20.91 22.66 19.87
C THR C 661 19.79 21.82 19.27
N ILE C 662 19.13 21.03 20.12
CA ILE C 662 18.00 20.20 19.70
C ILE C 662 16.74 21.00 20.02
N VAL C 663 16.11 21.58 18.99
CA VAL C 663 14.97 22.46 19.21
C VAL C 663 13.77 21.66 19.71
N ASP C 664 13.48 20.53 19.05
CA ASP C 664 12.33 19.69 19.40
C ASP C 664 12.82 18.28 19.67
N PRO C 665 12.93 17.87 20.95
CA PRO C 665 13.47 16.53 21.23
C PRO C 665 12.65 15.41 20.60
N GLY C 666 11.33 15.46 20.72
CA GLY C 666 10.50 14.44 20.11
C GLY C 666 10.57 14.46 18.60
N GLY C 667 10.50 15.66 18.01
CA GLY C 667 10.62 15.76 16.57
C GLY C 667 11.98 15.32 16.07
N ALA C 668 13.04 15.70 16.79
CA ALA C 668 14.39 15.26 16.41
C ALA C 668 14.51 13.75 16.47
N LEU C 669 13.99 13.14 17.54
CA LEU C 669 14.05 11.69 17.66
C LEU C 669 13.27 11.01 16.55
N ALA C 670 12.07 11.53 16.22
CA ALA C 670 11.28 10.94 15.17
C ALA C 670 11.98 11.05 13.81
N GLN C 671 12.57 12.21 13.53
CA GLN C 671 13.26 12.39 12.27
C GLN C 671 14.49 11.47 12.18
N THR C 672 15.22 11.33 13.27
CA THR C 672 16.39 10.46 13.26
C THR C 672 15.99 9.00 13.10
N GLU C 673 14.91 8.58 13.76
CA GLU C 673 14.43 7.21 13.60
C GLU C 673 14.01 6.96 12.15
N GLY C 674 13.27 7.89 11.56
CA GLY C 674 12.88 7.73 10.16
C GLY C 674 14.08 7.68 9.23
N ALA C 675 15.06 8.54 9.46
CA ALA C 675 16.25 8.56 8.60
C ALA C 675 17.06 7.28 8.74
N ALA C 676 17.21 6.78 9.98
CA ALA C 676 17.94 5.53 10.18
C ALA C 676 17.22 4.38 9.51
N LEU C 677 15.89 4.35 9.59
CA LEU C 677 15.15 3.27 8.94
C LEU C 677 15.22 3.40 7.42
N TRP C 678 15.25 4.62 6.90
CA TRP C 678 15.42 4.81 5.47
C TRP C 678 16.78 4.28 5.02
N GLY C 679 17.83 4.58 5.79
CA GLY C 679 19.15 4.06 5.47
C GLY C 679 19.21 2.54 5.55
N PHE C 680 18.56 1.96 6.56
CA PHE C 680 18.49 0.51 6.69
C PHE C 680 17.79 -0.12 5.48
N SER C 681 16.67 0.47 5.07
CA SER C 681 15.93 -0.04 3.92
C SER C 681 16.76 0.04 2.64
N MET C 682 17.44 1.17 2.43
CA MET C 682 18.27 1.29 1.23
C MET C 682 19.46 0.35 1.27
N ALA C 683 19.99 0.07 2.46
CA ALA C 683 21.17 -0.79 2.56
C ALA C 683 20.83 -2.25 2.36
N LEU C 684 19.67 -2.70 2.86
CA LEU C 684 19.37 -4.12 2.85
C LEU C 684 18.12 -4.52 2.09
N PHE C 685 17.15 -3.62 1.92
CA PHE C 685 15.86 -4.00 1.37
C PHE C 685 15.52 -3.30 0.06
N GLU C 686 15.58 -1.98 0.02
CA GLU C 686 15.15 -1.25 -1.16
C GLU C 686 16.18 -1.35 -2.28
N GLY C 687 15.78 -0.91 -3.46
CA GLY C 687 16.64 -0.96 -4.63
C GLY C 687 15.90 -1.44 -5.86
N THR C 688 16.25 -0.89 -7.02
CA THR C 688 15.56 -1.24 -8.26
C THR C 688 16.60 -1.28 -9.38
N GLU C 689 16.10 -1.31 -10.61
CA GLU C 689 16.97 -1.39 -11.78
C GLU C 689 16.33 -0.63 -12.93
N ILE C 690 17.16 -0.23 -13.89
CA ILE C 690 16.71 0.49 -15.07
C ILE C 690 16.74 -0.49 -16.25
N VAL C 691 15.58 -0.71 -16.84
CA VAL C 691 15.42 -1.60 -17.98
C VAL C 691 14.80 -0.82 -19.12
N ASN C 692 15.48 -0.80 -20.26
CA ASN C 692 14.99 -0.11 -21.46
C ASN C 692 14.73 1.37 -21.19
N GLY C 693 15.61 1.99 -20.41
CA GLY C 693 15.54 3.41 -20.16
C GLY C 693 14.53 3.85 -19.12
N THR C 694 13.84 2.90 -18.48
CA THR C 694 12.87 3.24 -17.44
C THR C 694 13.05 2.27 -16.28
N ILE C 695 12.62 2.70 -15.09
CA ILE C 695 12.75 1.88 -13.91
C ILE C 695 11.94 0.60 -14.08
N LYS C 696 12.48 -0.50 -13.56
CA LYS C 696 11.88 -1.81 -13.79
C LYS C 696 10.64 -2.04 -12.94
N ASP C 697 10.66 -1.60 -11.69
CA ASP C 697 9.54 -1.83 -10.78
C ASP C 697 8.48 -0.75 -10.96
N ARG C 698 7.22 -1.16 -10.88
CA ARG C 698 6.10 -0.24 -11.11
C ARG C 698 5.16 -0.12 -9.92
N ASN C 699 5.26 -0.98 -8.92
CA ASN C 699 4.40 -0.91 -7.74
C ASN C 699 5.03 -1.79 -6.66
N LEU C 700 4.28 -2.01 -5.58
CA LEU C 700 4.78 -2.78 -4.45
C LEU C 700 4.88 -4.28 -4.73
N ASN C 701 4.32 -4.75 -5.84
CA ASN C 701 4.41 -6.18 -6.15
C ASN C 701 5.84 -6.59 -6.46
N THR C 702 6.67 -5.65 -6.93
CA THR C 702 8.08 -5.91 -7.18
C THR C 702 9.00 -5.07 -6.31
N TYR C 703 8.66 -3.81 -6.06
CA TYR C 703 9.43 -2.98 -5.14
C TYR C 703 9.19 -3.43 -3.71
N THR C 704 10.26 -3.51 -2.92
CA THR C 704 10.21 -4.04 -1.56
C THR C 704 10.84 -3.04 -0.59
N PRO C 705 10.10 -2.00 -0.22
CA PRO C 705 10.57 -1.10 0.84
C PRO C 705 10.40 -1.75 2.21
N LEU C 706 10.99 -1.11 3.21
CA LEU C 706 10.96 -1.64 4.57
C LEU C 706 9.54 -1.65 5.12
N ARG C 707 9.19 -2.74 5.79
CA ARG C 707 7.90 -2.89 6.46
C ARG C 707 8.14 -3.06 7.95
N ILE C 708 7.03 -3.11 8.71
CA ILE C 708 7.15 -3.13 10.17
C ILE C 708 7.91 -4.32 10.72
N PRO C 709 7.76 -5.56 10.22
CA PRO C 709 8.49 -6.67 10.85
C PRO C 709 10.00 -6.57 10.71
N ASP C 710 10.50 -5.81 9.75
CA ASP C 710 11.93 -5.75 9.46
C ASP C 710 12.68 -4.72 10.31
N VAL C 711 11.98 -3.98 11.17
CA VAL C 711 12.58 -2.89 11.93
C VAL C 711 13.52 -3.47 13.00
N PRO C 712 14.79 -3.07 13.01
CA PRO C 712 15.71 -3.57 14.04
C PRO C 712 15.62 -2.80 15.34
N ASP C 713 16.50 -3.11 16.29
CA ASP C 713 16.58 -2.38 17.54
C ASP C 713 17.51 -1.19 17.35
N ILE C 714 16.98 0.01 17.54
CA ILE C 714 17.71 1.25 17.28
C ILE C 714 17.88 2.01 18.59
N ASP C 715 19.09 2.52 18.82
CA ASP C 715 19.42 3.32 19.99
C ASP C 715 20.04 4.62 19.51
N ILE C 716 19.29 5.72 19.60
CA ILE C 716 19.70 7.01 19.06
C ILE C 716 20.02 7.94 20.22
N GLU C 717 21.18 8.60 20.15
CA GLU C 717 21.62 9.53 21.17
C GLU C 717 22.06 10.83 20.52
N PHE C 718 21.73 11.95 21.15
CA PHE C 718 22.10 13.27 20.67
C PHE C 718 23.13 13.89 21.61
N ILE C 719 24.20 14.42 21.04
CA ILE C 719 25.19 15.14 21.84
C ILE C 719 24.60 16.46 22.31
N GLN C 720 24.73 16.73 23.60
CA GLN C 720 24.11 17.91 24.21
C GLN C 720 25.12 19.05 24.26
N ASN C 721 24.78 20.16 23.60
CA ASN C 721 25.58 21.37 23.65
C ASN C 721 24.68 22.55 23.30
N THR C 722 25.27 23.75 23.27
CA THR C 722 24.54 24.98 23.02
C THR C 722 24.96 25.63 21.70
N GLU C 723 25.43 24.83 20.75
CA GLU C 723 25.88 25.36 19.48
C GLU C 723 24.69 25.64 18.56
N LYS C 724 24.98 26.22 17.40
CA LYS C 724 23.93 26.53 16.44
C LYS C 724 23.32 25.24 15.90
N PRO C 725 21.99 25.12 15.87
CA PRO C 725 21.38 23.88 15.38
C PRO C 725 21.65 23.66 13.91
N THR C 726 21.75 22.39 13.54
CA THR C 726 21.91 21.97 12.15
C THR C 726 20.79 21.00 11.79
N GLY C 727 20.76 20.58 10.53
CA GLY C 727 19.68 19.74 10.06
C GLY C 727 19.71 18.36 10.67
N LEU C 728 18.53 17.73 10.72
CA LEU C 728 18.40 16.40 11.29
C LEU C 728 17.55 15.44 10.47
N GLY C 729 16.77 15.91 9.50
CA GLY C 729 15.93 14.99 8.74
C GLY C 729 16.74 14.03 7.88
N GLU C 730 17.75 14.55 7.19
CA GLU C 730 18.59 13.77 6.28
C GLU C 730 19.74 13.00 6.95
N PRO C 731 20.51 13.59 7.88
CA PRO C 731 21.81 12.99 8.25
C PRO C 731 21.73 11.56 8.76
N GLY C 732 20.61 11.13 9.34
CA GLY C 732 20.54 9.78 9.86
C GLY C 732 20.75 8.72 8.81
N VAL C 733 20.34 9.00 7.56
CA VAL C 733 20.54 8.05 6.47
C VAL C 733 22.01 7.85 6.14
N THR C 734 22.86 8.82 6.48
CA THR C 734 24.21 8.87 5.92
C THR C 734 25.05 7.67 6.34
N VAL C 735 24.96 7.25 7.60
CA VAL C 735 25.94 6.32 8.17
C VAL C 735 25.44 4.89 8.29
N VAL C 736 24.15 4.64 8.05
CA VAL C 736 23.61 3.31 8.28
C VAL C 736 24.17 2.31 7.27
N ALA C 737 24.19 2.67 5.99
CA ALA C 737 24.59 1.73 4.96
C ALA C 737 26.03 1.25 5.09
N PRO C 738 27.04 2.11 5.22
CA PRO C 738 28.42 1.58 5.33
C PRO C 738 28.65 0.74 6.58
N ALA C 739 28.13 1.19 7.73
CA ALA C 739 28.35 0.48 8.98
C ALA C 739 27.96 -0.99 8.85
N ILE C 740 26.74 -1.25 8.37
CA ILE C 740 26.28 -2.61 8.18
C ILE C 740 27.27 -3.38 7.32
N GLY C 741 27.68 -2.79 6.20
CA GLY C 741 28.66 -3.44 5.34
C GLY C 741 29.92 -3.79 6.10
N ASN C 742 30.43 -2.83 6.88
CA ASN C 742 31.62 -3.10 7.69
C ASN C 742 31.35 -4.25 8.64
N ALA C 743 30.18 -4.26 9.27
CA ALA C 743 29.84 -5.34 10.19
C ALA C 743 29.87 -6.68 9.46
N ILE C 744 29.42 -6.71 8.20
CA ILE C 744 29.46 -7.95 7.46
C ILE C 744 30.89 -8.45 7.34
N PHE C 745 31.83 -7.55 7.05
CA PHE C 745 33.22 -7.96 6.96
C PHE C 745 33.74 -8.47 8.29
N ASN C 746 33.19 -7.98 9.40
CA ASN C 746 33.60 -8.47 10.70
C ASN C 746 32.88 -9.74 11.10
N ALA C 747 31.84 -10.13 10.36
CA ALA C 747 31.09 -11.35 10.69
C ALA C 747 31.63 -12.56 9.92
N VAL C 748 31.62 -12.48 8.60
CA VAL C 748 32.02 -13.61 7.77
C VAL C 748 33.28 -13.33 6.96
N GLY C 749 33.78 -12.10 6.93
CA GLY C 749 35.02 -11.80 6.25
C GLY C 749 34.90 -11.49 4.77
N ILE C 750 33.69 -11.32 4.26
CA ILE C 750 33.48 -10.98 2.85
C ILE C 750 33.15 -9.50 2.75
N ARG C 751 33.67 -8.85 1.72
CA ARG C 751 33.48 -7.42 1.51
C ARG C 751 32.50 -7.21 0.36
N LEU C 752 31.44 -6.46 0.63
CA LEU C 752 30.43 -6.12 -0.37
C LEU C 752 30.59 -4.66 -0.76
N ARG C 753 30.67 -4.40 -2.06
CA ARG C 753 30.87 -3.05 -2.58
C ARG C 753 29.74 -2.64 -3.50
N HIS C 754 28.52 -3.10 -3.23
CA HIS C 754 27.35 -2.71 -4.01
C HIS C 754 26.16 -2.59 -3.09
N MET C 755 25.37 -1.54 -3.30
CA MET C 755 24.16 -1.28 -2.53
C MET C 755 22.94 -1.53 -3.39
N PRO C 756 21.93 -2.24 -2.89
CA PRO C 756 21.80 -2.84 -1.55
C PRO C 756 22.56 -4.15 -1.42
N MET C 757 22.79 -4.59 -0.19
CA MET C 757 23.48 -5.86 0.07
C MET C 757 22.43 -6.95 0.22
N ARG C 758 22.14 -7.62 -0.89
CA ARG C 758 21.16 -8.70 -0.90
C ARG C 758 21.79 -10.01 -0.46
N PRO C 759 20.98 -10.94 0.06
CA PRO C 759 21.53 -12.23 0.49
C PRO C 759 22.20 -13.00 -0.65
N ALA C 760 21.75 -12.81 -1.89
CA ALA C 760 22.38 -13.49 -3.01
C ALA C 760 23.83 -13.07 -3.16
N ASP C 761 24.13 -11.78 -2.95
CA ASP C 761 25.50 -11.31 -3.03
C ASP C 761 26.37 -11.93 -1.93
N VAL C 762 25.83 -12.04 -0.71
CA VAL C 762 26.58 -12.67 0.37
C VAL C 762 26.85 -14.13 0.05
N ARG C 763 25.84 -14.83 -0.48
CA ARG C 763 26.04 -16.23 -0.86
C ARG C 763 27.09 -16.36 -1.94
N ARG C 764 27.06 -15.48 -2.94
CA ARG C 764 28.06 -15.52 -4.00
C ARG C 764 29.46 -15.27 -3.46
N GLU C 765 29.61 -14.29 -2.57
CA GLU C 765 30.92 -14.01 -1.99
C GLU C 765 31.43 -15.17 -1.17
N LEU C 766 30.55 -15.79 -0.36
CA LEU C 766 30.96 -16.93 0.43
C LEU C 766 31.36 -18.12 -0.44
N GLN C 767 30.59 -18.36 -1.51
CA GLN C 767 30.93 -19.46 -2.42
C GLN C 767 32.25 -19.20 -3.12
N GLN C 768 32.51 -17.95 -3.50
CA GLN C 768 33.80 -17.62 -4.11
C GLN C 768 34.93 -17.82 -3.13
N HIS C 769 34.75 -17.38 -1.88
CA HIS C 769 35.80 -17.54 -0.88
C HIS C 769 36.06 -19.00 -0.57
N THR C 770 35.02 -19.84 -0.62
CA THR C 770 35.24 -21.28 -0.48
C THR C 770 36.09 -21.82 -1.61
N SER C 771 35.81 -21.40 -2.84
CA SER C 771 36.57 -21.79 -4.03
C SER C 771 36.70 -23.31 -4.16
#